data_5G3P
#
_entry.id   5G3P
#
_cell.length_a   143.764
_cell.length_b   150.208
_cell.length_c   98.257
_cell.angle_alpha   90.00
_cell.angle_beta   98.68
_cell.angle_gamma   90.00
#
_symmetry.space_group_name_H-M   'C 1 2 1'
#
loop_
_entity.id
_entity.type
_entity.pdbx_description
1 polymer FORMAMIDASE
2 non-polymer DI(HYDROXYETHYL)ETHER
3 non-polymer 1,2-ETHANEDIOL
4 non-polymer 'ACETATE ION'
5 non-polymer 'SODIUM ION'
6 non-polymer 'TRIETHYLENE GLYCOL'
7 non-polymer 'TETRAETHYLENE GLYCOL'
8 non-polymer 'PHOSPHATE ION'
9 water water
#
_entity_poly.entity_id   1
_entity_poly.type   'polypeptide(L)'
_entity_poly.pdbx_seq_one_letter_code
;MGSSGSMVKPISGFLTALIQYPVPVVESRADIDKQIQQIIKTIHSTKSGYPGLELIVFPEYSTQGLNTKKWTTEEFLCTV
PGPETDLFAEACKESKVYGVFSIMEKNPDGGEPYNTAVIIDPQGEMILKYRKLNPWVPVEPWKAGDLGLPVCDGPGGSKL
AVCI(SCY)HDGMFPEVAREAAYKGANVLIRISGYSTQVSEQWMLTNRSNAWQNLMYTLSVNLAGYDGVFYYFGEGQVCN
FDGTTLVQGHRNPWEIVTAEVYPELADQARLGWGLENNIYNLGSRGYVATPGGVKENPYTFVKDLAEGKYKVPWEDEIKV
KDGSIYGYPVKKTIHSWFRVDPLEHHHHHH
;
_entity_poly.pdbx_strand_id   A,B,C,D,E,F
#
loop_
_chem_comp.id
_chem_comp.type
_chem_comp.name
_chem_comp.formula
ACT non-polymer 'ACETATE ION' 'C2 H3 O2 -1'
EDO non-polymer 1,2-ETHANEDIOL 'C2 H6 O2'
NA non-polymer 'SODIUM ION' 'Na 1'
PEG non-polymer DI(HYDROXYETHYL)ETHER 'C4 H10 O3'
PG4 non-polymer 'TETRAETHYLENE GLYCOL' 'C8 H18 O5'
PGE non-polymer 'TRIETHYLENE GLYCOL' 'C6 H14 O4'
PO4 non-polymer 'PHOSPHATE ION' 'O4 P -3'
#
# COMPACT_ATOMS: atom_id res chain seq x y z
N GLY A 2 14.85 7.04 -13.98
CA GLY A 2 13.91 6.61 -15.10
C GLY A 2 12.55 7.28 -15.06
N SER A 3 11.65 6.81 -15.92
CA SER A 3 10.24 7.28 -15.91
C SER A 3 9.34 6.26 -16.59
N SER A 4 8.03 6.40 -16.34
CA SER A 4 7.06 5.55 -16.99
C SER A 4 7.05 5.79 -18.51
N GLY A 5 7.57 6.95 -18.93
CA GLY A 5 7.90 7.21 -20.33
C GLY A 5 6.73 7.40 -21.29
N SER A 6 7.12 7.53 -22.56
CA SER A 6 6.20 7.74 -23.65
C SER A 6 6.43 6.59 -24.67
N MET A 7 6.44 6.90 -25.96
CA MET A 7 6.74 5.90 -27.02
C MET A 7 7.92 6.38 -27.92
N VAL A 8 8.77 7.27 -27.37
CA VAL A 8 9.89 7.90 -28.09
C VAL A 8 11.22 7.46 -27.49
N LYS A 9 12.28 7.60 -28.28
CA LYS A 9 13.65 7.46 -27.78
C LYS A 9 13.93 8.73 -26.94
N PRO A 10 14.15 8.57 -25.62
CA PRO A 10 14.41 9.77 -24.82
C PRO A 10 15.77 10.40 -25.15
N ILE A 11 15.90 11.71 -24.88
CA ILE A 11 17.16 12.44 -25.16
C ILE A 11 18.34 11.86 -24.35
N SER A 12 18.09 11.39 -23.11
N SER A 12 18.06 11.44 -23.13
CA SER A 12 19.15 10.76 -22.22
CA SER A 12 19.02 10.76 -22.31
C SER A 12 19.21 9.24 -21.80
C SER A 12 18.35 9.38 -22.23
N GLY A 13 18.99 8.34 -22.72
CA GLY A 13 18.65 7.00 -22.28
C GLY A 13 17.92 6.26 -23.36
N PHE A 14 17.12 5.29 -22.95
CA PHE A 14 16.44 4.47 -23.89
C PHE A 14 15.10 4.00 -23.36
N LEU A 15 14.26 3.58 -24.31
CA LEU A 15 12.95 2.99 -24.02
C LEU A 15 13.01 1.48 -24.12
N THR A 16 12.48 0.81 -23.10
CA THR A 16 12.41 -0.64 -23.04
C THR A 16 10.98 -1.14 -22.97
N ALA A 17 10.74 -2.32 -23.54
CA ALA A 17 9.46 -3.05 -23.42
C ALA A 17 9.74 -4.45 -22.88
N LEU A 18 9.08 -4.79 -21.78
CA LEU A 18 9.23 -6.08 -21.13
C LEU A 18 7.95 -6.82 -21.43
N ILE A 19 8.05 -7.99 -22.02
CA ILE A 19 6.89 -8.75 -22.49
C ILE A 19 6.54 -9.85 -21.49
N GLN A 20 5.34 -9.79 -20.89
CA GLN A 20 4.85 -10.88 -20.04
C GLN A 20 4.27 -11.97 -20.95
N TYR A 21 5.19 -12.65 -21.62
CA TYR A 21 4.86 -13.57 -22.67
C TYR A 21 4.06 -14.74 -22.10
N PRO A 22 3.00 -15.20 -22.79
CA PRO A 22 2.24 -16.35 -22.26
C PRO A 22 3.12 -17.59 -22.17
N VAL A 23 3.03 -18.28 -21.04
CA VAL A 23 3.81 -19.49 -20.88
C VAL A 23 3.43 -20.48 -22.03
N PRO A 24 4.40 -20.94 -22.81
CA PRO A 24 4.07 -21.89 -23.88
C PRO A 24 3.80 -23.28 -23.33
N VAL A 25 2.87 -23.98 -23.94
CA VAL A 25 2.71 -25.41 -23.71
C VAL A 25 3.29 -26.04 -24.98
N VAL A 26 4.41 -26.74 -24.83
CA VAL A 26 5.21 -27.21 -25.95
C VAL A 26 5.30 -28.73 -25.95
N GLU A 27 4.80 -29.37 -27.00
CA GLU A 27 4.79 -30.82 -27.11
C GLU A 27 5.76 -31.38 -28.12
N SER A 28 6.34 -30.52 -28.95
CA SER A 28 7.15 -30.99 -30.07
C SER A 28 7.96 -29.84 -30.61
N ARG A 29 8.86 -30.16 -31.53
CA ARG A 29 9.63 -29.15 -32.21
C ARG A 29 8.74 -28.16 -32.98
N ALA A 30 7.65 -28.67 -33.59
CA ALA A 30 6.71 -27.81 -34.31
C ALA A 30 6.20 -26.68 -33.38
N ASP A 31 5.95 -27.01 -32.12
CA ASP A 31 5.51 -26.01 -31.13
C ASP A 31 6.60 -24.97 -30.83
N ILE A 32 7.87 -25.40 -30.81
CA ILE A 32 9.00 -24.49 -30.65
C ILE A 32 9.06 -23.54 -31.84
N ASP A 33 8.91 -24.07 -33.05
CA ASP A 33 8.85 -23.21 -34.23
C ASP A 33 7.70 -22.17 -34.15
N LYS A 34 6.53 -22.58 -33.66
N LYS A 34 6.54 -22.58 -33.66
CA LYS A 34 5.40 -21.65 -33.42
CA LYS A 34 5.44 -21.64 -33.42
C LYS A 34 5.79 -20.54 -32.45
C LYS A 34 5.79 -20.54 -32.45
N GLN A 35 6.46 -20.88 -31.36
CA GLN A 35 6.85 -19.85 -30.38
C GLN A 35 7.83 -18.90 -31.01
N ILE A 36 8.77 -19.42 -31.80
CA ILE A 36 9.74 -18.56 -32.48
C ILE A 36 9.02 -17.54 -33.40
N GLN A 37 8.06 -18.01 -34.18
CA GLN A 37 7.26 -17.14 -35.03
C GLN A 37 6.51 -16.09 -34.21
N GLN A 38 5.95 -16.50 -33.09
CA GLN A 38 5.16 -15.59 -32.25
C GLN A 38 6.03 -14.52 -31.58
N ILE A 39 7.19 -14.92 -31.08
CA ILE A 39 8.19 -13.99 -30.54
C ILE A 39 8.58 -12.94 -31.61
N ILE A 40 8.85 -13.41 -32.83
CA ILE A 40 9.24 -12.53 -33.91
C ILE A 40 8.10 -11.53 -34.27
N LYS A 41 6.89 -12.06 -34.37
CA LYS A 41 5.71 -11.24 -34.57
C LYS A 41 5.61 -10.14 -33.49
N THR A 42 5.87 -10.51 -32.25
CA THR A 42 5.84 -9.59 -31.12
C THR A 42 6.91 -8.51 -31.21
N ILE A 43 8.10 -8.84 -31.69
CA ILE A 43 9.13 -7.84 -31.90
C ILE A 43 8.62 -6.74 -32.86
N HIS A 44 8.09 -7.15 -34.00
CA HIS A 44 7.63 -6.19 -35.02
C HIS A 44 6.40 -5.38 -34.54
N SER A 45 5.44 -6.06 -33.92
CA SER A 45 4.24 -5.40 -33.44
C SER A 45 4.57 -4.41 -32.31
N THR A 46 5.46 -4.79 -31.41
CA THR A 46 5.79 -3.90 -30.28
C THR A 46 6.53 -2.65 -30.79
N LYS A 47 7.43 -2.83 -31.75
CA LYS A 47 8.12 -1.71 -32.38
C LYS A 47 7.13 -0.78 -33.08
N SER A 48 6.08 -1.33 -33.70
CA SER A 48 5.10 -0.49 -34.40
CA SER A 48 5.08 -0.52 -34.41
C SER A 48 4.30 0.32 -33.39
N GLY A 49 4.02 -0.26 -32.24
CA GLY A 49 3.33 0.45 -31.20
C GLY A 49 4.16 1.48 -30.47
N TYR A 50 5.47 1.23 -30.35
CA TYR A 50 6.39 2.08 -29.61
C TYR A 50 7.58 2.41 -30.52
N PRO A 51 7.44 3.41 -31.39
CA PRO A 51 8.49 3.65 -32.39
C PRO A 51 9.88 3.98 -31.87
N GLY A 52 9.98 4.54 -30.65
CA GLY A 52 11.29 4.79 -30.04
C GLY A 52 11.95 3.61 -29.34
N LEU A 53 11.29 2.45 -29.32
CA LEU A 53 11.76 1.27 -28.62
C LEU A 53 13.18 0.89 -29.06
N GLU A 54 14.06 0.64 -28.09
CA GLU A 54 15.39 0.11 -28.35
C GLU A 54 15.73 -1.22 -27.68
N LEU A 55 15.00 -1.65 -26.66
CA LEU A 55 15.30 -2.90 -25.96
C LEU A 55 14.02 -3.65 -25.65
N ILE A 56 13.86 -4.82 -26.26
CA ILE A 56 12.71 -5.67 -26.00
C ILE A 56 13.19 -6.92 -25.29
N VAL A 57 12.48 -7.32 -24.25
CA VAL A 57 12.91 -8.41 -23.36
C VAL A 57 11.85 -9.50 -23.29
N PHE A 58 12.23 -10.71 -23.66
CA PHE A 58 11.35 -11.87 -23.51
C PHE A 58 11.76 -12.73 -22.31
N PRO A 59 10.79 -13.42 -21.71
CA PRO A 59 11.14 -14.22 -20.53
C PRO A 59 11.87 -15.52 -20.82
N GLU A 60 12.42 -16.08 -19.74
CA GLU A 60 12.97 -17.44 -19.75
C GLU A 60 11.86 -18.42 -20.21
N TYR A 61 12.27 -19.38 -21.01
CA TYR A 61 11.40 -20.42 -21.55
C TYR A 61 10.37 -19.94 -22.56
N SER A 62 10.48 -18.71 -23.05
CA SER A 62 9.54 -18.19 -24.05
C SER A 62 9.65 -18.97 -25.37
N THR A 63 10.83 -19.50 -25.69
CA THR A 63 11.05 -20.27 -26.91
C THR A 63 10.59 -21.72 -26.83
N GLN A 64 10.88 -22.37 -25.70
CA GLN A 64 10.72 -23.82 -25.58
C GLN A 64 9.76 -24.33 -24.50
N GLY A 65 9.23 -23.45 -23.64
CA GLY A 65 8.31 -23.88 -22.59
C GLY A 65 9.02 -24.64 -21.50
N LEU A 66 8.21 -25.28 -20.63
CA LEU A 66 8.69 -26.08 -19.51
C LEU A 66 8.06 -27.47 -19.51
N ASN A 67 8.21 -28.16 -20.63
CA ASN A 67 7.72 -29.51 -20.69
C ASN A 67 8.77 -30.37 -19.99
N THR A 68 8.54 -30.64 -18.70
CA THR A 68 9.57 -31.28 -17.88
C THR A 68 9.81 -32.73 -18.26
N LYS A 69 8.92 -33.32 -19.05
CA LYS A 69 9.13 -34.67 -19.57
C LYS A 69 9.92 -34.75 -20.88
N LYS A 70 10.12 -33.62 -21.58
CA LYS A 70 10.82 -33.59 -22.86
C LYS A 70 11.92 -32.53 -22.99
N TRP A 71 12.09 -31.68 -21.98
CA TRP A 71 12.94 -30.49 -22.13
C TRP A 71 14.43 -30.70 -22.31
N THR A 72 14.95 -31.89 -21.99
CA THR A 72 16.35 -32.23 -22.28
C THR A 72 16.49 -33.23 -23.44
N THR A 73 15.42 -33.56 -24.16
CA THR A 73 15.54 -34.38 -25.36
C THR A 73 16.14 -33.54 -26.48
N GLU A 74 16.79 -34.20 -27.42
CA GLU A 74 17.45 -33.49 -28.53
C GLU A 74 16.47 -32.65 -29.30
N GLU A 75 15.26 -33.17 -29.51
CA GLU A 75 14.19 -32.46 -30.20
C GLU A 75 13.89 -31.07 -29.59
N PHE A 76 14.07 -30.92 -28.27
CA PHE A 76 13.72 -29.70 -27.53
C PHE A 76 14.88 -28.75 -27.29
N LEU A 77 16.10 -29.12 -27.72
CA LEU A 77 17.30 -28.30 -27.49
C LEU A 77 17.77 -27.66 -28.80
N CYS A 78 18.54 -26.59 -28.66
CA CYS A 78 19.10 -25.85 -29.81
C CYS A 78 20.57 -25.54 -29.58
N THR A 79 21.29 -25.25 -30.66
CA THR A 79 22.64 -24.68 -30.52
C THR A 79 22.52 -23.16 -30.38
N VAL A 80 23.49 -22.55 -29.72
CA VAL A 80 23.53 -21.09 -29.54
C VAL A 80 24.93 -20.63 -29.89
N PRO A 81 25.09 -19.89 -31.00
CA PRO A 81 24.07 -19.52 -32.00
C PRO A 81 23.59 -20.70 -32.80
N GLY A 82 22.44 -20.54 -33.44
CA GLY A 82 21.88 -21.58 -34.31
C GLY A 82 20.82 -20.96 -35.19
N PRO A 83 20.09 -21.77 -35.97
CA PRO A 83 19.04 -21.24 -36.85
C PRO A 83 18.00 -20.41 -36.12
N GLU A 84 17.70 -20.78 -34.89
CA GLU A 84 16.67 -20.11 -34.10
C GLU A 84 17.13 -18.71 -33.69
N THR A 85 18.34 -18.61 -33.14
CA THR A 85 18.88 -17.27 -32.82
C THR A 85 19.10 -16.44 -34.08
N ASP A 86 19.39 -17.09 -35.21
CA ASP A 86 19.49 -16.38 -36.49
C ASP A 86 18.16 -15.73 -36.89
N LEU A 87 17.04 -16.41 -36.66
CA LEU A 87 15.73 -15.83 -36.93
C LEU A 87 15.43 -14.65 -35.98
N PHE A 88 15.73 -14.81 -34.71
CA PHE A 88 15.60 -13.69 -33.76
C PHE A 88 16.45 -12.51 -34.21
N ALA A 89 17.66 -12.81 -34.67
CA ALA A 89 18.60 -11.77 -35.07
C ALA A 89 18.11 -10.99 -36.27
N GLU A 90 17.56 -11.70 -37.26
CA GLU A 90 17.00 -11.05 -38.42
C GLU A 90 15.85 -10.12 -38.02
N ALA A 91 15.02 -10.54 -37.07
CA ALA A 91 13.92 -9.71 -36.59
C ALA A 91 14.42 -8.46 -35.83
N CYS A 92 15.45 -8.62 -35.00
CA CYS A 92 16.07 -7.45 -34.33
C CYS A 92 16.66 -6.46 -35.36
N LYS A 93 17.27 -7.00 -36.42
CA LYS A 93 17.83 -6.17 -37.47
C LYS A 93 16.73 -5.39 -38.21
N GLU A 94 15.67 -6.09 -38.59
CA GLU A 94 14.56 -5.47 -39.32
C GLU A 94 13.84 -4.39 -38.51
N SER A 95 13.59 -4.66 -37.23
CA SER A 95 12.95 -3.67 -36.36
C SER A 95 13.93 -2.67 -35.71
N LYS A 96 15.24 -2.87 -35.89
CA LYS A 96 16.28 -2.02 -35.31
C LYS A 96 16.17 -1.92 -33.77
N VAL A 97 16.11 -3.07 -33.12
CA VAL A 97 16.07 -3.12 -31.66
C VAL A 97 17.08 -4.10 -31.14
N TYR A 98 17.47 -3.88 -29.88
CA TYR A 98 18.14 -4.89 -29.09
C TYR A 98 17.06 -5.85 -28.57
N GLY A 99 17.32 -7.15 -28.63
CA GLY A 99 16.43 -8.14 -28.09
C GLY A 99 17.11 -9.11 -27.15
N VAL A 100 16.35 -9.60 -26.16
CA VAL A 100 16.83 -10.55 -25.18
C VAL A 100 15.96 -11.80 -25.30
N PHE A 101 16.60 -12.94 -25.49
CA PHE A 101 15.93 -14.21 -25.77
C PHE A 101 16.46 -15.33 -24.89
N SER A 102 15.64 -16.36 -24.73
CA SER A 102 15.92 -17.52 -23.92
C SER A 102 16.01 -18.77 -24.80
N ILE A 103 17.10 -19.54 -24.70
CA ILE A 103 17.25 -20.80 -25.45
C ILE A 103 17.85 -21.88 -24.53
N MET A 104 17.17 -23.02 -24.43
CA MET A 104 17.73 -24.18 -23.76
C MET A 104 18.69 -24.81 -24.81
N GLU A 105 19.94 -24.93 -24.38
CA GLU A 105 21.10 -25.09 -25.26
C GLU A 105 21.72 -26.47 -25.14
N LYS A 106 21.78 -27.19 -26.25
CA LYS A 106 22.54 -28.43 -26.30
C LYS A 106 24.00 -28.18 -25.87
N ASN A 107 24.53 -29.02 -24.99
CA ASN A 107 25.90 -28.87 -24.55
C ASN A 107 26.84 -29.29 -25.69
N PRO A 108 27.67 -28.38 -26.22
CA PRO A 108 28.62 -28.78 -27.28
C PRO A 108 29.60 -29.93 -26.96
N ASP A 109 29.90 -30.22 -25.68
CA ASP A 109 30.73 -31.41 -25.35
C ASP A 109 29.96 -32.71 -25.09
N GLY A 110 28.64 -32.71 -25.24
CA GLY A 110 27.86 -33.92 -25.07
C GLY A 110 27.36 -34.16 -23.67
N GLY A 111 27.71 -33.27 -22.73
CA GLY A 111 27.18 -33.34 -21.38
C GLY A 111 25.77 -32.77 -21.23
N GLU A 112 25.41 -32.38 -20.01
CA GLU A 112 24.06 -31.92 -19.71
C GLU A 112 23.83 -30.53 -20.32
N PRO A 113 22.60 -30.25 -20.79
CA PRO A 113 22.33 -29.00 -21.46
C PRO A 113 22.31 -27.78 -20.52
N TYR A 114 22.46 -26.60 -21.12
CA TYR A 114 22.46 -25.32 -20.42
C TYR A 114 21.17 -24.57 -20.65
N ASN A 115 20.88 -23.65 -19.73
CA ASN A 115 19.76 -22.73 -19.84
C ASN A 115 20.40 -21.39 -20.16
N THR A 116 20.15 -20.89 -21.39
CA THR A 116 20.95 -19.82 -21.97
C THR A 116 20.10 -18.59 -22.32
N ALA A 117 20.69 -17.41 -22.15
CA ALA A 117 20.11 -16.13 -22.58
C ALA A 117 21.09 -15.42 -23.48
N VAL A 118 20.57 -14.72 -24.48
CA VAL A 118 21.38 -13.99 -25.42
C VAL A 118 20.82 -12.59 -25.60
N ILE A 119 21.71 -11.65 -25.91
CA ILE A 119 21.31 -10.34 -26.37
C ILE A 119 21.80 -10.18 -27.80
N ILE A 120 20.91 -9.72 -28.66
CA ILE A 120 21.20 -9.43 -30.05
C ILE A 120 20.96 -7.95 -30.28
N ASP A 121 21.86 -7.31 -31.02
CA ASP A 121 21.82 -5.88 -31.24
C ASP A 121 21.01 -5.50 -32.49
N PRO A 122 20.81 -4.19 -32.74
CA PRO A 122 20.00 -3.77 -33.91
C PRO A 122 20.60 -4.07 -35.28
N GLN A 123 21.85 -4.51 -35.32
CA GLN A 123 22.48 -4.97 -36.55
C GLN A 123 22.37 -6.50 -36.70
N GLY A 124 21.70 -7.16 -35.77
CA GLY A 124 21.53 -8.61 -35.80
C GLY A 124 22.72 -9.40 -35.30
N GLU A 125 23.61 -8.77 -34.54
CA GLU A 125 24.81 -9.42 -34.01
CA GLU A 125 24.80 -9.43 -34.01
C GLU A 125 24.54 -9.87 -32.58
N MET A 126 24.91 -11.11 -32.27
CA MET A 126 24.83 -11.59 -30.90
C MET A 126 25.98 -10.97 -30.09
N ILE A 127 25.66 -10.12 -29.13
CA ILE A 127 26.66 -9.41 -28.35
C ILE A 127 26.82 -9.89 -26.92
N LEU A 128 25.94 -10.82 -26.50
CA LEU A 128 26.04 -11.40 -25.16
C LEU A 128 25.45 -12.79 -25.16
N LYS A 129 26.17 -13.73 -24.53
CA LYS A 129 25.70 -15.09 -24.31
C LYS A 129 25.98 -15.50 -22.89
N TYR A 130 24.95 -15.91 -22.18
CA TYR A 130 25.02 -16.19 -20.75
C TYR A 130 24.34 -17.51 -20.44
N ARG A 131 25.03 -18.37 -19.66
CA ARG A 131 24.45 -19.67 -19.22
C ARG A 131 24.09 -19.59 -17.74
N LYS A 132 22.81 -19.86 -17.44
CA LYS A 132 22.25 -19.74 -16.09
C LYS A 132 23.17 -20.35 -15.04
N LEU A 133 23.69 -19.48 -14.17
CA LEU A 133 24.62 -19.92 -13.13
C LEU A 133 23.97 -20.76 -12.05
N ASN A 134 22.72 -20.45 -11.74
CA ASN A 134 21.98 -21.06 -10.61
C ASN A 134 20.68 -21.73 -11.06
N PRO A 135 20.77 -22.87 -11.73
CA PRO A 135 19.52 -23.61 -12.02
C PRO A 135 18.57 -23.75 -10.79
N TRP A 136 17.27 -23.75 -11.06
CA TRP A 136 16.23 -23.82 -10.05
C TRP A 136 16.04 -25.25 -9.61
N VAL A 137 16.94 -25.68 -8.74
CA VAL A 137 16.98 -27.05 -8.26
C VAL A 137 15.99 -27.21 -7.10
N PRO A 138 15.34 -28.38 -6.97
CA PRO A 138 15.55 -29.66 -7.69
C PRO A 138 14.70 -29.90 -8.94
N VAL A 139 13.93 -28.90 -9.38
CA VAL A 139 13.04 -29.08 -10.53
C VAL A 139 13.80 -29.02 -11.87
N GLU A 140 14.87 -28.23 -11.94
CA GLU A 140 15.57 -27.99 -13.19
C GLU A 140 16.79 -28.87 -13.40
N PRO A 141 16.95 -29.42 -14.61
CA PRO A 141 18.06 -30.33 -14.90
C PRO A 141 19.29 -29.67 -15.51
N TRP A 142 19.27 -28.37 -15.67
CA TRP A 142 20.32 -27.66 -16.41
C TRP A 142 21.70 -27.70 -15.69
N LYS A 143 22.75 -27.80 -16.51
CA LYS A 143 24.11 -27.72 -16.03
C LYS A 143 24.36 -26.30 -15.51
N ALA A 144 25.03 -26.20 -14.36
CA ALA A 144 25.43 -24.89 -13.84
C ALA A 144 26.28 -24.16 -14.91
N GLY A 145 25.93 -22.91 -15.16
CA GLY A 145 26.64 -22.13 -16.17
C GLY A 145 28.14 -21.96 -15.93
N ASP A 146 28.89 -21.89 -17.04
CA ASP A 146 30.34 -21.86 -17.03
C ASP A 146 30.93 -20.64 -17.75
N LEU A 147 30.13 -19.65 -18.09
CA LEU A 147 30.62 -18.45 -18.81
C LEU A 147 30.72 -17.20 -17.91
N GLY A 148 30.62 -17.38 -16.60
CA GLY A 148 30.52 -16.24 -15.69
C GLY A 148 29.27 -15.43 -16.00
N LEU A 149 29.33 -14.15 -15.66
CA LEU A 149 28.26 -13.21 -15.88
C LEU A 149 28.80 -12.10 -16.77
N PRO A 150 28.56 -12.22 -18.09
CA PRO A 150 29.12 -11.21 -19.00
C PRO A 150 28.34 -9.91 -19.01
N VAL A 151 28.96 -8.89 -19.60
N VAL A 151 28.95 -8.90 -19.61
CA VAL A 151 28.33 -7.59 -19.80
CA VAL A 151 28.34 -7.60 -19.78
C VAL A 151 28.52 -7.19 -21.25
C VAL A 151 28.54 -7.17 -21.24
N CYS A 152 27.65 -6.34 -21.78
CA CYS A 152 27.85 -5.79 -23.13
C CYS A 152 27.38 -4.34 -23.17
N ASP A 153 27.75 -3.64 -24.25
CA ASP A 153 27.22 -2.29 -24.52
C ASP A 153 25.81 -2.37 -25.08
N GLY A 154 24.92 -1.54 -24.54
CA GLY A 154 23.55 -1.51 -24.99
C GLY A 154 23.15 -0.14 -25.52
N PRO A 155 21.85 0.11 -25.67
CA PRO A 155 21.40 1.40 -26.14
C PRO A 155 21.48 2.47 -25.03
N GLY A 156 21.51 3.73 -25.45
CA GLY A 156 21.42 4.87 -24.54
C GLY A 156 22.49 4.95 -23.49
N GLY A 157 23.70 4.54 -23.85
CA GLY A 157 24.82 4.50 -22.90
C GLY A 157 24.76 3.39 -21.83
N SER A 158 23.90 2.39 -22.04
CA SER A 158 23.79 1.31 -21.07
C SER A 158 24.97 0.33 -21.20
N LYS A 159 25.28 -0.29 -20.06
CA LYS A 159 26.09 -1.50 -20.00
C LYS A 159 25.17 -2.54 -19.43
N LEU A 160 24.81 -3.52 -20.27
CA LEU A 160 23.79 -4.54 -19.94
C LEU A 160 24.40 -5.82 -19.41
N ALA A 161 23.76 -6.42 -18.40
CA ALA A 161 23.98 -7.81 -18.04
C ALA A 161 22.64 -8.48 -18.02
N VAL A 162 22.63 -9.78 -18.29
CA VAL A 162 21.44 -10.61 -18.13
CA VAL A 162 21.42 -10.58 -18.12
C VAL A 162 21.64 -11.66 -17.07
N CYS A 163 20.60 -11.91 -16.30
CA CYS A 163 20.55 -13.07 -15.44
C CYS A 163 19.22 -13.73 -15.63
N ILE A 164 19.12 -14.96 -15.15
CA ILE A 164 17.93 -15.80 -15.43
C ILE A 164 17.25 -16.31 -14.17
N SCY A 165 15.99 -15.96 -13.99
CA SCY A 165 15.13 -16.43 -12.89
CB SCY A 165 14.55 -17.71 -13.51
SG SCY A 165 13.19 -18.34 -12.65
CD SCY A 165 13.64 -19.90 -12.64
OCD SCY A 165 14.59 -20.25 -12.04
CE SCY A 165 12.87 -20.84 -13.50
C SCY A 165 15.71 -16.56 -11.48
O SCY A 165 15.89 -15.47 -10.90
N HIS A 166 15.92 -17.81 -10.99
CA HIS A 166 16.57 -18.08 -9.72
C HIS A 166 17.83 -17.25 -9.49
N ASP A 167 18.60 -16.96 -10.55
CA ASP A 167 19.83 -16.16 -10.41
C ASP A 167 19.60 -14.90 -9.60
N GLY A 168 18.48 -14.24 -9.87
CA GLY A 168 18.21 -12.94 -9.23
C GLY A 168 17.88 -12.99 -7.76
N MET A 169 17.79 -14.20 -7.17
CA MET A 169 17.63 -14.35 -5.73
C MET A 169 18.93 -14.32 -4.96
N PHE A 170 20.04 -14.40 -5.70
CA PHE A 170 21.37 -14.35 -5.16
C PHE A 170 21.90 -12.96 -5.33
N PRO A 171 22.12 -12.24 -4.22
CA PRO A 171 22.63 -10.87 -4.34
C PRO A 171 24.03 -10.86 -4.97
N GLU A 172 24.72 -11.98 -4.91
CA GLU A 172 26.03 -12.14 -5.57
C GLU A 172 25.95 -11.97 -7.10
N VAL A 173 24.83 -12.37 -7.69
CA VAL A 173 24.63 -12.19 -9.15
C VAL A 173 24.55 -10.72 -9.53
N ALA A 174 23.68 -9.97 -8.86
CA ALA A 174 23.54 -8.54 -9.14
C ALA A 174 24.84 -7.81 -8.86
N ARG A 175 25.51 -8.17 -7.75
CA ARG A 175 26.78 -7.55 -7.40
C ARG A 175 27.84 -7.78 -8.48
N GLU A 176 27.92 -9.01 -8.96
CA GLU A 176 28.84 -9.34 -10.01
C GLU A 176 28.58 -8.55 -11.29
N ALA A 177 27.32 -8.46 -11.68
CA ALA A 177 26.93 -7.68 -12.88
C ALA A 177 27.47 -6.24 -12.76
N ALA A 178 27.17 -5.61 -11.62
CA ALA A 178 27.65 -4.25 -11.34
C ALA A 178 29.16 -4.15 -11.34
N TYR A 179 29.81 -5.11 -10.68
CA TYR A 179 31.27 -5.15 -10.62
C TYR A 179 31.93 -5.27 -12.00
N LYS A 180 31.29 -5.98 -12.91
CA LYS A 180 31.76 -6.08 -14.28
C LYS A 180 31.44 -4.84 -15.11
N GLY A 181 30.71 -3.88 -14.55
CA GLY A 181 30.40 -2.61 -15.22
C GLY A 181 28.94 -2.35 -15.58
N ALA A 182 28.06 -3.33 -15.38
CA ALA A 182 26.66 -3.17 -15.79
C ALA A 182 25.99 -2.06 -15.01
N ASN A 183 25.28 -1.20 -15.73
CA ASN A 183 24.40 -0.21 -15.07
C ASN A 183 22.91 -0.57 -15.23
N VAL A 184 22.65 -1.64 -15.98
CA VAL A 184 21.30 -2.16 -16.17
C VAL A 184 21.40 -3.68 -16.10
N LEU A 185 20.69 -4.29 -15.14
CA LEU A 185 20.60 -5.73 -15.03
C LEU A 185 19.23 -6.18 -15.53
N ILE A 186 19.24 -7.08 -16.51
CA ILE A 186 18.03 -7.64 -17.08
C ILE A 186 17.82 -9.03 -16.47
N ARG A 187 16.65 -9.30 -15.94
CA ARG A 187 16.32 -10.61 -15.36
C ARG A 187 15.14 -11.20 -16.14
N ILE A 188 15.39 -12.29 -16.85
CA ILE A 188 14.35 -12.99 -17.62
C ILE A 188 13.98 -14.26 -16.87
N SER A 189 12.69 -14.57 -16.78
CA SER A 189 12.26 -15.50 -15.76
C SER A 189 11.04 -16.34 -16.11
N GLY A 190 11.00 -17.54 -15.57
CA GLY A 190 9.90 -18.50 -15.75
C GLY A 190 9.49 -19.11 -14.44
N TYR A 191 9.30 -18.27 -13.43
CA TYR A 191 8.87 -18.67 -12.11
C TYR A 191 7.39 -18.91 -11.99
N SER A 192 7.05 -19.85 -11.13
CA SER A 192 5.70 -20.00 -10.65
C SER A 192 5.36 -18.96 -9.58
N THR A 193 4.09 -18.95 -9.17
CA THR A 193 3.61 -18.03 -8.14
C THR A 193 4.24 -18.14 -6.73
N GLN A 194 4.98 -19.22 -6.47
CA GLN A 194 5.61 -19.45 -5.17
C GLN A 194 6.43 -18.24 -4.67
N VAL A 195 7.06 -17.52 -5.59
CA VAL A 195 7.94 -16.41 -5.23
C VAL A 195 7.51 -15.04 -5.72
N SER A 196 6.21 -14.85 -5.98
N SER A 196 6.21 -14.84 -5.97
CA SER A 196 5.72 -13.57 -6.51
CA SER A 196 5.75 -13.53 -6.49
C SER A 196 6.18 -12.34 -5.69
C SER A 196 6.21 -12.33 -5.68
N GLU A 197 6.12 -12.41 -4.36
CA GLU A 197 6.55 -11.27 -3.52
C GLU A 197 8.05 -11.10 -3.52
N GLN A 198 8.77 -12.20 -3.46
CA GLN A 198 10.21 -12.18 -3.38
C GLN A 198 10.85 -11.74 -4.68
N TRP A 199 10.16 -11.97 -5.80
CA TRP A 199 10.53 -11.41 -7.12
C TRP A 199 10.60 -9.88 -7.07
N MET A 200 9.54 -9.23 -6.63
CA MET A 200 9.52 -7.77 -6.57
C MET A 200 10.54 -7.22 -5.58
N LEU A 201 10.69 -7.92 -4.45
CA LEU A 201 11.60 -7.51 -3.41
C LEU A 201 13.05 -7.54 -3.91
N THR A 202 13.45 -8.63 -4.54
CA THR A 202 14.84 -8.78 -4.98
C THR A 202 15.12 -7.88 -6.17
N ASN A 203 14.12 -7.60 -7.01
CA ASN A 203 14.36 -6.67 -8.14
C ASN A 203 14.70 -5.28 -7.61
N ARG A 204 14.06 -4.89 -6.51
CA ARG A 204 14.39 -3.62 -5.84
C ARG A 204 15.74 -3.65 -5.12
N SER A 205 16.05 -4.72 -4.38
CA SER A 205 17.29 -4.77 -3.62
C SER A 205 18.49 -4.92 -4.55
N ASN A 206 18.34 -5.69 -5.63
CA ASN A 206 19.41 -5.86 -6.62
C ASN A 206 19.81 -4.51 -7.26
N ALA A 207 18.82 -3.64 -7.42
CA ALA A 207 19.03 -2.31 -7.95
C ALA A 207 19.73 -1.39 -6.92
N TRP A 208 19.12 -1.25 -5.76
CA TRP A 208 19.63 -0.34 -4.70
C TRP A 208 21.07 -0.67 -4.28
N GLN A 209 21.34 -1.95 -4.02
CA GLN A 209 22.63 -2.36 -3.49
C GLN A 209 23.80 -2.05 -4.40
N ASN A 210 23.52 -1.93 -5.71
CA ASN A 210 24.51 -1.75 -6.75
C ASN A 210 24.43 -0.46 -7.56
N LEU A 211 23.52 0.45 -7.17
CA LEU A 211 23.27 1.69 -7.93
C LEU A 211 23.11 1.35 -9.42
N MET A 212 22.15 0.47 -9.65
CA MET A 212 21.95 -0.15 -10.95
C MET A 212 20.46 -0.21 -11.25
N TYR A 213 20.06 0.09 -12.48
CA TYR A 213 18.70 -0.20 -12.87
C TYR A 213 18.44 -1.70 -12.97
N THR A 214 17.23 -2.13 -12.62
CA THR A 214 16.82 -3.49 -12.93
C THR A 214 15.60 -3.51 -13.83
N LEU A 215 15.65 -4.37 -14.86
CA LEU A 215 14.55 -4.61 -15.77
C LEU A 215 14.28 -6.10 -15.72
N SER A 216 13.08 -6.48 -15.31
CA SER A 216 12.82 -7.88 -14.97
C SER A 216 11.43 -8.29 -15.48
N VAL A 217 11.32 -9.47 -16.07
CA VAL A 217 10.02 -9.95 -16.56
C VAL A 217 9.93 -11.47 -16.55
N ASN A 218 8.75 -11.97 -16.17
CA ASN A 218 8.47 -13.37 -16.07
C ASN A 218 7.38 -13.72 -17.07
N LEU A 219 7.32 -14.98 -17.44
CA LEU A 219 6.21 -15.54 -18.19
C LEU A 219 4.92 -15.32 -17.36
N ALA A 220 3.79 -15.31 -18.06
CA ALA A 220 2.50 -15.21 -17.41
C ALA A 220 1.51 -16.24 -17.92
N GLY A 221 0.62 -16.69 -17.04
CA GLY A 221 -0.42 -17.65 -17.41
C GLY A 221 -0.18 -19.04 -16.85
N TYR A 222 -1.05 -19.97 -17.23
CA TYR A 222 -1.07 -21.32 -16.71
C TYR A 222 -0.61 -22.29 -17.81
N ASP A 223 0.29 -23.21 -17.48
CA ASP A 223 0.72 -24.24 -18.44
C ASP A 223 0.17 -25.65 -18.15
N GLY A 224 -0.82 -25.76 -17.29
CA GLY A 224 -1.31 -27.07 -16.84
C GLY A 224 -0.66 -27.58 -15.56
N VAL A 225 0.37 -26.94 -15.08
CA VAL A 225 1.04 -27.30 -13.84
C VAL A 225 1.16 -26.07 -12.91
N PHE A 226 1.89 -25.07 -13.37
CA PHE A 226 2.09 -23.86 -12.57
C PHE A 226 1.38 -22.68 -13.22
N TYR A 227 1.11 -21.67 -12.39
CA TYR A 227 0.77 -20.34 -12.88
C TYR A 227 2.03 -19.50 -12.75
N TYR A 228 2.35 -18.81 -13.85
CA TYR A 228 3.53 -17.95 -13.96
C TYR A 228 3.06 -16.50 -13.84
N PHE A 229 3.72 -15.72 -12.97
CA PHE A 229 3.10 -14.50 -12.44
C PHE A 229 3.27 -13.24 -13.28
N GLY A 230 4.09 -13.25 -14.32
CA GLY A 230 4.35 -12.02 -15.09
C GLY A 230 5.14 -10.96 -14.33
N GLU A 231 4.42 -9.96 -13.80
CA GLU A 231 5.00 -8.92 -12.94
C GLU A 231 6.27 -8.28 -13.49
N GLY A 232 6.21 -7.86 -14.75
CA GLY A 232 7.30 -7.06 -15.33
C GLY A 232 7.56 -5.84 -14.45
N GLN A 233 8.82 -5.50 -14.26
CA GLN A 233 9.20 -4.54 -13.23
C GLN A 233 10.44 -3.78 -13.66
N VAL A 234 10.37 -2.46 -13.54
CA VAL A 234 11.48 -1.59 -13.76
C VAL A 234 11.77 -0.88 -12.46
N CYS A 235 13.00 -1.02 -11.94
CA CYS A 235 13.43 -0.32 -10.74
C CYS A 235 14.53 0.70 -11.05
N ASN A 236 14.37 1.87 -10.46
CA ASN A 236 15.36 2.92 -10.48
C ASN A 236 16.63 2.40 -9.80
N PHE A 237 17.76 3.07 -10.04
CA PHE A 237 19.04 2.72 -9.41
C PHE A 237 19.06 2.92 -7.87
N ASP A 238 18.08 3.63 -7.30
CA ASP A 238 17.95 3.72 -5.85
C ASP A 238 16.95 2.70 -5.26
N GLY A 239 16.51 1.77 -6.10
CA GLY A 239 15.59 0.71 -5.67
C GLY A 239 14.12 1.01 -5.78
N THR A 240 13.74 2.22 -6.20
CA THR A 240 12.35 2.60 -6.30
C THR A 240 11.72 1.95 -7.55
N THR A 241 10.58 1.29 -7.39
CA THR A 241 9.84 0.75 -8.54
C THR A 241 9.22 1.88 -9.35
N LEU A 242 9.54 1.92 -10.63
CA LEU A 242 9.03 2.93 -11.54
C LEU A 242 7.80 2.45 -12.30
N VAL A 243 7.74 1.16 -12.63
CA VAL A 243 6.64 0.58 -13.36
CA VAL A 243 6.61 0.61 -13.34
C VAL A 243 6.51 -0.86 -12.91
N GLN A 244 5.27 -1.31 -12.76
CA GLN A 244 4.98 -2.68 -12.27
C GLN A 244 3.81 -3.30 -13.04
N GLY A 245 4.04 -4.41 -13.70
CA GLY A 245 2.97 -5.18 -14.35
C GLY A 245 2.23 -6.05 -13.34
N HIS A 246 1.05 -6.48 -13.72
CA HIS A 246 0.24 -7.44 -12.94
C HIS A 246 0.50 -8.88 -13.46
N ARG A 247 -0.44 -9.80 -13.37
CA ARG A 247 -0.18 -11.22 -13.68
C ARG A 247 -0.81 -11.73 -14.97
N ASN A 248 -1.15 -10.81 -15.87
CA ASN A 248 -1.83 -11.18 -17.09
C ASN A 248 -0.88 -11.55 -18.20
N PRO A 249 -1.21 -12.61 -18.95
CA PRO A 249 -0.53 -12.87 -20.21
C PRO A 249 -0.65 -11.70 -21.17
N TRP A 250 0.47 -11.39 -21.81
CA TRP A 250 0.64 -10.34 -22.82
C TRP A 250 0.73 -8.90 -22.26
N GLU A 251 0.74 -8.70 -20.94
CA GLU A 251 0.99 -7.31 -20.44
C GLU A 251 2.36 -6.87 -20.91
N ILE A 252 2.44 -5.64 -21.38
CA ILE A 252 3.69 -5.05 -21.83
C ILE A 252 4.03 -3.97 -20.81
N VAL A 253 5.24 -4.02 -20.28
CA VAL A 253 5.71 -3.06 -19.30
C VAL A 253 6.79 -2.25 -19.96
N THR A 254 6.58 -0.95 -20.12
CA THR A 254 7.56 -0.07 -20.75
C THR A 254 8.07 0.98 -19.77
N ALA A 255 9.26 1.49 -20.03
CA ALA A 255 9.84 2.58 -19.24
C ALA A 255 10.99 3.22 -20.00
N GLU A 256 11.23 4.50 -19.68
CA GLU A 256 12.48 5.18 -20.02
C GLU A 256 13.49 4.88 -18.91
N VAL A 257 14.72 4.55 -19.32
CA VAL A 257 15.84 4.26 -18.41
C VAL A 257 16.97 5.24 -18.79
N TYR A 258 17.63 5.84 -17.80
CA TYR A 258 18.69 6.81 -18.01
C TYR A 258 20.01 6.32 -17.40
N PRO A 259 20.75 5.43 -18.12
CA PRO A 259 21.93 4.80 -17.54
C PRO A 259 22.96 5.77 -16.95
N GLU A 260 23.11 6.92 -17.59
N GLU A 260 23.12 6.92 -17.60
CA GLU A 260 24.06 7.91 -17.14
CA GLU A 260 24.09 7.91 -17.12
C GLU A 260 23.80 8.39 -15.70
C GLU A 260 23.81 8.40 -15.70
N LEU A 261 22.54 8.39 -15.27
CA LEU A 261 22.22 8.74 -13.88
C LEU A 261 22.76 7.74 -12.86
N ALA A 262 22.75 6.48 -13.22
CA ALA A 262 23.36 5.45 -12.38
C ALA A 262 24.89 5.57 -12.39
N ASP A 263 25.49 5.75 -13.56
CA ASP A 263 26.94 5.99 -13.62
C ASP A 263 27.32 7.21 -12.76
N GLN A 264 26.54 8.29 -12.86
CA GLN A 264 26.82 9.51 -12.10
C GLN A 264 26.73 9.35 -10.59
N ALA A 265 25.76 8.56 -10.13
CA ALA A 265 25.65 8.25 -8.73
C ALA A 265 26.86 7.43 -8.27
N ARG A 266 27.26 6.46 -9.08
CA ARG A 266 28.46 5.68 -8.79
C ARG A 266 29.71 6.56 -8.69
N LEU A 267 29.84 7.57 -9.55
CA LEU A 267 31.00 8.44 -9.48
C LEU A 267 30.87 9.48 -8.36
N GLY A 268 29.64 9.87 -8.04
CA GLY A 268 29.39 11.05 -7.22
C GLY A 268 29.00 10.81 -5.78
N TRP A 269 28.25 9.75 -5.53
CA TRP A 269 27.73 9.52 -4.17
C TRP A 269 28.85 9.34 -3.14
N GLY A 270 28.62 9.90 -1.96
CA GLY A 270 29.47 9.68 -0.77
C GLY A 270 28.80 8.61 0.08
N LEU A 271 27.91 9.04 0.97
CA LEU A 271 27.08 8.15 1.79
C LEU A 271 26.29 7.23 0.87
N GLU A 272 26.42 5.91 1.11
CA GLU A 272 25.71 4.87 0.37
C GLU A 272 26.27 4.54 -1.01
N ASN A 273 27.54 4.87 -1.24
CA ASN A 273 28.22 4.41 -2.44
C ASN A 273 28.74 2.99 -2.19
N ASN A 274 27.79 2.07 -2.11
CA ASN A 274 28.04 0.77 -1.50
C ASN A 274 28.85 -0.15 -2.39
N ILE A 275 28.64 -0.04 -3.70
CA ILE A 275 29.39 -0.81 -4.71
C ILE A 275 30.88 -0.52 -4.63
N TYR A 276 31.25 0.71 -4.30
CA TYR A 276 32.62 1.04 -3.99
C TYR A 276 33.01 0.64 -2.56
N ASN A 277 32.17 0.98 -1.58
CA ASN A 277 32.50 0.78 -0.15
C ASN A 277 32.79 -0.70 0.20
N LEU A 278 32.19 -1.64 -0.55
CA LEU A 278 32.29 -3.07 -0.20
C LEU A 278 33.71 -3.51 0.02
N GLY A 279 34.60 -3.12 -0.91
CA GLY A 279 35.97 -3.55 -0.86
C GLY A 279 37.02 -2.56 -0.38
N SER A 280 36.58 -1.40 0.12
CA SER A 280 37.47 -0.34 0.61
C SER A 280 36.78 0.27 1.83
N ARG A 281 36.96 -0.34 2.97
CA ARG A 281 36.15 -0.05 4.16
C ARG A 281 36.82 1.00 5.05
N GLY A 282 36.01 1.86 5.64
CA GLY A 282 36.47 2.81 6.63
C GLY A 282 37.58 3.73 6.11
N TYR A 283 37.37 4.30 4.92
CA TYR A 283 38.41 5.13 4.30
C TYR A 283 38.72 6.43 5.02
N VAL A 284 37.85 6.90 5.92
CA VAL A 284 38.21 8.11 6.69
C VAL A 284 39.30 7.77 7.71
N ALA A 285 39.16 6.65 8.43
CA ALA A 285 40.14 6.20 9.41
C ALA A 285 41.41 5.63 8.76
N THR A 286 41.26 4.97 7.61
CA THR A 286 42.36 4.35 6.88
C THR A 286 42.35 4.86 5.45
N PRO A 287 43.22 5.81 5.13
CA PRO A 287 43.32 6.32 3.74
C PRO A 287 43.35 5.22 2.68
N GLY A 288 42.51 5.34 1.68
CA GLY A 288 42.37 4.30 0.65
C GLY A 288 41.42 3.18 1.02
N GLY A 289 41.08 3.06 2.32
CA GLY A 289 40.21 2.02 2.79
C GLY A 289 40.94 0.73 3.14
N VAL A 290 40.35 -0.02 4.08
CA VAL A 290 40.83 -1.33 4.45
C VAL A 290 40.39 -2.30 3.34
N LYS A 291 41.34 -3.04 2.79
CA LYS A 291 41.08 -3.93 1.67
C LYS A 291 40.87 -5.38 2.03
N GLU A 292 41.31 -5.80 3.22
N GLU A 292 41.35 -5.81 3.20
CA GLU A 292 41.22 -7.20 3.59
CA GLU A 292 41.27 -7.23 3.55
C GLU A 292 39.77 -7.66 3.69
C GLU A 292 39.80 -7.67 3.71
N ASN A 293 39.36 -8.93 3.17
CA ASN A 293 38.20 -9.66 3.35
C ASN A 293 37.96 -9.99 4.87
N PRO A 294 36.66 -9.43 5.13
CA PRO A 294 36.21 -9.84 6.47
C PRO A 294 35.19 -10.98 6.49
N TYR A 295 34.81 -11.47 5.30
CA TYR A 295 33.73 -12.46 5.17
C TYR A 295 34.26 -13.89 4.89
N THR A 296 34.07 -14.79 5.84
CA THR A 296 34.47 -16.19 5.67
C THR A 296 33.78 -16.84 4.45
N PHE A 297 32.52 -16.47 4.17
CA PHE A 297 31.80 -17.11 3.05
C PHE A 297 32.46 -16.76 1.70
N VAL A 298 33.01 -15.54 1.62
CA VAL A 298 33.65 -15.04 0.39
C VAL A 298 34.93 -15.84 0.16
N LYS A 299 35.72 -16.03 1.21
CA LYS A 299 36.92 -16.88 1.10
C LYS A 299 36.56 -18.31 0.65
N ASP A 300 35.59 -18.91 1.35
CA ASP A 300 35.24 -20.29 1.11
C ASP A 300 34.70 -20.46 -0.32
N LEU A 301 33.82 -19.56 -0.72
CA LEU A 301 33.22 -19.61 -2.06
C LEU A 301 34.30 -19.41 -3.12
N ALA A 302 35.18 -18.45 -2.92
CA ALA A 302 36.30 -18.22 -3.85
C ALA A 302 37.13 -19.48 -4.04
N GLU A 303 37.32 -20.22 -2.95
CA GLU A 303 38.12 -21.46 -2.98
C GLU A 303 37.34 -22.70 -3.38
N GLY A 304 36.07 -22.55 -3.75
CA GLY A 304 35.25 -23.68 -4.15
C GLY A 304 34.92 -24.62 -3.01
N LYS A 305 34.87 -24.07 -1.79
CA LYS A 305 34.58 -24.83 -0.58
C LYS A 305 33.53 -24.16 0.30
N TYR A 306 32.59 -23.45 -0.29
CA TYR A 306 31.45 -22.93 0.47
C TYR A 306 30.63 -24.11 1.02
N LYS A 307 30.46 -24.13 2.34
CA LYS A 307 29.76 -25.25 3.00
C LYS A 307 29.09 -24.76 4.24
N VAL A 308 27.76 -24.69 4.21
CA VAL A 308 27.00 -24.19 5.35
C VAL A 308 27.16 -25.18 6.51
N PRO A 309 27.15 -24.66 7.76
CA PRO A 309 27.45 -25.56 8.89
C PRO A 309 26.41 -26.64 9.17
N TRP A 310 25.23 -26.54 8.58
CA TRP A 310 24.16 -27.54 8.71
C TRP A 310 24.01 -28.42 7.43
N GLU A 311 25.01 -28.38 6.53
CA GLU A 311 24.88 -29.03 5.23
C GLU A 311 24.54 -30.53 5.30
N ASP A 312 25.12 -31.23 6.28
CA ASP A 312 24.89 -32.67 6.42
C ASP A 312 23.43 -33.03 6.69
N GLU A 313 22.66 -32.09 7.25
CA GLU A 313 21.26 -32.33 7.61
C GLU A 313 20.26 -31.82 6.56
N ILE A 314 20.75 -31.22 5.47
CA ILE A 314 19.88 -30.75 4.40
C ILE A 314 19.25 -31.97 3.69
N LYS A 315 17.92 -31.94 3.53
CA LYS A 315 17.17 -33.09 3.04
C LYS A 315 17.14 -33.21 1.52
N VAL A 316 17.14 -32.08 0.81
CA VAL A 316 16.99 -32.08 -0.64
C VAL A 316 18.32 -31.69 -1.27
N LYS A 317 19.02 -32.71 -1.78
CA LYS A 317 20.35 -32.57 -2.39
C LYS A 317 20.45 -33.20 -3.78
N ASP A 318 19.34 -33.68 -4.33
CA ASP A 318 19.33 -34.23 -5.68
C ASP A 318 17.91 -34.04 -6.22
N GLY A 319 17.65 -34.54 -7.42
CA GLY A 319 16.37 -34.31 -8.09
C GLY A 319 15.34 -35.40 -7.86
N SER A 320 15.58 -36.30 -6.92
CA SER A 320 14.73 -37.48 -6.76
C SER A 320 13.27 -37.10 -6.39
N ILE A 321 13.08 -36.02 -5.64
CA ILE A 321 11.72 -35.61 -5.24
C ILE A 321 10.84 -35.26 -6.45
N TYR A 322 11.47 -34.85 -7.55
CA TYR A 322 10.81 -34.64 -8.82
C TYR A 322 10.97 -35.78 -9.83
N GLY A 323 11.45 -36.94 -9.39
CA GLY A 323 11.61 -38.12 -10.23
C GLY A 323 12.85 -38.17 -11.13
N TYR A 324 13.81 -37.27 -10.92
CA TYR A 324 15.09 -37.39 -11.63
C TYR A 324 15.92 -38.52 -11.02
N PRO A 325 16.48 -39.41 -11.85
CA PRO A 325 17.40 -40.41 -11.29
C PRO A 325 18.59 -39.75 -10.59
N VAL A 326 19.06 -40.36 -9.51
CA VAL A 326 20.21 -39.87 -8.77
C VAL A 326 21.43 -40.55 -9.38
N LYS A 327 22.34 -39.76 -9.95
CA LYS A 327 23.51 -40.31 -10.69
C LYS A 327 24.79 -40.28 -9.85
N LYS A 328 25.77 -41.06 -10.30
CA LYS A 328 27.05 -41.29 -9.61
C LYS A 328 26.84 -41.85 -8.20
N GLY B 2 6.99 -16.15 12.44
CA GLY B 2 6.77 -15.19 13.60
C GLY B 2 5.33 -14.70 13.72
N SER B 3 5.14 -13.74 14.63
CA SER B 3 3.83 -13.09 14.81
C SER B 3 4.00 -11.75 15.53
N SER B 4 2.98 -10.91 15.42
CA SER B 4 2.95 -9.65 16.14
C SER B 4 2.89 -9.87 17.68
N GLY B 5 2.47 -11.07 18.10
CA GLY B 5 2.71 -11.56 19.46
C GLY B 5 1.84 -10.96 20.55
N SER B 6 2.17 -11.39 21.77
CA SER B 6 1.49 -10.94 22.96
C SER B 6 2.57 -10.32 23.91
N MET B 7 2.50 -10.61 25.21
CA MET B 7 3.52 -10.14 26.19
C MET B 7 4.13 -11.32 26.98
N VAL B 8 4.04 -12.53 26.38
CA VAL B 8 4.47 -13.80 27.02
C VAL B 8 5.66 -14.40 26.24
N LYS B 9 6.38 -15.29 26.93
CA LYS B 9 7.40 -16.11 26.27
CA LYS B 9 7.40 -16.11 26.27
C LYS B 9 6.63 -17.16 25.47
N PRO B 10 6.76 -17.15 24.13
N PRO B 10 6.76 -17.15 24.13
CA PRO B 10 6.02 -18.16 23.35
CA PRO B 10 6.01 -18.17 23.33
C PRO B 10 6.54 -19.57 23.55
C PRO B 10 6.57 -19.57 23.54
N ILE B 11 5.69 -20.58 23.35
N ILE B 11 5.74 -20.57 23.30
CA ILE B 11 6.06 -21.97 23.54
CA ILE B 11 6.13 -21.98 23.45
C ILE B 11 7.16 -22.35 22.58
C ILE B 11 7.30 -22.35 22.50
N SER B 12 7.12 -21.83 21.37
N SER B 12 7.34 -21.78 21.28
CA SER B 12 8.21 -22.00 20.43
CA SER B 12 8.45 -22.06 20.27
C SER B 12 8.76 -20.56 20.36
C SER B 12 9.53 -21.03 19.79
N GLY B 13 10.04 -20.34 20.55
N GLY B 13 10.08 -20.26 20.68
CA GLY B 13 10.65 -19.04 20.22
CA GLY B 13 10.67 -19.02 20.26
C GLY B 13 10.71 -18.04 21.37
C GLY B 13 10.73 -18.03 21.38
N PHE B 14 10.79 -16.75 21.03
CA PHE B 14 11.03 -15.72 22.01
C PHE B 14 10.38 -14.43 21.59
N LEU B 15 10.16 -13.58 22.60
CA LEU B 15 9.63 -12.25 22.41
C LEU B 15 10.76 -11.22 22.44
N THR B 16 10.75 -10.33 21.44
CA THR B 16 11.70 -9.24 21.34
CA THR B 16 11.71 -9.21 21.29
C THR B 16 11.00 -7.86 21.41
N ALA B 17 11.71 -6.87 21.97
CA ALA B 17 11.31 -5.48 21.93
C ALA B 17 12.45 -4.66 21.30
N LEU B 18 12.10 -3.95 20.24
CA LEU B 18 13.01 -3.06 19.54
C LEU B 18 12.64 -1.65 19.96
N ILE B 19 13.61 -0.90 20.49
CA ILE B 19 13.35 0.44 21.04
C ILE B 19 13.76 1.52 20.02
N GLN B 20 12.79 2.31 19.56
CA GLN B 20 13.12 3.48 18.68
C GLN B 20 13.58 4.62 19.61
N TYR B 21 14.75 4.42 20.18
CA TYR B 21 15.31 5.27 21.20
C TYR B 21 15.51 6.69 20.67
N PRO B 22 15.12 7.72 21.45
CA PRO B 22 15.31 9.07 20.92
C PRO B 22 16.79 9.37 20.68
N VAL B 23 17.09 10.01 19.57
CA VAL B 23 18.46 10.35 19.27
C VAL B 23 18.99 11.27 20.40
N PRO B 24 20.10 10.91 21.03
CA PRO B 24 20.64 11.79 22.08
C PRO B 24 21.36 13.00 21.48
N VAL B 25 21.26 14.15 22.14
CA VAL B 25 22.11 15.30 21.87
C VAL B 25 23.10 15.35 23.01
N VAL B 26 24.36 15.07 22.73
CA VAL B 26 25.37 14.78 23.75
C VAL B 26 26.49 15.80 23.65
N GLU B 27 26.70 16.55 24.72
CA GLU B 27 27.73 17.59 24.76
C GLU B 27 28.92 17.29 25.67
N SER B 28 28.81 16.27 26.51
CA SER B 28 29.85 15.97 27.50
C SER B 28 29.67 14.57 28.02
N ARG B 29 30.64 14.13 28.80
CA ARG B 29 30.55 12.82 29.43
C ARG B 29 29.32 12.70 30.34
N ALA B 30 28.99 13.79 31.03
CA ALA B 30 27.78 13.80 31.89
C ALA B 30 26.53 13.41 31.09
N ASP B 31 26.45 13.88 29.85
CA ASP B 31 25.33 13.49 28.96
C ASP B 31 25.35 12.02 28.59
N ILE B 32 26.52 11.44 28.40
CA ILE B 32 26.65 10.01 28.16
C ILE B 32 26.15 9.24 29.37
N ASP B 33 26.55 9.67 30.57
CA ASP B 33 26.05 9.03 31.79
C ASP B 33 24.53 9.09 31.90
N LYS B 34 23.94 10.22 31.50
CA LYS B 34 22.45 10.36 31.42
C LYS B 34 21.85 9.34 30.45
N GLN B 35 22.46 9.15 29.29
CA GLN B 35 21.92 8.15 28.32
C GLN B 35 22.02 6.76 28.89
N ILE B 36 23.14 6.45 29.57
CA ILE B 36 23.29 5.12 30.19
C ILE B 36 22.16 4.86 31.19
N GLN B 37 21.88 5.84 32.04
CA GLN B 37 20.79 5.74 33.02
CA GLN B 37 20.79 5.74 33.02
C GLN B 37 19.45 5.56 32.33
N GLN B 38 19.21 6.31 31.24
CA GLN B 38 17.94 6.22 30.52
C GLN B 38 17.75 4.85 29.82
N ILE B 39 18.81 4.32 29.22
CA ILE B 39 18.80 3.00 28.61
C ILE B 39 18.45 1.92 29.68
N ILE B 40 19.11 2.04 30.83
CA ILE B 40 18.89 1.09 31.92
C ILE B 40 17.44 1.16 32.41
N LYS B 41 16.95 2.37 32.63
CA LYS B 41 15.57 2.61 33.00
C LYS B 41 14.62 1.91 32.00
N THR B 42 14.92 2.07 30.71
CA THR B 42 14.14 1.45 29.65
C THR B 42 14.16 -0.09 29.65
N ILE B 43 15.33 -0.70 29.99
CA ILE B 43 15.37 -2.15 30.16
C ILE B 43 14.34 -2.62 31.21
N HIS B 44 14.38 -2.00 32.40
CA HIS B 44 13.47 -2.40 33.48
C HIS B 44 11.99 -2.11 33.16
N SER B 45 11.71 -0.92 32.63
CA SER B 45 10.34 -0.55 32.32
CA SER B 45 10.31 -0.57 32.33
C SER B 45 9.74 -1.44 31.23
N THR B 46 10.55 -1.77 30.24
CA THR B 46 10.06 -2.57 29.11
C THR B 46 9.77 -4.00 29.58
N LYS B 47 10.62 -4.53 30.43
CA LYS B 47 10.40 -5.85 31.02
C LYS B 47 9.12 -5.83 31.88
N SER B 48 8.86 -4.75 32.61
CA SER B 48 7.65 -4.67 33.45
CA SER B 48 7.64 -4.69 33.43
C SER B 48 6.42 -4.71 32.54
N GLY B 49 6.51 -4.06 31.39
CA GLY B 49 5.36 -4.02 30.48
C GLY B 49 5.16 -5.31 29.70
N TYR B 50 6.24 -6.02 29.44
CA TYR B 50 6.22 -7.25 28.62
C TYR B 50 6.93 -8.37 29.42
N PRO B 51 6.21 -9.02 30.34
CA PRO B 51 6.90 -9.95 31.24
C PRO B 51 7.62 -11.14 30.57
N GLY B 52 7.18 -11.54 29.37
CA GLY B 52 7.85 -12.61 28.65
C GLY B 52 9.05 -12.20 27.83
N LEU B 53 9.38 -10.90 27.83
CA LEU B 53 10.49 -10.35 27.05
C LEU B 53 11.81 -11.06 27.31
N GLU B 54 12.52 -11.43 26.23
CA GLU B 54 13.83 -12.03 26.33
C GLU B 54 14.93 -11.28 25.60
N LEU B 55 14.60 -10.43 24.62
CA LEU B 55 15.60 -9.72 23.86
C LEU B 55 15.16 -8.29 23.68
N ILE B 56 15.93 -7.37 24.25
CA ILE B 56 15.70 -5.94 24.06
C ILE B 56 16.85 -5.35 23.25
N VAL B 57 16.50 -4.54 22.25
CA VAL B 57 17.47 -4.04 21.28
C VAL B 57 17.47 -2.51 21.27
N PHE B 58 18.63 -1.91 21.51
CA PHE B 58 18.81 -0.48 21.42
C PHE B 58 19.57 -0.09 20.15
N PRO B 59 19.29 1.11 19.62
CA PRO B 59 19.96 1.48 18.38
C PRO B 59 21.41 1.89 18.50
N GLU B 60 22.08 1.90 17.37
CA GLU B 60 23.40 2.53 17.23
C GLU B 60 23.35 3.97 17.77
N TYR B 61 24.40 4.38 18.48
CA TYR B 61 24.55 5.69 19.06
C TYR B 61 23.60 6.05 20.20
N SER B 62 22.87 5.07 20.72
CA SER B 62 21.97 5.33 21.83
C SER B 62 22.74 5.73 23.12
N THR B 63 23.99 5.28 23.26
CA THR B 63 24.81 5.64 24.44
C THR B 63 25.46 7.01 24.33
N GLN B 64 25.97 7.32 23.14
CA GLN B 64 26.86 8.49 22.97
C GLN B 64 26.43 9.57 21.98
N GLY B 65 25.35 9.35 21.23
CA GLY B 65 24.90 10.32 20.26
C GLY B 65 25.82 10.42 19.08
N LEU B 66 25.56 11.45 18.25
CA LEU B 66 26.32 11.73 17.04
C LEU B 66 26.83 13.16 17.06
N ASN B 67 27.55 13.53 18.11
CA ASN B 67 28.18 14.84 18.16
C ASN B 67 29.47 14.76 17.32
N THR B 68 29.35 15.14 16.05
CA THR B 68 30.43 14.90 15.09
C THR B 68 31.65 15.75 15.36
N LYS B 69 31.52 16.75 16.23
CA LYS B 69 32.67 17.55 16.62
C LYS B 69 33.46 16.98 17.79
N LYS B 70 32.88 16.02 18.51
CA LYS B 70 33.48 15.48 19.73
C LYS B 70 33.55 13.96 19.80
N TRP B 71 32.99 13.27 18.81
CA TRP B 71 32.76 11.86 18.97
C TRP B 71 33.97 10.92 18.97
N THR B 72 35.13 11.42 18.52
CA THR B 72 36.37 10.68 18.65
C THR B 72 37.28 11.24 19.76
N THR B 73 36.83 12.19 20.56
CA THR B 73 37.63 12.65 21.70
C THR B 73 37.62 11.57 22.78
N GLU B 74 38.63 11.56 23.63
CA GLU B 74 38.72 10.56 24.72
C GLU B 74 37.52 10.63 25.64
N GLU B 75 37.07 11.84 25.94
CA GLU B 75 35.86 12.04 26.77
C GLU B 75 34.63 11.28 26.27
N PHE B 76 34.50 11.11 24.95
CA PHE B 76 33.31 10.52 24.32
C PHE B 76 33.45 9.03 24.01
N LEU B 77 34.61 8.43 24.29
CA LEU B 77 34.85 7.01 23.97
C LEU B 77 34.91 6.17 25.25
N CYS B 78 34.69 4.86 25.09
CA CYS B 78 34.69 3.91 26.19
C CYS B 78 35.50 2.66 25.83
N THR B 79 35.91 1.91 26.84
CA THR B 79 36.46 0.57 26.59
C THR B 79 35.31 -0.42 26.53
N VAL B 80 35.50 -1.50 25.78
CA VAL B 80 34.51 -2.58 25.67
C VAL B 80 35.20 -3.90 25.90
N PRO B 81 34.94 -4.58 27.03
CA PRO B 81 34.05 -4.18 28.12
C PRO B 81 34.64 -3.01 28.91
N GLY B 82 33.77 -2.35 29.66
CA GLY B 82 34.19 -1.28 30.55
C GLY B 82 33.10 -1.03 31.57
N PRO B 83 33.27 0.00 32.39
CA PRO B 83 32.23 0.34 33.39
C PRO B 83 30.82 0.51 32.81
N GLU B 84 30.73 1.05 31.61
CA GLU B 84 29.45 1.31 30.97
C GLU B 84 28.76 0.02 30.58
N THR B 85 29.50 -0.89 29.90
CA THR B 85 28.91 -2.19 29.60
C THR B 85 28.64 -3.01 30.88
N ASP B 86 29.42 -2.79 31.94
CA ASP B 86 29.13 -3.44 33.23
C ASP B 86 27.77 -3.00 33.80
N LEU B 87 27.44 -1.73 33.65
CA LEU B 87 26.14 -1.22 34.11
C LEU B 87 24.98 -1.82 33.25
N PHE B 88 25.16 -1.87 31.94
CA PHE B 88 24.19 -2.54 31.06
C PHE B 88 24.04 -4.00 31.46
N ALA B 89 25.15 -4.66 31.78
CA ALA B 89 25.13 -6.06 32.12
C ALA B 89 24.36 -6.32 33.42
N GLU B 90 24.58 -5.48 34.44
CA GLU B 90 23.87 -5.59 35.68
C GLU B 90 22.36 -5.43 35.46
N ALA B 91 21.95 -4.52 34.58
CA ALA B 91 20.56 -4.33 34.26
C ALA B 91 19.96 -5.54 33.53
N CYS B 92 20.71 -6.10 32.56
CA CYS B 92 20.26 -7.34 31.89
C CYS B 92 20.09 -8.50 32.88
N LYS B 93 20.99 -8.57 33.86
CA LYS B 93 20.93 -9.61 34.89
C LYS B 93 19.71 -9.45 35.77
N GLU B 94 19.48 -8.22 36.24
CA GLU B 94 18.33 -7.92 37.08
C GLU B 94 16.98 -8.18 36.39
N SER B 95 16.84 -7.78 35.13
CA SER B 95 15.60 -7.98 34.38
C SER B 95 15.53 -9.35 33.67
N LYS B 96 16.62 -10.10 33.71
CA LYS B 96 16.69 -11.43 33.07
C LYS B 96 16.39 -11.37 31.56
N VAL B 97 17.07 -10.48 30.86
CA VAL B 97 16.91 -10.34 29.43
C VAL B 97 18.28 -10.36 28.75
N TYR B 98 18.27 -10.74 27.47
CA TYR B 98 19.36 -10.46 26.56
C TYR B 98 19.20 -8.99 26.10
N GLY B 99 20.30 -8.23 26.08
CA GLY B 99 20.30 -6.87 25.59
C GLY B 99 21.36 -6.59 24.56
N VAL B 100 21.05 -5.70 23.62
CA VAL B 100 21.95 -5.30 22.53
C VAL B 100 22.22 -3.81 22.67
N PHE B 101 23.49 -3.44 22.76
CA PHE B 101 23.92 -2.07 23.07
C PHE B 101 24.98 -1.60 22.09
N SER B 102 25.09 -0.28 21.98
CA SER B 102 26.02 0.38 21.08
C SER B 102 27.02 1.20 21.87
N ILE B 103 28.32 0.96 21.64
CA ILE B 103 29.37 1.74 22.29
CA ILE B 103 29.38 1.75 22.29
C ILE B 103 30.43 2.13 21.26
N MET B 104 30.75 3.41 21.21
CA MET B 104 31.90 3.88 20.45
C MET B 104 33.13 3.62 21.33
N GLU B 105 34.07 2.86 20.76
CA GLU B 105 35.10 2.14 21.51
C GLU B 105 36.48 2.70 21.25
N LYS B 106 37.18 3.11 22.32
N LYS B 106 37.17 3.12 22.31
CA LYS B 106 38.60 3.46 22.23
CA LYS B 106 38.56 3.51 22.23
C LYS B 106 39.36 2.33 21.61
C LYS B 106 39.38 2.35 21.64
N ASN B 107 40.24 2.66 20.68
CA ASN B 107 41.12 1.66 20.07
C ASN B 107 42.21 1.34 21.06
N PRO B 108 42.38 0.09 21.41
CA PRO B 108 43.42 -0.22 22.39
C PRO B 108 44.86 0.17 21.97
N ASP B 109 45.15 0.36 20.69
CA ASP B 109 46.48 0.78 20.32
C ASP B 109 46.66 2.28 20.13
N GLY B 110 45.66 3.07 20.45
CA GLY B 110 45.74 4.47 20.27
C GLY B 110 45.34 4.97 18.91
N GLY B 111 45.03 4.04 17.99
CA GLY B 111 44.60 4.46 16.66
C GLY B 111 43.17 4.90 16.62
N GLU B 112 42.58 4.84 15.44
CA GLU B 112 41.23 5.34 15.29
C GLU B 112 40.23 4.43 15.99
N PRO B 113 39.19 5.03 16.61
CA PRO B 113 38.20 4.26 17.38
C PRO B 113 37.27 3.43 16.53
N TYR B 114 36.66 2.43 17.18
CA TYR B 114 35.69 1.53 16.56
C TYR B 114 34.26 1.89 16.95
N ASN B 115 33.32 1.47 16.12
CA ASN B 115 31.91 1.59 16.38
C ASN B 115 31.47 0.15 16.71
N THR B 116 31.10 -0.06 17.96
CA THR B 116 30.96 -1.42 18.51
C THR B 116 29.55 -1.72 19.01
N ALA B 117 29.14 -2.98 18.84
CA ALA B 117 27.88 -3.51 19.39
C ALA B 117 28.18 -4.71 20.23
N VAL B 118 27.41 -4.88 21.30
CA VAL B 118 27.58 -6.04 22.17
C VAL B 118 26.23 -6.65 22.45
N ILE B 119 26.24 -7.96 22.72
CA ILE B 119 25.09 -8.65 23.27
C ILE B 119 25.46 -9.19 24.63
N ILE B 120 24.59 -8.92 25.59
CA ILE B 120 24.76 -9.35 26.96
C ILE B 120 23.59 -10.25 27.28
N ASP B 121 23.87 -11.36 27.98
CA ASP B 121 22.87 -12.37 28.26
C ASP B 121 22.17 -12.12 29.62
N PRO B 122 21.17 -12.93 29.95
CA PRO B 122 20.42 -12.71 31.21
C PRO B 122 21.19 -12.96 32.50
N GLN B 123 22.39 -13.54 32.38
CA GLN B 123 23.28 -13.69 33.52
C GLN B 123 24.28 -12.53 33.60
N GLY B 124 24.17 -11.56 32.70
CA GLY B 124 25.05 -10.41 32.70
C GLY B 124 26.39 -10.66 32.04
N GLU B 125 26.49 -11.70 31.22
CA GLU B 125 27.74 -12.02 30.54
C GLU B 125 27.71 -11.46 29.15
N MET B 126 28.82 -10.84 28.73
CA MET B 126 28.94 -10.38 27.36
C MET B 126 29.22 -11.59 26.47
N ILE B 127 28.29 -11.94 25.60
CA ILE B 127 28.44 -13.12 24.74
C ILE B 127 28.77 -12.81 23.28
N LEU B 128 28.76 -11.54 22.92
CA LEU B 128 29.09 -11.14 21.55
C LEU B 128 29.61 -9.72 21.56
N LYS B 129 30.71 -9.51 20.82
CA LYS B 129 31.29 -8.20 20.56
C LYS B 129 31.61 -8.09 19.08
N TYR B 130 31.10 -7.03 18.46
CA TYR B 130 31.20 -6.81 17.03
C TYR B 130 31.63 -5.36 16.75
N ARG B 131 32.63 -5.18 15.89
CA ARG B 131 33.06 -3.86 15.45
C ARG B 131 32.57 -3.63 14.01
N LYS B 132 31.82 -2.54 13.83
CA LYS B 132 31.22 -2.17 12.55
C LYS B 132 32.20 -2.35 11.39
N LEU B 133 31.86 -3.27 10.49
CA LEU B 133 32.72 -3.57 9.34
C LEU B 133 32.73 -2.46 8.28
N ASN B 134 31.60 -1.80 8.13
CA ASN B 134 31.39 -0.81 7.05
C ASN B 134 30.96 0.55 7.59
N PRO B 135 31.91 1.32 8.14
CA PRO B 135 31.55 2.68 8.56
C PRO B 135 30.86 3.48 7.44
N TRP B 136 29.98 4.37 7.85
CA TRP B 136 29.17 5.18 6.93
C TRP B 136 29.99 6.37 6.46
N VAL B 137 30.85 6.08 5.50
CA VAL B 137 31.77 7.04 4.94
C VAL B 137 31.06 7.89 3.88
N PRO B 138 31.40 9.18 3.77
CA PRO B 138 32.48 9.93 4.40
C PRO B 138 32.18 10.63 5.74
N VAL B 139 30.99 10.46 6.28
CA VAL B 139 30.61 11.17 7.49
C VAL B 139 31.24 10.53 8.76
N GLU B 140 31.42 9.21 8.76
CA GLU B 140 31.90 8.49 9.96
C GLU B 140 33.41 8.28 9.96
N PRO B 141 34.05 8.50 11.14
CA PRO B 141 35.49 8.41 11.26
C PRO B 141 35.97 7.04 11.76
N TRP B 142 35.06 6.09 11.97
CA TRP B 142 35.36 4.85 12.66
C TRP B 142 36.28 3.95 11.82
N LYS B 143 37.17 3.25 12.52
N LYS B 143 37.17 3.25 12.52
CA LYS B 143 38.03 2.27 11.91
CA LYS B 143 38.03 2.28 11.91
C LYS B 143 37.21 1.07 11.45
C LYS B 143 37.21 1.08 11.45
N ALA B 144 37.51 0.56 10.27
CA ALA B 144 36.81 -0.61 9.75
C ALA B 144 37.02 -1.77 10.71
N GLY B 145 35.92 -2.43 11.06
CA GLY B 145 36.00 -3.51 12.07
C GLY B 145 36.91 -4.67 11.68
N ASP B 146 37.51 -5.26 12.71
CA ASP B 146 38.53 -6.30 12.56
C ASP B 146 38.18 -7.61 13.27
N LEU B 147 36.94 -7.79 13.71
CA LEU B 147 36.54 -9.02 14.44
C LEU B 147 35.64 -9.92 13.60
N GLY B 148 35.55 -9.67 12.29
CA GLY B 148 34.62 -10.38 11.44
C GLY B 148 33.17 -10.09 11.86
N LEU B 149 32.31 -11.06 11.59
CA LEU B 149 30.92 -11.00 12.00
C LEU B 149 30.62 -12.23 12.88
N PRO B 150 30.65 -12.04 14.22
CA PRO B 150 30.44 -13.19 15.11
C PRO B 150 29.00 -13.56 15.27
N VAL B 151 28.79 -14.75 15.82
CA VAL B 151 27.45 -15.26 16.14
CA VAL B 151 27.45 -15.27 16.11
C VAL B 151 27.47 -15.76 17.57
N CYS B 152 26.32 -15.77 18.22
CA CYS B 152 26.22 -16.35 19.57
C CYS B 152 24.88 -17.07 19.71
N ASP B 153 24.75 -17.87 20.75
CA ASP B 153 23.46 -18.44 21.15
C ASP B 153 22.59 -17.42 21.87
N GLY B 154 21.32 -17.36 21.46
CA GLY B 154 20.37 -16.45 22.06
C GLY B 154 19.18 -17.19 22.66
N PRO B 155 18.13 -16.45 22.98
CA PRO B 155 16.95 -17.11 23.56
C PRO B 155 16.16 -17.88 22.51
N GLY B 156 15.33 -18.80 22.97
CA GLY B 156 14.37 -19.52 22.12
C GLY B 156 14.97 -20.26 20.96
N GLY B 157 16.15 -20.82 21.16
CA GLY B 157 16.86 -21.57 20.12
C GLY B 157 17.45 -20.68 19.03
N SER B 158 17.56 -19.38 19.27
CA SER B 158 18.16 -18.49 18.29
C SER B 158 19.70 -18.61 18.25
N LYS B 159 20.23 -18.33 17.07
CA LYS B 159 21.63 -18.04 16.85
C LYS B 159 21.64 -16.62 16.33
N LEU B 160 22.15 -15.70 17.15
CA LEU B 160 22.11 -14.29 16.89
C LEU B 160 23.39 -13.79 16.24
N ALA B 161 23.24 -12.89 15.27
CA ALA B 161 24.34 -12.01 14.83
C ALA B 161 23.86 -10.58 14.90
N VAL B 162 24.78 -9.65 15.13
CA VAL B 162 24.47 -8.22 15.08
CA VAL B 162 24.47 -8.22 15.09
C VAL B 162 25.28 -7.55 13.97
N CYS B 163 24.65 -6.62 13.29
CA CYS B 163 25.34 -5.74 12.39
C CYS B 163 24.85 -4.32 12.69
N ILE B 164 25.59 -3.36 12.17
CA ILE B 164 25.36 -1.96 12.52
C ILE B 164 25.06 -1.12 11.27
N SCY B 165 23.89 -0.50 11.27
CA SCY B 165 23.46 0.50 10.29
CB SCY B 165 24.00 1.78 10.92
SG SCY B 165 23.34 3.21 10.15
CD SCY B 165 24.76 4.00 9.99
OCD SCY B 165 25.63 3.54 9.35
CE SCY B 165 24.97 5.21 10.75
C SCY B 165 23.85 0.32 8.81
O SCY B 165 23.26 -0.56 8.26
N HIS B 166 24.83 1.05 8.22
CA HIS B 166 25.34 0.86 6.88
C HIS B 166 25.63 -0.61 6.55
N ASP B 167 26.07 -1.40 7.54
CA ASP B 167 26.39 -2.82 7.30
C ASP B 167 25.27 -3.56 6.61
N GLY B 168 24.03 -3.24 7.01
CA GLY B 168 22.88 -3.92 6.46
C GLY B 168 22.51 -3.59 5.02
N MET B 169 23.20 -2.63 4.41
CA MET B 169 23.06 -2.36 2.98
C MET B 169 23.91 -3.26 2.08
N PHE B 170 24.81 -4.02 2.70
CA PHE B 170 25.67 -4.97 2.02
C PHE B 170 25.07 -6.33 2.20
N PRO B 171 24.60 -6.94 1.11
CA PRO B 171 24.06 -8.31 1.24
C PRO B 171 25.08 -9.31 1.74
N GLU B 172 26.35 -9.00 1.58
CA GLU B 172 27.44 -9.83 2.07
C GLU B 172 27.43 -9.96 3.57
N VAL B 173 26.97 -8.92 4.28
CA VAL B 173 26.88 -8.96 5.73
C VAL B 173 25.81 -9.99 6.19
N ALA B 174 24.62 -9.87 5.65
CA ALA B 174 23.54 -10.81 6.00
C ALA B 174 23.92 -12.24 5.60
N ARG B 175 24.54 -12.40 4.44
CA ARG B 175 24.96 -13.71 3.96
C ARG B 175 25.96 -14.33 4.93
N GLU B 176 26.96 -13.54 5.33
CA GLU B 176 27.95 -13.98 6.28
C GLU B 176 27.36 -14.41 7.61
N ALA B 177 26.41 -13.63 8.14
CA ALA B 177 25.73 -13.98 9.39
C ALA B 177 25.09 -15.35 9.28
N ALA B 178 24.35 -15.56 8.21
CA ALA B 178 23.68 -16.84 7.96
C ALA B 178 24.68 -17.98 7.79
N TYR B 179 25.73 -17.72 7.02
CA TYR B 179 26.79 -18.71 6.80
C TYR B 179 27.49 -19.15 8.08
N LYS B 180 27.62 -18.24 9.03
CA LYS B 180 28.18 -18.56 10.34
C LYS B 180 27.16 -19.25 11.27
N GLY B 181 25.90 -19.36 10.85
CA GLY B 181 24.87 -20.10 11.58
C GLY B 181 23.72 -19.28 12.12
N ALA B 182 23.77 -17.96 11.98
CA ALA B 182 22.70 -17.11 12.52
C ALA B 182 21.37 -17.42 11.86
N ASN B 183 20.33 -17.57 12.68
CA ASN B 183 18.97 -17.61 12.16
C ASN B 183 18.18 -16.33 12.51
N VAL B 184 18.83 -15.39 13.21
CA VAL B 184 18.26 -14.07 13.51
C VAL B 184 19.38 -13.04 13.37
N LEU B 185 19.22 -12.09 12.44
CA LEU B 185 20.14 -10.99 12.28
C LEU B 185 19.53 -9.77 12.92
N ILE B 186 20.28 -9.14 13.81
CA ILE B 186 19.87 -7.92 14.51
C ILE B 186 20.64 -6.74 13.89
N ARG B 187 19.95 -5.69 13.47
CA ARG B 187 20.55 -4.51 12.86
C ARG B 187 20.23 -3.32 13.71
N ILE B 188 21.23 -2.74 14.36
CA ILE B 188 21.06 -1.56 15.20
C ILE B 188 21.62 -0.36 14.46
N SER B 189 20.90 0.75 14.49
CA SER B 189 21.14 1.77 13.47
C SER B 189 20.87 3.21 13.88
N GLY B 190 21.61 4.12 13.27
CA GLY B 190 21.54 5.56 13.56
C GLY B 190 21.52 6.36 12.29
N TYR B 191 20.71 5.92 11.33
CA TYR B 191 20.56 6.58 10.07
C TYR B 191 19.67 7.81 10.12
N SER B 192 19.98 8.76 9.25
CA SER B 192 19.07 9.82 8.90
C SER B 192 18.00 9.35 7.89
N THR B 193 17.04 10.26 7.61
CA THR B 193 15.94 9.96 6.68
C THR B 193 16.31 9.66 5.21
N GLN B 194 17.55 9.93 4.82
CA GLN B 194 18.01 9.70 3.46
C GLN B 194 17.69 8.28 2.93
N VAL B 195 17.73 7.29 3.82
CA VAL B 195 17.61 5.89 3.42
C VAL B 195 16.38 5.20 4.00
N SER B 196 15.35 5.93 4.38
CA SER B 196 14.17 5.35 5.01
CA SER B 196 14.17 5.31 5.00
CA SER B 196 14.16 5.33 4.96
C SER B 196 13.60 4.16 4.19
N GLU B 197 13.46 4.34 2.88
CA GLU B 197 12.88 3.25 2.06
C GLU B 197 13.80 2.10 1.89
N GLN B 198 15.08 2.40 1.70
CA GLN B 198 16.06 1.39 1.47
C GLN B 198 16.37 0.54 2.75
N TRP B 199 16.18 1.15 3.91
CA TRP B 199 16.17 0.44 5.21
C TRP B 199 15.14 -0.71 5.21
N MET B 200 13.89 -0.41 4.95
CA MET B 200 12.85 -1.42 4.94
C MET B 200 13.09 -2.49 3.88
N LEU B 201 13.52 -2.05 2.71
CA LEU B 201 13.79 -2.94 1.59
C LEU B 201 14.89 -3.97 1.92
N THR B 202 16.02 -3.51 2.46
CA THR B 202 17.13 -4.38 2.78
C THR B 202 16.84 -5.28 3.98
N ASN B 203 16.04 -4.82 4.94
CA ASN B 203 15.67 -5.66 6.06
C ASN B 203 14.89 -6.88 5.56
N ARG B 204 14.06 -6.67 4.56
CA ARG B 204 13.32 -7.76 3.91
C ARG B 204 14.23 -8.66 3.08
N SER B 205 15.10 -8.08 2.27
CA SER B 205 15.94 -8.89 1.35
C SER B 205 17.00 -9.69 2.13
N ASN B 206 17.54 -9.06 3.19
CA ASN B 206 18.48 -9.74 4.06
C ASN B 206 17.87 -11.00 4.70
N ALA B 207 16.57 -10.94 5.00
CA ALA B 207 15.86 -12.05 5.58
C ALA B 207 15.62 -13.15 4.53
N TRP B 208 14.99 -12.77 3.43
CA TRP B 208 14.58 -13.72 2.37
C TRP B 208 15.78 -14.48 1.81
N GLN B 209 16.84 -13.74 1.46
CA GLN B 209 17.98 -14.33 0.75
C GLN B 209 18.67 -15.42 1.56
N ASN B 210 18.50 -15.37 2.88
CA ASN B 210 19.19 -16.23 3.81
C ASN B 210 18.32 -17.14 4.67
N LEU B 211 17.01 -17.15 4.43
CA LEU B 211 16.04 -17.86 5.25
C LEU B 211 16.34 -17.57 6.73
N MET B 212 16.28 -16.28 7.05
CA MET B 212 16.74 -15.75 8.32
C MET B 212 15.77 -14.66 8.80
N TYR B 213 15.43 -14.64 10.08
CA TYR B 213 14.68 -13.51 10.61
C TYR B 213 15.55 -12.27 10.66
N THR B 214 14.97 -11.11 10.43
CA THR B 214 15.66 -9.84 10.70
C THR B 214 14.90 -9.02 11.73
N LEU B 215 15.65 -8.49 12.69
CA LEU B 215 15.14 -7.59 13.71
C LEU B 215 15.99 -6.33 13.61
N SER B 216 15.38 -5.20 13.31
CA SER B 216 16.14 -3.99 12.95
C SER B 216 15.49 -2.75 13.56
N VAL B 217 16.31 -1.85 14.11
CA VAL B 217 15.77 -0.65 14.73
C VAL B 217 16.75 0.50 14.65
N ASN B 218 16.21 1.67 14.37
CA ASN B 218 16.97 2.89 14.25
C ASN B 218 16.56 3.86 15.35
N LEU B 219 17.45 4.79 15.67
CA LEU B 219 17.11 5.93 16.49
C LEU B 219 15.99 6.71 15.84
N ALA B 220 15.24 7.44 16.64
CA ALA B 220 14.19 8.32 16.12
C ALA B 220 14.29 9.74 16.69
N GLY B 221 13.87 10.73 15.89
CA GLY B 221 13.81 12.12 16.34
C GLY B 221 14.88 12.96 15.68
N TYR B 222 14.98 14.20 16.13
CA TYR B 222 15.86 15.20 15.59
C TYR B 222 16.95 15.55 16.55
N ASP B 223 18.21 15.62 16.07
CA ASP B 223 19.34 16.00 16.94
C ASP B 223 19.90 17.40 16.65
N GLY B 224 19.16 18.22 15.89
CA GLY B 224 19.66 19.49 15.43
C GLY B 224 20.33 19.46 14.07
N VAL B 225 20.59 18.30 13.52
CA VAL B 225 21.19 18.16 12.17
C VAL B 225 20.33 17.22 11.32
N PHE B 226 20.18 15.98 11.73
CA PHE B 226 19.40 15.00 11.00
C PHE B 226 18.14 14.62 11.79
N TYR B 227 17.14 14.16 11.05
CA TYR B 227 16.04 13.39 11.61
C TYR B 227 16.33 11.90 11.38
N TYR B 228 16.23 11.13 12.46
CA TYR B 228 16.47 9.69 12.49
C TYR B 228 15.11 8.98 12.48
N PHE B 229 14.94 8.02 11.56
CA PHE B 229 13.60 7.60 11.19
C PHE B 229 12.92 6.54 12.07
N GLY B 230 13.62 5.93 13.00
CA GLY B 230 13.04 4.85 13.79
C GLY B 230 12.74 3.57 13.02
N GLU B 231 11.49 3.39 12.60
CA GLU B 231 11.09 2.29 11.70
C GLU B 231 11.56 0.90 12.12
N GLY B 232 11.39 0.59 13.41
CA GLY B 232 11.68 -0.76 13.91
C GLY B 232 10.92 -1.78 13.09
N GLN B 233 11.57 -2.88 12.77
CA GLN B 233 11.05 -3.80 11.75
C GLN B 233 11.44 -5.22 12.06
N VAL B 234 10.45 -6.11 12.05
CA VAL B 234 10.68 -7.53 12.19
C VAL B 234 10.22 -8.17 10.86
N CYS B 235 11.13 -8.89 10.22
CA CYS B 235 10.82 -9.65 9.01
C CYS B 235 10.92 -11.15 9.22
N ASN B 236 9.92 -11.86 8.70
CA ASN B 236 9.88 -13.32 8.68
C ASN B 236 11.05 -13.82 7.83
N PHE B 237 11.40 -15.09 7.98
CA PHE B 237 12.47 -15.72 7.23
C PHE B 237 12.20 -15.82 5.72
N ASP B 238 10.97 -15.60 5.28
CA ASP B 238 10.64 -15.49 3.84
C ASP B 238 10.61 -14.05 3.33
N GLY B 239 11.04 -13.10 4.18
CA GLY B 239 11.08 -11.69 3.79
C GLY B 239 9.83 -10.87 4.10
N THR B 240 8.76 -11.50 4.59
CA THR B 240 7.52 -10.80 4.86
C THR B 240 7.65 -9.95 6.14
N THR B 241 7.29 -8.67 6.05
CA THR B 241 7.31 -7.83 7.24
C THR B 241 6.16 -8.24 8.15
N LEU B 242 6.50 -8.52 9.40
CA LEU B 242 5.52 -8.91 10.40
C LEU B 242 5.06 -7.74 11.24
N VAL B 243 5.97 -6.81 11.54
CA VAL B 243 5.68 -5.66 12.39
CA VAL B 243 5.62 -5.65 12.36
C VAL B 243 6.55 -4.52 11.88
N GLN B 244 5.99 -3.32 11.85
CA GLN B 244 6.68 -2.11 11.33
C GLN B 244 6.35 -0.90 12.18
N GLY B 245 7.36 -0.29 12.79
CA GLY B 245 7.20 0.97 13.50
C GLY B 245 7.18 2.16 12.54
N HIS B 246 6.67 3.29 13.03
CA HIS B 246 6.68 4.54 12.31
C HIS B 246 7.92 5.36 12.71
N ARG B 247 7.87 6.69 12.70
CA ARG B 247 9.09 7.51 12.92
C ARG B 247 9.13 8.26 14.24
N ASN B 248 8.36 7.81 15.22
CA ASN B 248 8.28 8.49 16.49
C ASN B 248 9.32 8.03 17.50
N PRO B 249 9.92 9.00 18.23
CA PRO B 249 10.73 8.65 19.38
C PRO B 249 9.93 7.83 20.41
N TRP B 250 10.58 6.80 20.93
CA TRP B 250 10.06 5.89 21.94
C TRP B 250 9.06 4.85 21.47
N GLU B 251 8.75 4.78 20.17
CA GLU B 251 7.94 3.63 19.73
C GLU B 251 8.66 2.35 20.10
N ILE B 252 7.91 1.37 20.58
CA ILE B 252 8.44 0.04 20.90
C ILE B 252 7.82 -0.95 19.92
N VAL B 253 8.66 -1.70 19.23
CA VAL B 253 8.20 -2.66 18.24
C VAL B 253 8.47 -4.02 18.83
N THR B 254 7.42 -4.81 19.07
CA THR B 254 7.58 -6.14 19.60
C THR B 254 7.13 -7.21 18.60
N ALA B 255 7.64 -8.41 18.77
CA ALA B 255 7.21 -9.57 17.98
C ALA B 255 7.69 -10.86 18.61
N GLU B 256 6.93 -11.92 18.33
CA GLU B 256 7.35 -13.29 18.61
C GLU B 256 8.14 -13.75 17.38
N VAL B 257 9.28 -14.40 17.61
CA VAL B 257 10.13 -14.95 16.60
C VAL B 257 10.30 -16.45 16.91
N TYR B 258 10.29 -17.30 15.87
CA TYR B 258 10.39 -18.75 16.04
C TYR B 258 11.59 -19.31 15.24
N PRO B 259 12.80 -19.21 15.82
CA PRO B 259 14.03 -19.58 15.09
C PRO B 259 14.04 -20.96 14.47
N GLU B 260 13.41 -21.94 15.13
CA GLU B 260 13.34 -23.28 14.59
C GLU B 260 12.63 -23.39 13.23
N LEU B 261 11.70 -22.48 12.94
CA LEU B 261 11.07 -22.44 11.62
C LEU B 261 12.03 -22.07 10.51
N ALA B 262 12.94 -21.14 10.80
CA ALA B 262 13.98 -20.79 9.85
C ALA B 262 14.97 -21.95 9.68
N ASP B 263 15.40 -22.56 10.78
CA ASP B 263 16.27 -23.76 10.70
C ASP B 263 15.59 -24.86 9.87
N GLN B 264 14.29 -25.08 10.10
CA GLN B 264 13.55 -26.11 9.38
C GLN B 264 13.43 -25.84 7.88
N ALA B 265 13.25 -24.60 7.50
CA ALA B 265 13.22 -24.22 6.10
C ALA B 265 14.59 -24.46 5.46
N ARG B 266 15.63 -24.09 6.19
CA ARG B 266 17.01 -24.40 5.73
C ARG B 266 17.30 -25.88 5.54
N LEU B 267 16.77 -26.74 6.43
CA LEU B 267 16.94 -28.16 6.25
C LEU B 267 16.03 -28.74 5.17
N GLY B 268 14.85 -28.14 5.01
CA GLY B 268 13.76 -28.77 4.28
C GLY B 268 13.52 -28.25 2.88
N TRP B 269 13.70 -26.95 2.65
CA TRP B 269 13.31 -26.36 1.38
C TRP B 269 14.09 -26.98 0.20
N GLY B 270 13.39 -27.16 -0.91
CA GLY B 270 14.00 -27.57 -2.18
C GLY B 270 14.19 -26.32 -3.01
N LEU B 271 13.18 -25.97 -3.79
CA LEU B 271 13.17 -24.71 -4.56
C LEU B 271 13.34 -23.52 -3.59
N GLU B 272 14.32 -22.67 -3.90
CA GLU B 272 14.64 -21.47 -3.12
C GLU B 272 15.40 -21.70 -1.82
N ASN B 273 16.08 -22.83 -1.70
CA ASN B 273 17.01 -23.03 -0.62
C ASN B 273 18.36 -22.37 -0.99
N ASN B 274 18.33 -21.06 -0.98
CA ASN B 274 19.36 -20.29 -1.66
C ASN B 274 20.68 -20.24 -0.91
N ILE B 275 20.60 -20.18 0.41
CA ILE B 275 21.76 -20.22 1.31
C ILE B 275 22.60 -21.47 1.05
N TYR B 276 21.95 -22.57 0.70
CA TYR B 276 22.66 -23.78 0.29
C TYR B 276 23.06 -23.70 -1.18
N ASN B 277 22.13 -23.29 -2.05
CA ASN B 277 22.36 -23.32 -3.49
C ASN B 277 23.57 -22.47 -3.93
N LEU B 278 23.88 -21.43 -3.18
CA LEU B 278 24.89 -20.45 -3.59
C LEU B 278 26.19 -21.13 -3.98
N GLY B 279 26.62 -22.07 -3.15
CA GLY B 279 27.92 -22.72 -3.34
C GLY B 279 27.90 -24.13 -3.88
N SER B 280 26.71 -24.61 -4.28
CA SER B 280 26.54 -25.97 -4.85
C SER B 280 25.50 -25.88 -5.95
N ARG B 281 25.94 -25.51 -7.14
CA ARG B 281 25.06 -25.10 -8.22
C ARG B 281 24.69 -26.27 -9.13
N GLY B 282 23.44 -26.30 -9.58
CA GLY B 282 23.00 -27.26 -10.60
C GLY B 282 23.20 -28.71 -10.16
N TYR B 283 22.82 -29.03 -8.92
CA TYR B 283 23.03 -30.40 -8.39
C TYR B 283 22.23 -31.52 -9.08
N VAL B 284 21.20 -31.20 -9.86
CA VAL B 284 20.51 -32.26 -10.64
C VAL B 284 21.41 -32.73 -11.78
N ALA B 285 22.03 -31.79 -12.51
CA ALA B 285 22.95 -32.13 -13.60
C ALA B 285 24.30 -32.66 -13.12
N THR B 286 24.79 -32.12 -12.00
CA THR B 286 26.10 -32.47 -11.44
C THR B 286 25.94 -32.89 -9.99
N PRO B 287 26.03 -34.19 -9.71
CA PRO B 287 25.81 -34.70 -8.34
C PRO B 287 26.69 -33.99 -7.33
N GLY B 288 26.11 -33.52 -6.23
CA GLY B 288 26.84 -32.74 -5.24
C GLY B 288 26.89 -31.25 -5.56
N GLY B 289 26.56 -30.86 -6.80
CA GLY B 289 26.63 -29.47 -7.21
C GLY B 289 28.00 -29.04 -7.70
N VAL B 290 28.01 -28.05 -8.59
CA VAL B 290 29.21 -27.40 -9.07
C VAL B 290 29.69 -26.44 -7.99
N LYS B 291 30.93 -26.62 -7.54
CA LYS B 291 31.49 -25.87 -6.42
C LYS B 291 32.33 -24.66 -6.83
N GLU B 292 32.83 -24.64 -8.07
CA GLU B 292 33.76 -23.56 -8.47
C GLU B 292 33.02 -22.20 -8.46
N ASN B 293 33.75 -21.19 -8.00
CA ASN B 293 33.23 -19.86 -7.90
C ASN B 293 33.09 -19.23 -9.31
N PRO B 294 31.90 -18.76 -9.68
CA PRO B 294 31.73 -18.06 -10.96
C PRO B 294 31.82 -16.52 -10.90
N TYR B 295 32.02 -15.96 -9.71
CA TYR B 295 31.96 -14.51 -9.48
C TYR B 295 33.37 -13.90 -9.32
N THR B 296 33.77 -13.08 -10.29
CA THR B 296 35.03 -12.35 -10.21
C THR B 296 35.11 -11.47 -8.95
N PHE B 297 34.03 -10.87 -8.51
CA PHE B 297 34.10 -9.97 -7.35
C PHE B 297 34.46 -10.75 -6.07
N VAL B 298 34.00 -12.00 -6.00
CA VAL B 298 34.25 -12.88 -4.85
C VAL B 298 35.75 -13.25 -4.80
N LYS B 299 36.31 -13.59 -5.96
CA LYS B 299 37.75 -13.84 -6.07
C LYS B 299 38.56 -12.61 -5.66
N ASP B 300 38.21 -11.45 -6.23
CA ASP B 300 38.98 -10.23 -5.99
C ASP B 300 38.89 -9.81 -4.51
N LEU B 301 37.67 -9.84 -3.94
CA LEU B 301 37.48 -9.50 -2.58
C LEU B 301 38.25 -10.48 -1.65
N ALA B 302 38.17 -11.79 -1.95
CA ALA B 302 38.91 -12.79 -1.18
C ALA B 302 40.43 -12.50 -1.20
N GLU B 303 40.91 -12.03 -2.34
CA GLU B 303 42.30 -11.68 -2.53
C GLU B 303 42.69 -10.26 -2.02
N GLY B 304 41.76 -9.53 -1.43
CA GLY B 304 42.03 -8.18 -0.93
C GLY B 304 42.29 -7.18 -2.04
N LYS B 305 41.71 -7.44 -3.20
CA LYS B 305 41.93 -6.64 -4.40
C LYS B 305 40.61 -6.33 -5.12
N TYR B 306 39.51 -6.22 -4.37
CA TYR B 306 38.26 -5.74 -4.97
C TYR B 306 38.47 -4.31 -5.49
N LYS B 307 38.19 -4.09 -6.76
CA LYS B 307 38.42 -2.79 -7.38
C LYS B 307 37.43 -2.61 -8.53
N VAL B 308 36.46 -1.73 -8.34
CA VAL B 308 35.46 -1.48 -9.39
C VAL B 308 36.14 -0.84 -10.62
N PRO B 309 35.63 -1.13 -11.83
CA PRO B 309 36.38 -0.68 -13.03
C PRO B 309 36.38 0.84 -13.24
N TRP B 310 35.52 1.57 -12.54
CA TRP B 310 35.45 3.04 -12.61
C TRP B 310 36.11 3.71 -11.38
N GLU B 311 36.88 2.95 -10.58
CA GLU B 311 37.37 3.46 -9.29
C GLU B 311 38.17 4.75 -9.40
N ASP B 312 38.98 4.89 -10.45
CA ASP B 312 39.79 6.10 -10.64
C ASP B 312 38.97 7.39 -10.78
N GLU B 313 37.70 7.28 -11.21
CA GLU B 313 36.83 8.44 -11.45
C GLU B 313 35.89 8.74 -10.30
N ILE B 314 35.93 7.94 -9.23
CA ILE B 314 35.08 8.18 -8.07
C ILE B 314 35.56 9.47 -7.38
N LYS B 315 34.61 10.35 -7.07
CA LYS B 315 34.91 11.69 -6.57
C LYS B 315 35.11 11.74 -5.06
N VAL B 316 34.39 10.92 -4.31
CA VAL B 316 34.44 10.95 -2.86
C VAL B 316 35.21 9.72 -2.36
N LYS B 317 36.47 9.94 -1.96
CA LYS B 317 37.36 8.90 -1.46
C LYS B 317 38.03 9.22 -0.12
N ASP B 318 37.63 10.31 0.51
CA ASP B 318 38.18 10.68 1.83
C ASP B 318 37.08 11.46 2.53
N GLY B 319 37.38 11.96 3.72
CA GLY B 319 36.40 12.67 4.52
C GLY B 319 36.42 14.18 4.35
N SER B 320 37.11 14.71 3.34
CA SER B 320 37.28 16.17 3.20
C SER B 320 35.96 16.93 3.00
N ILE B 321 34.98 16.31 2.34
CA ILE B 321 33.69 16.97 2.13
C ILE B 321 32.97 17.28 3.45
N TYR B 322 33.25 16.49 4.49
CA TYR B 322 32.75 16.75 5.84
C TYR B 322 33.77 17.42 6.79
N GLY B 323 34.87 17.94 6.23
CA GLY B 323 35.90 18.63 7.01
C GLY B 323 36.93 17.75 7.72
N TYR B 324 36.98 16.45 7.45
CA TYR B 324 38.04 15.59 8.00
C TYR B 324 39.34 15.88 7.23
N PRO B 325 40.47 16.12 7.94
CA PRO B 325 41.75 16.28 7.22
C PRO B 325 42.11 15.02 6.43
N VAL B 326 42.74 15.20 5.26
CA VAL B 326 43.16 14.10 4.40
C VAL B 326 44.65 13.78 4.62
N LYS B 327 44.99 12.49 4.75
CA LYS B 327 46.38 11.99 4.59
C LYS B 327 46.42 10.46 4.64
N GLY C 2 14.42 11.85 -10.85
CA GLY C 2 15.06 12.11 -9.50
C GLY C 2 15.46 10.83 -8.76
N SER C 3 15.89 11.01 -7.50
CA SER C 3 16.26 9.88 -6.63
C SER C 3 16.21 10.32 -5.17
N SER C 4 16.17 9.31 -4.28
CA SER C 4 16.23 9.57 -2.84
C SER C 4 17.60 10.16 -2.45
N GLY C 5 18.62 9.98 -3.32
CA GLY C 5 19.85 10.75 -3.27
C GLY C 5 20.81 10.41 -2.13
N SER C 6 21.86 11.22 -2.08
CA SER C 6 22.92 11.10 -1.10
C SER C 6 23.02 12.47 -0.36
N MET C 7 24.23 12.96 -0.12
CA MET C 7 24.44 14.29 0.51
C MET C 7 25.37 15.18 -0.34
N VAL C 8 25.47 14.84 -1.65
CA VAL C 8 26.35 15.51 -2.62
C VAL C 8 25.52 16.28 -3.66
N LYS C 9 26.18 17.25 -4.32
CA LYS C 9 25.61 17.90 -5.48
C LYS C 9 25.68 16.88 -6.62
N PRO C 10 24.52 16.43 -7.14
CA PRO C 10 24.60 15.45 -8.25
C PRO C 10 25.16 16.07 -9.55
N ILE C 11 25.73 15.22 -10.40
CA ILE C 11 26.31 15.67 -11.67
C ILE C 11 25.26 16.31 -12.60
N SER C 12 24.04 15.78 -12.59
N SER C 12 24.00 15.83 -12.57
CA SER C 12 22.94 16.37 -13.30
CA SER C 12 22.86 16.42 -13.39
C SER C 12 22.09 16.76 -12.05
C SER C 12 21.63 17.19 -12.80
N GLY C 13 21.82 18.03 -11.83
CA GLY C 13 20.69 18.42 -11.03
C GLY C 13 21.17 18.93 -9.69
N PHE C 14 20.30 18.83 -8.70
CA PHE C 14 20.56 19.46 -7.41
C PHE C 14 19.92 18.68 -6.30
N LEU C 15 20.44 18.91 -5.11
CA LEU C 15 19.94 18.30 -3.88
C LEU C 15 19.09 19.31 -3.12
N THR C 16 17.91 18.88 -2.70
N THR C 16 17.90 18.87 -2.70
CA THR C 16 16.98 19.69 -1.93
CA THR C 16 16.97 19.67 -1.90
C THR C 16 16.71 19.07 -0.55
C THR C 16 16.73 19.06 -0.54
N ALA C 17 16.46 19.92 0.43
CA ALA C 17 16.00 19.52 1.76
C ALA C 17 14.71 20.28 2.08
N LEU C 18 13.67 19.53 2.39
CA LEU C 18 12.36 20.07 2.75
C LEU C 18 12.21 19.88 4.24
N ILE C 19 11.93 20.97 4.96
CA ILE C 19 11.93 20.94 6.41
C ILE C 19 10.51 20.91 6.96
N GLN C 20 10.14 19.82 7.64
CA GLN C 20 8.81 19.75 8.31
C GLN C 20 8.89 20.52 9.61
N TYR C 21 8.99 21.83 9.45
CA TYR C 21 9.28 22.75 10.55
C TYR C 21 8.15 22.70 11.58
N PRO C 22 8.48 22.70 12.89
CA PRO C 22 7.39 22.63 13.87
C PRO C 22 6.52 23.84 13.79
N VAL C 23 5.21 23.63 13.89
CA VAL C 23 4.29 24.77 13.83
C VAL C 23 4.59 25.71 15.02
N PRO C 24 4.82 27.00 14.75
CA PRO C 24 5.14 27.90 15.87
C PRO C 24 3.88 28.29 16.61
N VAL C 25 4.00 28.48 17.91
CA VAL C 25 2.98 29.13 18.71
C VAL C 25 3.53 30.49 19.05
N VAL C 26 2.95 31.53 18.46
CA VAL C 26 3.54 32.87 18.44
C VAL C 26 2.61 33.85 19.12
N GLU C 27 3.08 34.44 20.22
CA GLU C 27 2.27 35.39 21.01
C GLU C 27 2.72 36.84 20.91
N SER C 28 3.90 37.10 20.34
CA SER C 28 4.41 38.46 20.25
C SER C 28 5.50 38.52 19.19
N ARG C 29 5.96 39.73 18.93
CA ARG C 29 7.06 39.92 18.01
C ARG C 29 8.32 39.18 18.46
N ALA C 30 8.58 39.14 19.78
CA ALA C 30 9.73 38.39 20.29
C ALA C 30 9.70 36.94 19.83
N ASP C 31 8.51 36.33 19.78
CA ASP C 31 8.37 34.96 19.29
C ASP C 31 8.69 34.85 17.78
N ILE C 32 8.35 35.86 17.01
CA ILE C 32 8.68 35.90 15.59
C ILE C 32 10.20 35.93 15.43
N ASP C 33 10.85 36.79 16.23
CA ASP C 33 12.31 36.82 16.23
C ASP C 33 12.93 35.47 16.55
N LYS C 34 12.35 34.78 17.51
CA LYS C 34 12.77 33.46 17.88
C LYS C 34 12.66 32.47 16.68
N GLN C 35 11.55 32.51 15.95
CA GLN C 35 11.40 31.65 14.79
C GLN C 35 12.44 31.99 13.74
N ILE C 36 12.71 33.27 13.54
CA ILE C 36 13.72 33.68 12.59
C ILE C 36 15.08 33.07 12.95
N GLN C 37 15.47 33.15 14.22
CA GLN C 37 16.70 32.55 14.69
C GLN C 37 16.74 31.04 14.47
N GLN C 38 15.62 30.37 14.74
CA GLN C 38 15.51 28.92 14.55
C GLN C 38 15.65 28.49 13.08
N ILE C 39 14.99 29.22 12.20
CA ILE C 39 15.07 29.00 10.77
C ILE C 39 16.52 29.15 10.28
N ILE C 40 17.16 30.21 10.73
CA ILE C 40 18.55 30.49 10.36
C ILE C 40 19.51 29.41 10.86
N LYS C 41 19.32 29.00 12.11
CA LYS C 41 20.06 27.87 12.67
C LYS C 41 19.89 26.63 11.81
N THR C 42 18.66 26.37 11.38
CA THR C 42 18.33 25.21 10.56
C THR C 42 18.99 25.26 9.19
N ILE C 43 19.10 26.45 8.58
CA ILE C 43 19.83 26.58 7.32
C ILE C 43 21.28 26.08 7.48
N HIS C 44 21.98 26.59 8.48
CA HIS C 44 23.37 26.23 8.71
C HIS C 44 23.55 24.76 9.09
N SER C 45 22.72 24.26 9.99
CA SER C 45 22.86 22.86 10.42
CA SER C 45 22.83 22.90 10.44
C SER C 45 22.54 21.90 9.29
N THR C 46 21.55 22.22 8.48
CA THR C 46 21.16 21.31 7.39
C THR C 46 22.27 21.28 6.34
N LYS C 47 22.86 22.43 6.03
CA LYS C 47 24.00 22.50 5.12
CA LYS C 47 24.00 22.50 5.12
C LYS C 47 25.21 21.70 5.65
N SER C 48 25.42 21.73 6.97
CA SER C 48 26.53 20.96 7.56
CA SER C 48 26.52 20.99 7.59
C SER C 48 26.27 19.48 7.42
N GLY C 49 25.01 19.08 7.54
CA GLY C 49 24.69 17.67 7.41
C GLY C 49 24.68 17.15 5.98
N TYR C 50 24.33 18.03 5.04
CA TYR C 50 24.21 17.70 3.64
C TYR C 50 25.06 18.69 2.81
N PRO C 51 26.36 18.41 2.67
CA PRO C 51 27.25 19.45 2.08
C PRO C 51 26.92 19.85 0.64
N GLY C 52 26.28 18.96 -0.12
CA GLY C 52 25.89 19.27 -1.50
C GLY C 52 24.57 20.01 -1.63
N LEU C 53 23.91 20.32 -0.52
CA LEU C 53 22.61 20.98 -0.52
C LEU C 53 22.64 22.29 -1.31
N GLU C 54 21.67 22.47 -2.19
CA GLU C 54 21.48 23.74 -2.89
C GLU C 54 20.13 24.42 -2.69
N LEU C 55 19.09 23.70 -2.24
CA LEU C 55 17.77 24.29 -2.06
C LEU C 55 17.16 23.81 -0.77
N ILE C 56 16.93 24.74 0.16
CA ILE C 56 16.27 24.41 1.43
C ILE C 56 14.92 25.09 1.44
N VAL C 57 13.87 24.36 1.84
CA VAL C 57 12.50 24.85 1.76
C VAL C 57 11.84 24.82 3.14
N PHE C 58 11.33 25.97 3.57
CA PHE C 58 10.58 26.09 4.83
C PHE C 58 9.10 26.24 4.55
N PRO C 59 8.26 25.74 5.45
CA PRO C 59 6.83 25.84 5.20
C PRO C 59 6.19 27.22 5.40
N GLU C 60 5.00 27.36 4.84
CA GLU C 60 4.11 28.50 5.14
C GLU C 60 3.95 28.65 6.65
N TYR C 61 3.97 29.90 7.11
CA TYR C 61 3.81 30.27 8.52
C TYR C 61 4.96 29.88 9.43
N SER C 62 6.09 29.43 8.87
CA SER C 62 7.24 29.06 9.68
C SER C 62 7.82 30.28 10.43
N THR C 63 7.68 31.50 9.87
CA THR C 63 8.19 32.72 10.51
C THR C 63 7.26 33.26 11.61
N GLN C 64 5.96 33.24 11.34
CA GLN C 64 5.02 33.96 12.18
C GLN C 64 3.93 33.13 12.87
N GLY C 65 3.81 31.85 12.54
CA GLY C 65 2.74 31.02 13.10
C GLY C 65 1.37 31.37 12.58
N LEU C 66 0.36 30.80 13.25
CA LEU C 66 -1.07 30.99 12.89
C LEU C 66 -1.85 31.44 14.12
N ASN C 67 -1.42 32.54 14.73
CA ASN C 67 -2.16 33.10 15.83
C ASN C 67 -3.29 33.89 15.19
N THR C 68 -4.44 33.24 15.07
CA THR C 68 -5.55 33.84 14.29
C THR C 68 -6.14 35.08 14.96
N LYS C 69 -5.81 35.30 16.25
CA LYS C 69 -6.28 36.49 16.95
C LYS C 69 -5.35 37.71 16.78
N LYS C 70 -4.14 37.49 16.28
CA LYS C 70 -3.15 38.56 16.16
C LYS C 70 -2.48 38.66 14.79
N TRP C 71 -2.79 37.75 13.88
CA TRP C 71 -1.96 37.62 12.68
C TRP C 71 -2.01 38.75 11.66
N THR C 72 -3.03 39.60 11.74
CA THR C 72 -3.10 40.78 10.88
C THR C 72 -2.80 42.07 11.66
N THR C 73 -2.36 41.99 12.91
CA THR C 73 -1.92 43.18 13.65
C THR C 73 -0.55 43.62 13.10
N GLU C 74 -0.24 44.91 13.29
CA GLU C 74 1.04 45.47 12.79
C GLU C 74 2.22 44.73 13.40
N GLU C 75 2.12 44.42 14.69
CA GLU C 75 3.17 43.67 15.41
C GLU C 75 3.55 42.34 14.72
N PHE C 76 2.59 41.69 14.07
CA PHE C 76 2.79 40.36 13.48
C PHE C 76 3.10 40.36 11.97
N LEU C 77 3.16 41.54 11.35
CA LEU C 77 3.39 41.64 9.90
C LEU C 77 4.77 42.25 9.62
N CYS C 78 5.27 41.99 8.41
CA CYS C 78 6.58 42.46 7.98
C CYS C 78 6.53 43.04 6.57
N THR C 79 7.53 43.84 6.20
CA THR C 79 7.67 44.28 4.83
C THR C 79 8.51 43.24 4.11
N VAL C 80 8.30 43.12 2.82
CA VAL C 80 9.03 42.17 1.98
C VAL C 80 9.53 42.94 0.76
N PRO C 81 10.84 43.17 0.65
CA PRO C 81 11.90 42.81 1.60
C PRO C 81 11.83 43.65 2.87
N GLY C 82 12.49 43.16 3.91
CA GLY C 82 12.60 43.86 5.17
C GLY C 82 13.72 43.30 5.98
N PRO C 83 13.87 43.74 7.24
CA PRO C 83 14.95 43.22 8.10
C PRO C 83 14.94 41.70 8.29
N GLU C 84 13.75 41.12 8.28
CA GLU C 84 13.61 39.69 8.44
C GLU C 84 14.12 38.94 7.22
N THR C 85 13.67 39.33 6.02
CA THR C 85 14.20 38.68 4.82
C THR C 85 15.69 38.96 4.66
N ASP C 86 16.16 40.09 5.17
CA ASP C 86 17.61 40.39 5.14
C ASP C 86 18.39 39.37 5.95
N LEU C 87 17.86 38.98 7.11
CA LEU C 87 18.52 37.97 7.95
C LEU C 87 18.51 36.60 7.26
N PHE C 88 17.39 36.23 6.66
CA PHE C 88 17.33 34.99 5.88
C PHE C 88 18.35 35.03 4.73
N ALA C 89 18.45 36.18 4.07
CA ALA C 89 19.36 36.34 2.94
C ALA C 89 20.82 36.18 3.34
N GLU C 90 21.20 36.79 4.46
CA GLU C 90 22.55 36.65 4.96
C GLU C 90 22.87 35.16 5.24
N ALA C 91 21.91 34.42 5.79
CA ALA C 91 22.09 33.02 6.09
C ALA C 91 22.23 32.19 4.80
N CYS C 92 21.42 32.49 3.78
CA CYS C 92 21.57 31.83 2.48
C CYS C 92 22.93 32.10 1.85
N LYS C 93 23.40 33.34 1.99
CA LYS C 93 24.71 33.71 1.48
C LYS C 93 25.83 32.94 2.21
N GLU C 94 25.79 32.94 3.52
CA GLU C 94 26.78 32.23 4.33
C GLU C 94 26.85 30.72 4.08
N SER C 95 25.69 30.06 3.97
CA SER C 95 25.63 28.64 3.66
C SER C 95 25.65 28.32 2.16
N LYS C 96 25.59 29.32 1.29
CA LYS C 96 25.60 29.13 -0.16
C LYS C 96 24.48 28.22 -0.64
N VAL C 97 23.25 28.55 -0.26
CA VAL C 97 22.09 27.84 -0.66
C VAL C 97 21.00 28.78 -1.14
N TYR C 98 20.11 28.24 -1.96
CA TYR C 98 18.85 28.86 -2.25
C TYR C 98 17.93 28.50 -1.07
N GLY C 99 17.17 29.47 -0.60
CA GLY C 99 16.18 29.24 0.44
C GLY C 99 14.81 29.80 0.10
N VAL C 100 13.78 29.12 0.60
CA VAL C 100 12.38 29.48 0.36
C VAL C 100 11.75 29.75 1.73
N PHE C 101 11.15 30.92 1.88
CA PHE C 101 10.66 31.44 3.17
C PHE C 101 9.27 31.98 3.03
N SER C 102 8.57 32.02 4.16
CA SER C 102 7.21 32.49 4.24
C SER C 102 7.12 33.74 5.13
N ILE C 103 6.52 34.83 4.61
CA ILE C 103 6.30 36.03 5.38
C ILE C 103 4.91 36.56 5.15
N MET C 104 4.19 36.81 6.24
CA MET C 104 2.94 37.55 6.16
C MET C 104 3.30 39.03 6.08
N GLU C 105 2.83 39.65 5.00
CA GLU C 105 3.36 40.91 4.48
C GLU C 105 2.35 42.05 4.67
N LYS C 106 2.79 43.10 5.33
CA LYS C 106 2.03 44.34 5.40
C LYS C 106 1.74 44.86 3.98
N ASN C 107 0.51 45.25 3.74
CA ASN C 107 0.10 45.81 2.46
C ASN C 107 0.63 47.21 2.34
N PRO C 108 1.47 47.50 1.32
CA PRO C 108 2.01 48.86 1.23
C PRO C 108 0.97 50.02 1.14
N ASP C 109 -0.27 49.77 0.73
CA ASP C 109 -1.30 50.82 0.73
C ASP C 109 -2.18 50.91 1.99
N GLY C 110 -1.90 50.09 2.98
CA GLY C 110 -2.66 50.09 4.19
C GLY C 110 -3.87 49.17 4.18
N GLY C 111 -4.13 48.46 3.08
CA GLY C 111 -5.22 47.52 3.00
C GLY C 111 -4.88 46.18 3.64
N GLU C 112 -5.61 45.14 3.22
CA GLU C 112 -5.44 43.87 3.85
C GLU C 112 -4.08 43.24 3.48
N PRO C 113 -3.46 42.53 4.44
CA PRO C 113 -2.11 42.00 4.23
C PRO C 113 -2.11 40.82 3.30
N TYR C 114 -0.94 40.53 2.78
CA TYR C 114 -0.68 39.39 1.90
C TYR C 114 0.02 38.26 2.61
N ASN C 115 -0.12 37.07 2.04
CA ASN C 115 0.58 35.89 2.48
C ASN C 115 1.63 35.65 1.38
N THR C 116 2.90 35.82 1.74
CA THR C 116 3.98 35.94 0.78
C THR C 116 5.07 34.87 0.95
N ALA C 117 5.63 34.46 -0.17
CA ALA C 117 6.77 33.54 -0.23
C ALA C 117 7.86 34.17 -1.05
N VAL C 118 9.10 33.91 -0.67
CA VAL C 118 10.23 34.41 -1.39
C VAL C 118 11.25 33.30 -1.62
N ILE C 119 12.04 33.46 -2.67
CA ILE C 119 13.22 32.66 -2.90
C ILE C 119 14.41 33.57 -2.89
N ILE C 120 15.39 33.20 -2.11
CA ILE C 120 16.64 33.92 -2.01
C ILE C 120 17.74 33.00 -2.50
N ASP C 121 18.67 33.56 -3.26
CA ASP C 121 19.73 32.77 -3.90
C ASP C 121 21.01 32.67 -3.00
N PRO C 122 22.04 31.92 -3.46
CA PRO C 122 23.26 31.75 -2.66
C PRO C 122 24.12 32.99 -2.52
N GLN C 123 23.82 34.04 -3.27
CA GLN C 123 24.47 35.33 -3.10
C GLN C 123 23.64 36.27 -2.18
N GLY C 124 22.54 35.78 -1.63
CA GLY C 124 21.71 36.57 -0.74
C GLY C 124 20.78 37.54 -1.45
N GLU C 125 20.54 37.33 -2.73
CA GLU C 125 19.62 38.17 -3.50
C GLU C 125 18.23 37.52 -3.54
N MET C 126 17.19 38.33 -3.32
CA MET C 126 15.84 37.88 -3.48
C MET C 126 15.49 37.80 -4.97
N ILE C 127 15.27 36.59 -5.48
CA ILE C 127 15.04 36.38 -6.91
C ILE C 127 13.61 36.04 -7.26
N LEU C 128 12.75 35.90 -6.25
CA LEU C 128 11.35 35.61 -6.48
C LEU C 128 10.55 36.08 -5.29
N LYS C 129 9.45 36.78 -5.58
CA LYS C 129 8.45 37.19 -4.59
C LYS C 129 7.06 36.84 -5.13
N TYR C 130 6.30 36.09 -4.33
CA TYR C 130 5.01 35.59 -4.72
C TYR C 130 3.99 35.87 -3.59
N ARG C 131 2.83 36.39 -3.95
CA ARG C 131 1.71 36.58 -2.99
C ARG C 131 0.63 35.54 -3.27
N LYS C 132 0.29 34.76 -2.24
CA LYS C 132 -0.68 33.69 -2.31
C LYS C 132 -1.92 34.10 -3.09
N LEU C 133 -2.14 33.41 -4.22
CA LEU C 133 -3.28 33.72 -5.09
C LEU C 133 -4.63 33.29 -4.51
N ASN C 134 -4.61 32.19 -3.77
CA ASN C 134 -5.82 31.52 -3.27
C ASN C 134 -5.81 31.35 -1.75
N PRO C 135 -6.03 32.45 -0.99
CA PRO C 135 -6.15 32.28 0.46
C PRO C 135 -7.13 31.16 0.86
N TRP C 136 -6.83 30.51 1.98
CA TRP C 136 -7.63 29.41 2.49
C TRP C 136 -8.85 29.97 3.25
N VAL C 137 -9.85 30.33 2.45
CA VAL C 137 -11.10 30.92 2.94
C VAL C 137 -12.07 29.84 3.39
N PRO C 138 -12.86 30.10 4.44
CA PRO C 138 -13.04 31.32 5.20
C PRO C 138 -12.12 31.59 6.43
N VAL C 139 -11.13 30.75 6.68
CA VAL C 139 -10.30 30.88 7.88
C VAL C 139 -9.22 31.98 7.70
N GLU C 140 -8.74 32.16 6.48
CA GLU C 140 -7.64 33.10 6.22
C GLU C 140 -8.10 34.49 5.79
N PRO C 141 -7.47 35.55 6.36
CA PRO C 141 -7.86 36.93 6.07
C PRO C 141 -7.05 37.57 4.94
N TRP C 142 -6.13 36.84 4.33
CA TRP C 142 -5.16 37.43 3.42
C TRP C 142 -5.82 37.93 2.11
N LYS C 143 -5.28 39.02 1.60
N LYS C 143 -5.28 39.02 1.60
CA LYS C 143 -5.69 39.56 0.31
CA LYS C 143 -5.69 39.56 0.31
C LYS C 143 -5.25 38.64 -0.81
C LYS C 143 -5.25 38.63 -0.80
N ALA C 144 -6.11 38.44 -1.80
CA ALA C 144 -5.76 37.61 -2.94
C ALA C 144 -4.54 38.19 -3.64
N GLY C 145 -3.58 37.33 -3.94
CA GLY C 145 -2.33 37.82 -4.53
C GLY C 145 -2.48 38.52 -5.86
N ASP C 146 -1.61 39.49 -6.10
CA ASP C 146 -1.68 40.39 -7.26
C ASP C 146 -0.41 40.38 -8.10
N LEU C 147 0.50 39.44 -7.87
CA LEU C 147 1.78 39.39 -8.63
C LEU C 147 1.81 38.25 -9.63
N GLY C 148 0.68 37.62 -9.90
CA GLY C 148 0.65 36.41 -10.73
C GLY C 148 1.46 35.31 -10.06
N LEU C 149 1.96 34.40 -10.88
CA LEU C 149 2.77 33.27 -10.44
C LEU C 149 4.14 33.37 -11.13
N PRO C 150 5.15 33.95 -10.43
CA PRO C 150 6.43 34.18 -11.10
C PRO C 150 7.28 32.93 -11.14
N VAL C 151 8.31 32.98 -11.97
N VAL C 151 8.32 32.99 -11.96
CA VAL C 151 9.30 31.91 -12.07
CA VAL C 151 9.29 31.91 -12.06
C VAL C 151 10.68 32.53 -11.95
C VAL C 151 10.68 32.52 -11.98
N CYS C 152 11.66 31.76 -11.51
CA CYS C 152 13.05 32.23 -11.50
C CYS C 152 13.99 31.10 -11.84
N ASP C 153 15.24 31.45 -12.14
CA ASP C 153 16.30 30.43 -12.29
C ASP C 153 16.78 29.91 -10.94
N GLY C 154 16.94 28.61 -10.86
CA GLY C 154 17.38 27.97 -9.63
C GLY C 154 18.62 27.14 -9.85
N PRO C 155 18.98 26.29 -8.87
CA PRO C 155 20.17 25.47 -9.02
C PRO C 155 19.95 24.33 -10.03
N GLY C 156 21.04 23.79 -10.55
CA GLY C 156 21.02 22.57 -11.36
C GLY C 156 20.17 22.64 -12.60
N GLY C 157 20.12 23.81 -13.24
CA GLY C 157 19.29 24.03 -14.43
C GLY C 157 17.79 24.14 -14.16
N SER C 158 17.39 24.30 -12.90
CA SER C 158 15.98 24.40 -12.58
C SER C 158 15.41 25.79 -12.97
N LYS C 159 14.13 25.78 -13.28
CA LYS C 159 13.29 26.97 -13.33
C LYS C 159 12.27 26.74 -12.25
N LEU C 160 12.35 27.54 -11.18
CA LEU C 160 11.53 27.37 -9.99
C LEU C 160 10.30 28.28 -9.99
N ALA C 161 9.19 27.72 -9.53
CA ALA C 161 8.03 28.52 -9.11
C ALA C 161 7.68 28.10 -7.70
N VAL C 162 7.08 29.01 -6.94
CA VAL C 162 6.52 28.71 -5.62
CA VAL C 162 6.53 28.67 -5.64
C VAL C 162 5.03 28.93 -5.61
N CYS C 163 4.33 28.07 -4.91
CA CYS C 163 2.94 28.32 -4.57
C CYS C 163 2.77 27.98 -3.09
N ILE C 164 1.65 28.42 -2.54
CA ILE C 164 1.42 28.33 -1.11
C ILE C 164 0.16 27.53 -0.78
N SCY C 165 0.35 26.40 -0.07
CA SCY C 165 -0.73 25.63 0.62
CB SCY C 165 -1.02 26.40 1.91
SG SCY C 165 -2.02 25.46 3.09
CD SCY C 165 -3.03 26.68 3.58
OCD SCY C 165 -3.71 27.27 2.77
CE SCY C 165 -3.01 27.11 4.98
C SCY C 165 -1.93 25.31 -0.27
O SCY C 165 -1.81 24.55 -1.24
N HIS C 166 -3.06 25.97 0.00
CA HIS C 166 -4.28 25.91 -0.78
C HIS C 166 -4.11 26.11 -2.30
N ASP C 167 -3.16 26.94 -2.72
CA ASP C 167 -2.86 27.14 -4.12
C ASP C 167 -2.71 25.81 -4.86
N GLY C 168 -2.06 24.84 -4.21
CA GLY C 168 -1.74 23.58 -4.86
C GLY C 168 -2.92 22.65 -5.07
N MET C 169 -4.11 23.03 -4.58
CA MET C 169 -5.32 22.30 -4.85
C MET C 169 -5.97 22.68 -6.18
N PHE C 170 -5.49 23.76 -6.78
CA PHE C 170 -5.97 24.26 -8.02
C PHE C 170 -5.01 23.81 -9.08
N PRO C 171 -5.47 22.94 -10.00
CA PRO C 171 -4.56 22.52 -11.08
C PRO C 171 -4.12 23.68 -11.96
N GLU C 172 -4.90 24.75 -11.98
CA GLU C 172 -4.56 25.95 -12.72
C GLU C 172 -3.25 26.59 -12.24
N VAL C 173 -2.95 26.45 -10.93
CA VAL C 173 -1.70 27.02 -10.39
C VAL C 173 -0.50 26.24 -10.94
N ALA C 174 -0.54 24.90 -10.83
CA ALA C 174 0.57 24.09 -11.38
C ALA C 174 0.73 24.27 -12.89
N ARG C 175 -0.38 24.35 -13.60
CA ARG C 175 -0.38 24.55 -15.05
C ARG C 175 0.28 25.88 -15.40
N GLU C 176 -0.11 26.93 -14.69
CA GLU C 176 0.50 28.26 -14.87
C GLU C 176 2.00 28.28 -14.64
N ALA C 177 2.44 27.63 -13.56
CA ALA C 177 3.89 27.52 -13.27
C ALA C 177 4.64 26.92 -14.46
N ALA C 178 4.13 25.79 -14.93
CA ALA C 178 4.72 25.10 -16.07
C ALA C 178 4.70 25.95 -17.35
N TYR C 179 3.57 26.61 -17.58
CA TYR C 179 3.41 27.47 -18.74
C TYR C 179 4.38 28.65 -18.74
N LYS C 180 4.70 29.16 -17.54
CA LYS C 180 5.69 30.20 -17.40
C LYS C 180 7.12 29.68 -17.54
N GLY C 181 7.31 28.36 -17.62
CA GLY C 181 8.63 27.74 -17.79
C GLY C 181 9.16 26.90 -16.64
N ALA C 182 8.46 26.88 -15.51
CA ALA C 182 8.94 26.13 -14.35
C ALA C 182 9.04 24.64 -14.67
N ASN C 183 10.16 24.03 -14.30
CA ASN C 183 10.28 22.57 -14.31
C ASN C 183 10.31 21.98 -12.90
N VAL C 184 10.25 22.85 -11.88
CA VAL C 184 10.14 22.45 -10.48
C VAL C 184 9.15 23.40 -9.80
N LEU C 185 8.06 22.85 -9.28
CA LEU C 185 7.08 23.61 -8.49
C LEU C 185 7.29 23.32 -7.03
N ILE C 186 7.45 24.38 -6.22
CA ILE C 186 7.69 24.27 -4.80
C ILE C 186 6.41 24.67 -4.11
N ARG C 187 5.91 23.84 -3.20
CA ARG C 187 4.67 24.15 -2.47
C ARG C 187 4.98 24.20 -1.00
N ILE C 188 4.88 25.38 -0.39
CA ILE C 188 5.12 25.55 1.05
C ILE C 188 3.74 25.70 1.73
N SER C 189 3.54 25.04 2.86
CA SER C 189 2.21 24.82 3.35
CA SER C 189 2.17 24.82 3.34
C SER C 189 2.04 24.77 4.86
N GLY C 190 0.85 25.20 5.33
CA GLY C 190 0.50 25.21 6.73
C GLY C 190 -0.88 24.65 6.95
N TYR C 191 -1.16 23.52 6.30
CA TYR C 191 -2.41 22.85 6.41
C TYR C 191 -2.55 22.03 7.69
N SER C 192 -3.79 21.95 8.15
CA SER C 192 -4.20 20.98 9.14
C SER C 192 -4.42 19.61 8.51
N THR C 193 -4.66 18.61 9.37
CA THR C 193 -4.87 17.21 8.93
C THR C 193 -6.09 16.94 8.03
N GLN C 194 -7.02 17.90 7.94
CA GLN C 194 -8.18 17.76 7.08
C GLN C 194 -7.89 17.28 5.63
N VAL C 195 -6.77 17.71 5.06
CA VAL C 195 -6.44 17.43 3.68
C VAL C 195 -5.21 16.55 3.48
N SER C 196 -4.82 15.76 4.48
CA SER C 196 -3.59 14.97 4.35
CA SER C 196 -3.62 14.95 4.36
C SER C 196 -3.53 14.12 3.08
N GLU C 197 -4.62 13.44 2.74
CA GLU C 197 -4.60 12.56 1.55
C GLU C 197 -4.59 13.36 0.28
N GLN C 198 -5.35 14.44 0.26
CA GLN C 198 -5.49 15.26 -0.92
C GLN C 198 -4.21 16.08 -1.20
N TRP C 199 -3.45 16.36 -0.15
CA TRP C 199 -2.08 16.91 -0.28
C TRP C 199 -1.19 16.00 -1.15
N MET C 200 -1.06 14.74 -0.76
CA MET C 200 -0.23 13.80 -1.52
C MET C 200 -0.74 13.61 -2.95
N LEU C 201 -2.06 13.51 -3.09
CA LEU C 201 -2.70 13.30 -4.38
C LEU C 201 -2.39 14.44 -5.37
N THR C 202 -2.56 15.69 -4.92
CA THR C 202 -2.36 16.85 -5.78
C THR C 202 -0.88 17.12 -6.06
N ASN C 203 0.00 16.79 -5.12
CA ASN C 203 1.43 16.91 -5.39
C ASN C 203 1.84 15.97 -6.54
N ARG C 204 1.22 14.81 -6.60
CA ARG C 204 1.46 13.86 -7.73
C ARG C 204 0.81 14.35 -9.04
N SER C 205 -0.43 14.82 -8.99
CA SER C 205 -1.15 15.22 -10.21
C SER C 205 -0.57 16.51 -10.78
N ASN C 206 -0.15 17.44 -9.91
CA ASN C 206 0.46 18.66 -10.32
C ASN C 206 1.76 18.41 -11.10
N ALA C 207 2.49 17.38 -10.69
CA ALA C 207 3.70 16.96 -11.36
C ALA C 207 3.37 16.32 -12.74
N TRP C 208 2.58 15.26 -12.72
CA TRP C 208 2.28 14.46 -13.93
C TRP C 208 1.68 15.31 -15.04
N GLN C 209 0.70 16.14 -14.68
CA GLN C 209 -0.06 16.87 -15.67
C GLN C 209 0.79 17.84 -16.47
N ASN C 210 1.90 18.26 -15.88
CA ASN C 210 2.76 19.29 -16.41
C ASN C 210 4.19 18.86 -16.74
N LEU C 211 4.48 17.56 -16.61
CA LEU C 211 5.85 17.04 -16.76
C LEU C 211 6.83 17.92 -15.96
N MET C 212 6.55 18.02 -14.67
CA MET C 212 7.21 18.94 -13.76
C MET C 212 7.49 18.24 -12.45
N TYR C 213 8.66 18.45 -11.86
CA TYR C 213 8.91 17.97 -10.51
C TYR C 213 8.08 18.80 -9.53
N THR C 214 7.62 18.15 -8.46
CA THR C 214 7.03 18.89 -7.34
C THR C 214 7.81 18.62 -6.05
N LEU C 215 8.11 19.68 -5.33
CA LEU C 215 8.75 19.64 -4.01
C LEU C 215 7.82 20.36 -3.04
N SER C 216 7.32 19.67 -2.03
CA SER C 216 6.21 20.18 -1.23
C SER C 216 6.41 19.82 0.25
N VAL C 217 6.15 20.78 1.14
CA VAL C 217 6.36 20.53 2.57
C VAL C 217 5.42 21.41 3.41
N ASN C 218 4.90 20.79 4.44
CA ASN C 218 3.97 21.39 5.36
C ASN C 218 4.61 21.45 6.76
N LEU C 219 4.12 22.39 7.56
CA LEU C 219 4.45 22.42 8.99
C LEU C 219 4.00 21.13 9.62
N ALA C 220 4.62 20.79 10.75
CA ALA C 220 4.23 19.60 11.49
C ALA C 220 4.04 19.89 12.97
N GLY C 221 3.12 19.18 13.61
CA GLY C 221 2.91 19.30 15.06
C GLY C 221 1.61 20.01 15.39
N TYR C 222 1.41 20.25 16.67
CA TYR C 222 0.17 20.78 17.21
C TYR C 222 0.40 22.18 17.71
N ASP C 223 -0.50 23.10 17.37
CA ASP C 223 -0.40 24.49 17.88
C ASP C 223 -1.45 24.86 18.91
N GLY C 224 -2.16 23.85 19.46
CA GLY C 224 -3.26 24.10 20.37
C GLY C 224 -4.62 24.15 19.71
N VAL C 225 -4.68 24.15 18.40
CA VAL C 225 -5.91 24.14 17.64
C VAL C 225 -5.90 23.01 16.59
N PHE C 226 -4.96 23.08 15.66
CA PHE C 226 -4.85 22.08 14.63
C PHE C 226 -3.56 21.27 14.81
N TYR C 227 -3.58 20.07 14.24
CA TYR C 227 -2.37 19.30 13.95
C TYR C 227 -2.02 19.49 12.49
N TYR C 228 -0.75 19.83 12.23
CA TYR C 228 -0.23 20.10 10.91
C TYR C 228 0.60 18.88 10.48
N PHE C 229 0.33 18.36 9.29
CA PHE C 229 0.72 17.00 8.97
C PHE C 229 2.15 16.75 8.47
N GLY C 230 2.93 17.78 8.14
CA GLY C 230 4.27 17.59 7.60
C GLY C 230 4.28 17.04 6.19
N GLU C 231 4.50 15.73 6.08
CA GLU C 231 4.40 15.01 4.79
C GLU C 231 5.15 15.65 3.65
N GLY C 232 6.40 16.03 3.91
CA GLY C 232 7.27 16.49 2.85
C GLY C 232 7.30 15.47 1.71
N GLN C 233 7.27 15.93 0.48
CA GLN C 233 7.05 15.04 -0.66
C GLN C 233 7.75 15.55 -1.91
N VAL C 234 8.48 14.65 -2.57
CA VAL C 234 9.13 14.92 -3.82
C VAL C 234 8.50 13.97 -4.84
N CYS C 235 7.96 14.55 -5.91
CA CYS C 235 7.40 13.76 -7.00
C CYS C 235 8.19 13.97 -8.30
N ASN C 236 8.45 12.86 -8.97
CA ASN C 236 9.06 12.82 -10.30
C ASN C 236 8.11 13.51 -11.29
N PHE C 237 8.66 13.93 -12.41
CA PHE C 237 7.90 14.60 -13.47
C PHE C 237 6.81 13.71 -14.11
N ASP C 238 6.83 12.41 -13.87
CA ASP C 238 5.74 11.51 -14.28
C ASP C 238 4.72 11.25 -13.17
N GLY C 239 4.83 11.99 -12.06
CA GLY C 239 3.90 11.84 -10.95
C GLY C 239 4.28 10.85 -9.88
N THR C 240 5.35 10.09 -10.08
CA THR C 240 5.76 9.06 -9.12
C THR C 240 6.36 9.71 -7.88
N THR C 241 5.89 9.33 -6.70
CA THR C 241 6.51 9.82 -5.46
C THR C 241 7.86 9.16 -5.29
N LEU C 242 8.90 9.99 -5.12
CA LEU C 242 10.26 9.53 -4.92
C LEU C 242 10.62 9.46 -3.43
N VAL C 243 10.12 10.37 -2.62
CA VAL C 243 10.41 10.39 -1.19
CA VAL C 243 10.42 10.34 -1.17
C VAL C 243 9.20 11.02 -0.49
N GLN C 244 8.88 10.51 0.69
CA GLN C 244 7.68 10.90 1.44
C GLN C 244 7.98 10.94 2.94
N GLY C 245 7.79 12.09 3.56
CA GLY C 245 7.92 12.23 5.00
C GLY C 245 6.63 11.79 5.67
N HIS C 246 6.75 11.53 6.97
CA HIS C 246 5.60 11.21 7.82
C HIS C 246 5.13 12.52 8.52
N ARG C 247 4.56 12.45 9.71
CA ARG C 247 3.91 13.64 10.32
C ARG C 247 4.66 14.24 11.50
N ASN C 248 5.96 13.97 11.58
CA ASN C 248 6.74 14.41 12.74
C ASN C 248 7.34 15.75 12.57
N PRO C 249 7.28 16.59 13.63
CA PRO C 249 8.07 17.79 13.65
C PRO C 249 9.56 17.51 13.43
N TRP C 250 10.17 18.34 12.60
CA TRP C 250 11.60 18.32 12.28
C TRP C 250 12.04 17.22 11.33
N GLU C 251 11.14 16.42 10.78
CA GLU C 251 11.58 15.51 9.69
C GLU C 251 12.12 16.31 8.54
N ILE C 252 13.25 15.84 7.99
CA ILE C 252 13.87 16.45 6.83
CA ILE C 252 13.87 16.45 6.84
C ILE C 252 13.70 15.47 5.68
N VAL C 253 13.17 15.96 4.57
CA VAL C 253 12.95 15.14 3.39
C VAL C 253 13.91 15.65 2.34
N THR C 254 14.84 14.81 1.90
CA THR C 254 15.80 15.19 0.89
C THR C 254 15.62 14.36 -0.41
N ALA C 255 16.07 14.92 -1.51
CA ALA C 255 16.09 14.20 -2.79
C ALA C 255 17.00 14.90 -3.80
N GLU C 256 17.52 14.13 -4.75
CA GLU C 256 18.14 14.63 -5.95
C GLU C 256 17.05 14.84 -6.98
N VAL C 257 17.09 15.98 -7.65
CA VAL C 257 16.14 16.35 -8.69
C VAL C 257 16.96 16.66 -9.96
N TYR C 258 16.47 16.22 -11.13
CA TYR C 258 17.21 16.40 -12.40
C TYR C 258 16.34 17.18 -13.40
N PRO C 259 16.31 18.51 -13.26
CA PRO C 259 15.42 19.33 -14.12
C PRO C 259 15.49 19.10 -15.61
N GLU C 260 16.68 18.82 -16.11
N GLU C 260 16.69 18.82 -16.12
CA GLU C 260 16.87 18.57 -17.53
CA GLU C 260 16.85 18.57 -17.54
C GLU C 260 16.06 17.36 -18.05
C GLU C 260 16.05 17.36 -18.05
N LEU C 261 15.79 16.37 -17.19
CA LEU C 261 14.94 15.23 -17.58
C LEU C 261 13.50 15.63 -17.84
N ALA C 262 12.99 16.58 -17.05
CA ALA C 262 11.66 17.12 -17.29
C ALA C 262 11.65 17.95 -18.55
N ASP C 263 12.66 18.81 -18.74
CA ASP C 263 12.75 19.59 -19.99
C ASP C 263 12.79 18.64 -21.21
N GLN C 264 13.55 17.55 -21.09
CA GLN C 264 13.69 16.60 -22.20
C GLN C 264 12.41 15.87 -22.53
N ALA C 265 11.63 15.54 -21.51
CA ALA C 265 10.34 14.90 -21.72
C ALA C 265 9.39 15.90 -22.41
N ARG C 266 9.42 17.14 -21.95
CA ARG C 266 8.66 18.20 -22.65
C ARG C 266 9.04 18.35 -24.12
N LEU C 267 10.33 18.25 -24.46
CA LEU C 267 10.74 18.38 -25.85
C LEU C 267 10.47 17.11 -26.65
N GLY C 268 10.51 15.95 -25.97
CA GLY C 268 10.62 14.67 -26.64
C GLY C 268 9.35 13.87 -26.69
N TRP C 269 8.53 13.93 -25.64
CA TRP C 269 7.38 13.04 -25.53
C TRP C 269 6.38 13.29 -26.68
N GLY C 270 5.80 12.19 -27.17
CA GLY C 270 4.70 12.22 -28.14
C GLY C 270 3.41 12.04 -27.36
N LEU C 271 3.02 10.79 -27.17
CA LEU C 271 1.85 10.43 -26.35
C LEU C 271 2.07 10.97 -24.93
N GLU C 272 1.09 11.73 -24.45
CA GLU C 272 1.09 12.33 -23.10
C GLU C 272 1.95 13.57 -22.93
N ASN C 273 2.29 14.24 -24.02
CA ASN C 273 2.89 15.54 -23.92
C ASN C 273 1.78 16.58 -23.70
N ASN C 274 1.23 16.55 -22.51
CA ASN C 274 -0.05 17.19 -22.24
C ASN C 274 0.03 18.72 -22.10
N ILE C 275 1.14 19.19 -21.52
CA ILE C 275 1.45 20.63 -21.41
C ILE C 275 1.46 21.31 -22.81
N TYR C 276 1.92 20.59 -23.84
CA TYR C 276 1.81 21.06 -25.21
C TYR C 276 0.42 20.79 -25.80
N ASN C 277 -0.10 19.58 -25.60
CA ASN C 277 -1.37 19.19 -26.22
C ASN C 277 -2.55 20.11 -25.83
N LEU C 278 -2.51 20.71 -24.65
CA LEU C 278 -3.65 21.45 -24.09
C LEU C 278 -4.18 22.49 -25.07
N GLY C 279 -3.26 23.22 -25.68
CA GLY C 279 -3.63 24.31 -26.57
C GLY C 279 -3.44 24.09 -28.05
N SER C 280 -3.12 22.86 -28.44
CA SER C 280 -2.95 22.48 -29.86
C SER C 280 -3.51 21.05 -30.04
N ARG C 281 -4.80 20.96 -30.24
CA ARG C 281 -5.53 19.69 -30.18
C ARG C 281 -5.64 18.99 -31.53
N GLY C 282 -5.52 17.68 -31.53
CA GLY C 282 -5.76 16.87 -32.71
C GLY C 282 -4.86 17.25 -33.88
N TYR C 283 -3.56 17.40 -33.63
CA TYR C 283 -2.63 17.85 -34.69
C TYR C 283 -2.40 16.86 -35.85
N VAL C 284 -2.82 15.60 -35.73
CA VAL C 284 -2.71 14.67 -36.85
C VAL C 284 -3.79 14.99 -37.89
N ALA C 285 -5.02 15.21 -37.42
CA ALA C 285 -6.12 15.62 -38.31
C ALA C 285 -6.00 17.06 -38.81
N THR C 286 -5.51 17.96 -37.97
CA THR C 286 -5.41 19.39 -38.28
C THR C 286 -3.97 19.86 -38.05
N PRO C 287 -3.21 20.08 -39.14
CA PRO C 287 -1.80 20.47 -39.02
C PRO C 287 -1.61 21.68 -38.13
N GLY C 288 -0.70 21.60 -37.18
CA GLY C 288 -0.50 22.67 -36.20
C GLY C 288 -1.43 22.57 -34.99
N GLY C 289 -2.48 21.75 -35.07
CA GLY C 289 -3.42 21.60 -33.99
C GLY C 289 -4.54 22.62 -34.04
N VAL C 290 -5.69 22.25 -33.48
CA VAL C 290 -6.81 23.16 -33.29
C VAL C 290 -6.51 24.02 -32.08
N LYS C 291 -6.56 25.34 -32.28
CA LYS C 291 -6.16 26.30 -31.23
C LYS C 291 -7.33 26.88 -30.44
N GLU C 292 -8.53 26.81 -30.96
N GLU C 292 -8.55 26.82 -30.97
CA GLU C 292 -9.65 27.44 -30.30
CA GLU C 292 -9.69 27.48 -30.32
C GLU C 292 -9.98 26.79 -28.95
C GLU C 292 -10.02 26.80 -28.97
N ASN C 293 -10.35 27.63 -28.01
CA ASN C 293 -10.64 27.18 -26.66
C ASN C 293 -11.99 26.47 -26.63
N PRO C 294 -12.04 25.23 -26.14
CA PRO C 294 -13.33 24.52 -26.01
C PRO C 294 -14.00 24.63 -24.61
N TYR C 295 -13.36 25.31 -23.67
CA TYR C 295 -13.75 25.31 -22.26
C TYR C 295 -14.40 26.64 -21.86
N THR C 296 -15.69 26.58 -21.57
CA THR C 296 -16.41 27.76 -21.09
C THR C 296 -15.79 28.36 -19.84
N PHE C 297 -15.26 27.54 -18.94
CA PHE C 297 -14.74 28.08 -17.67
C PHE C 297 -13.49 28.96 -17.94
N VAL C 298 -12.73 28.57 -18.96
CA VAL C 298 -11.51 29.28 -19.33
C VAL C 298 -11.89 30.67 -19.89
N LYS C 299 -12.87 30.71 -20.77
CA LYS C 299 -13.40 31.98 -21.27
C LYS C 299 -13.91 32.86 -20.12
N ASP C 300 -14.76 32.32 -19.27
CA ASP C 300 -15.36 33.08 -18.21
C ASP C 300 -14.30 33.61 -17.23
N LEU C 301 -13.35 32.75 -16.85
CA LEU C 301 -12.30 33.14 -15.94
C LEU C 301 -11.42 34.22 -16.60
N ALA C 302 -11.05 34.03 -17.86
CA ALA C 302 -10.28 35.05 -18.59
C ALA C 302 -11.00 36.41 -18.58
N GLU C 303 -12.32 36.37 -18.71
CA GLU C 303 -13.16 37.57 -18.69
C GLU C 303 -13.49 38.10 -17.29
N GLY C 304 -12.97 37.49 -16.24
CA GLY C 304 -13.26 37.94 -14.87
C GLY C 304 -14.69 37.71 -14.44
N LYS C 305 -15.31 36.68 -15.02
CA LYS C 305 -16.71 36.39 -14.81
C LYS C 305 -16.94 34.88 -14.60
N TYR C 306 -15.96 34.19 -14.02
CA TYR C 306 -16.20 32.80 -13.62
C TYR C 306 -17.31 32.77 -12.56
N LYS C 307 -18.35 31.99 -12.82
CA LYS C 307 -19.50 31.90 -11.95
C LYS C 307 -20.14 30.53 -12.07
N VAL C 308 -19.99 29.70 -11.04
CA VAL C 308 -20.58 28.36 -11.07
C VAL C 308 -22.10 28.45 -11.08
N PRO C 309 -22.78 27.48 -11.75
CA PRO C 309 -24.23 27.64 -11.94
C PRO C 309 -25.07 27.53 -10.67
N TRP C 310 -24.49 27.03 -9.58
CA TRP C 310 -25.16 26.94 -8.28
C TRP C 310 -24.68 28.05 -7.29
N GLU C 311 -24.00 29.09 -7.80
CA GLU C 311 -23.36 30.05 -6.91
C GLU C 311 -24.32 30.72 -5.92
N ASP C 312 -25.54 31.00 -6.34
CA ASP C 312 -26.52 31.66 -5.46
C ASP C 312 -26.86 30.84 -4.20
N GLU C 313 -26.69 29.52 -4.25
CA GLU C 313 -27.05 28.63 -3.16
C GLU C 313 -25.87 28.25 -2.27
N ILE C 314 -24.66 28.73 -2.59
CA ILE C 314 -23.51 28.45 -1.78
C ILE C 314 -23.67 29.15 -0.40
N LYS C 315 -23.45 28.41 0.68
CA LYS C 315 -23.72 28.88 2.03
C LYS C 315 -22.58 29.69 2.64
N VAL C 316 -21.34 29.37 2.30
CA VAL C 316 -20.19 30.02 2.90
C VAL C 316 -19.52 30.92 1.85
N LYS C 317 -19.77 32.23 1.99
CA LYS C 317 -19.26 33.26 1.08
C LYS C 317 -18.54 34.40 1.79
N ASP C 318 -18.33 34.29 3.10
CA ASP C 318 -17.61 35.34 3.86
C ASP C 318 -16.98 34.63 5.05
N GLY C 319 -16.32 35.40 5.90
CA GLY C 319 -15.61 34.83 7.04
C GLY C 319 -16.38 34.76 8.34
N SER C 320 -17.71 34.97 8.28
CA SER C 320 -18.51 35.06 9.52
C SER C 320 -18.49 33.78 10.37
N ILE C 321 -18.42 32.62 9.73
CA ILE C 321 -18.39 31.34 10.45
C ILE C 321 -17.16 31.23 11.38
N TYR C 322 -16.09 31.93 11.03
CA TYR C 322 -14.91 32.04 11.88
C TYR C 322 -14.80 33.36 12.68
N GLY C 323 -15.89 34.12 12.73
CA GLY C 323 -15.95 35.37 13.47
C GLY C 323 -15.37 36.61 12.80
N TYR C 324 -15.02 36.55 11.51
CA TYR C 324 -14.62 37.76 10.77
C TYR C 324 -15.86 38.62 10.50
N PRO C 325 -15.80 39.93 10.81
CA PRO C 325 -16.92 40.80 10.43
C PRO C 325 -17.14 40.86 8.91
N VAL C 326 -18.41 41.06 8.53
CA VAL C 326 -18.83 41.61 7.21
C VAL C 326 -17.70 42.07 6.27
N GLY D 2 -20.16 7.62 -1.69
CA GLY D 2 -20.52 6.31 -2.36
C GLY D 2 -20.22 5.08 -1.52
N SER D 3 -20.35 3.91 -2.15
CA SER D 3 -20.00 2.64 -1.50
C SER D 3 -19.77 1.55 -2.54
N SER D 4 -19.12 0.48 -2.10
CA SER D 4 -18.93 -0.69 -2.97
C SER D 4 -20.27 -1.38 -3.33
N GLY D 5 -21.31 -1.10 -2.53
CA GLY D 5 -22.70 -1.36 -2.90
C GLY D 5 -23.12 -2.82 -2.90
N SER D 6 -24.36 -3.00 -3.34
CA SER D 6 -25.00 -4.29 -3.44
C SER D 6 -25.45 -4.48 -4.93
N MET D 7 -26.65 -5.00 -5.16
CA MET D 7 -27.20 -5.17 -6.53
C MET D 7 -28.57 -4.47 -6.67
N VAL D 8 -28.84 -3.50 -5.77
CA VAL D 8 -30.13 -2.78 -5.67
C VAL D 8 -29.96 -1.31 -6.05
N LYS D 9 -31.08 -0.67 -6.42
CA LYS D 9 -31.13 0.76 -6.57
C LYS D 9 -31.08 1.35 -5.15
N PRO D 10 -30.03 2.11 -4.82
CA PRO D 10 -29.97 2.67 -3.45
C PRO D 10 -31.02 3.76 -3.23
N ILE D 11 -31.40 3.97 -1.98
CA ILE D 11 -32.41 4.99 -1.64
C ILE D 11 -31.94 6.41 -2.04
N SER D 12 -30.66 6.70 -1.89
N SER D 12 -30.63 6.71 -1.96
CA SER D 12 -30.08 7.94 -2.31
CA SER D 12 -30.05 8.05 -2.33
C SER D 12 -29.19 7.35 -3.43
C SER D 12 -29.12 8.31 -3.55
N GLY D 13 -29.40 7.72 -4.68
CA GLY D 13 -28.34 7.62 -5.67
C GLY D 13 -28.62 6.49 -6.61
N PHE D 14 -27.58 5.95 -7.21
CA PHE D 14 -27.74 4.95 -8.21
C PHE D 14 -26.58 3.97 -8.20
N LEU D 15 -26.85 2.82 -8.81
CA LEU D 15 -25.87 1.78 -9.01
C LEU D 15 -25.33 1.82 -10.44
N THR D 16 -24.01 1.74 -10.56
CA THR D 16 -23.30 1.72 -11.83
C THR D 16 -22.47 0.45 -12.00
N ALA D 17 -22.35 0.01 -13.26
CA ALA D 17 -21.45 -1.10 -13.63
C ALA D 17 -20.51 -0.58 -14.73
N LEU D 18 -19.22 -0.70 -14.50
CA LEU D 18 -18.19 -0.32 -15.45
C LEU D 18 -17.62 -1.59 -16.01
N ILE D 19 -17.63 -1.72 -17.33
CA ILE D 19 -17.25 -2.96 -17.99
C ILE D 19 -15.82 -2.87 -18.55
N GLN D 20 -14.90 -3.68 -18.04
CA GLN D 20 -13.55 -3.78 -18.61
C GLN D 20 -13.62 -4.68 -19.85
N TYR D 21 -14.24 -4.13 -20.88
CA TYR D 21 -14.58 -4.83 -22.07
C TYR D 21 -13.29 -5.32 -22.77
N PRO D 22 -13.25 -6.56 -23.25
CA PRO D 22 -12.03 -7.00 -23.97
C PRO D 22 -11.75 -6.17 -25.23
N VAL D 23 -10.50 -5.79 -25.40
CA VAL D 23 -10.16 -4.99 -26.55
C VAL D 23 -10.53 -5.80 -27.82
N PRO D 24 -11.30 -5.22 -28.73
CA PRO D 24 -11.64 -5.97 -29.96
C PRO D 24 -10.50 -5.95 -30.97
N VAL D 25 -10.35 -7.04 -31.69
CA VAL D 25 -9.47 -7.09 -32.85
C VAL D 25 -10.44 -7.10 -34.03
N VAL D 26 -10.46 -6.01 -34.80
CA VAL D 26 -11.50 -5.76 -35.80
C VAL D 26 -10.88 -5.64 -37.18
N GLU D 27 -11.27 -6.54 -38.09
CA GLU D 27 -10.73 -6.57 -39.45
C GLU D 27 -11.71 -6.15 -40.53
N SER D 28 -12.99 -6.03 -40.20
CA SER D 28 -14.00 -5.72 -41.19
C SER D 28 -15.27 -5.25 -40.49
N ARG D 29 -16.20 -4.77 -41.29
CA ARG D 29 -17.48 -4.33 -40.75
C ARG D 29 -18.21 -5.46 -40.01
N ALA D 30 -18.09 -6.70 -40.52
CA ALA D 30 -18.69 -7.84 -39.85
C ALA D 30 -18.21 -7.95 -38.40
N ASP D 31 -16.94 -7.64 -38.15
CA ASP D 31 -16.40 -7.66 -36.79
C ASP D 31 -17.00 -6.56 -35.90
N ILE D 32 -17.29 -5.41 -36.49
CA ILE D 32 -17.98 -4.32 -35.80
C ILE D 32 -19.39 -4.79 -35.40
N ASP D 33 -20.10 -5.43 -36.34
CA ASP D 33 -21.41 -5.99 -36.01
C ASP D 33 -21.35 -7.00 -34.86
N LYS D 34 -20.32 -7.84 -34.86
N LYS D 34 -20.32 -7.84 -34.86
CA LYS D 34 -20.07 -8.76 -33.78
CA LYS D 34 -20.05 -8.76 -33.78
C LYS D 34 -19.87 -8.05 -32.41
C LYS D 34 -19.86 -8.06 -32.40
N GLN D 35 -19.09 -6.97 -32.38
CA GLN D 35 -18.88 -6.21 -31.14
C GLN D 35 -20.21 -5.59 -30.66
N ILE D 36 -21.00 -5.09 -31.60
CA ILE D 36 -22.28 -4.49 -31.27
C ILE D 36 -23.15 -5.53 -30.58
N GLN D 37 -23.21 -6.73 -31.15
CA GLN D 37 -23.97 -7.81 -30.55
C GLN D 37 -23.49 -8.20 -29.19
N GLN D 38 -22.19 -8.26 -29.03
CA GLN D 38 -21.60 -8.58 -27.75
C GLN D 38 -21.87 -7.51 -26.66
N ILE D 39 -21.73 -6.23 -27.02
CA ILE D 39 -22.07 -5.12 -26.12
C ILE D 39 -23.54 -5.21 -25.66
N ILE D 40 -24.42 -5.48 -26.61
CA ILE D 40 -25.85 -5.57 -26.32
C ILE D 40 -26.13 -6.76 -25.37
N LYS D 41 -25.51 -7.90 -25.68
CA LYS D 41 -25.61 -9.07 -24.81
C LYS D 41 -25.15 -8.73 -23.38
N THR D 42 -24.08 -7.96 -23.27
CA THR D 42 -23.54 -7.53 -21.98
C THR D 42 -24.49 -6.59 -21.22
N ILE D 43 -25.19 -5.72 -21.94
CA ILE D 43 -26.21 -4.88 -21.28
C ILE D 43 -27.25 -5.74 -20.58
N HIS D 44 -27.79 -6.70 -21.31
CA HIS D 44 -28.86 -7.56 -20.75
C HIS D 44 -28.35 -8.44 -19.61
N SER D 45 -27.20 -9.07 -19.83
CA SER D 45 -26.63 -9.98 -18.85
C SER D 45 -26.23 -9.25 -17.55
N THR D 46 -25.69 -8.04 -17.69
CA THR D 46 -25.28 -7.28 -16.50
C THR D 46 -26.52 -6.80 -15.71
N LYS D 47 -27.57 -6.39 -16.41
CA LYS D 47 -28.84 -6.05 -15.76
C LYS D 47 -29.45 -7.25 -15.02
N SER D 48 -29.32 -8.45 -15.60
CA SER D 48 -29.86 -9.66 -14.94
CA SER D 48 -29.85 -9.67 -14.98
C SER D 48 -29.08 -9.97 -13.68
N GLY D 49 -27.78 -9.72 -13.69
CA GLY D 49 -26.96 -9.96 -12.51
C GLY D 49 -27.11 -8.90 -11.43
N TYR D 50 -27.42 -7.67 -11.83
CA TYR D 50 -27.56 -6.53 -10.93
C TYR D 50 -28.88 -5.83 -11.18
N PRO D 51 -29.98 -6.34 -10.60
CA PRO D 51 -31.29 -5.81 -10.96
C PRO D 51 -31.52 -4.32 -10.70
N GLY D 52 -30.82 -3.72 -9.75
CA GLY D 52 -30.93 -2.27 -9.49
C GLY D 52 -30.09 -1.37 -10.39
N LEU D 53 -29.32 -1.95 -11.31
CA LEU D 53 -28.43 -1.22 -12.20
C LEU D 53 -29.17 -0.12 -12.95
N GLU D 54 -28.59 1.08 -12.94
CA GLU D 54 -29.09 2.19 -13.74
C GLU D 54 -28.12 2.79 -14.74
N LEU D 55 -26.82 2.57 -14.59
CA LEU D 55 -25.82 3.14 -15.49
C LEU D 55 -24.75 2.11 -15.85
N ILE D 56 -24.68 1.75 -17.10
CA ILE D 56 -23.69 0.79 -17.56
C ILE D 56 -22.74 1.55 -18.51
N VAL D 57 -21.43 1.34 -18.34
CA VAL D 57 -20.41 2.11 -19.04
C VAL D 57 -19.46 1.21 -19.81
N PHE D 58 -19.40 1.41 -21.11
CA PHE D 58 -18.45 0.70 -21.97
C PHE D 58 -17.26 1.57 -22.31
N PRO D 59 -16.11 0.95 -22.56
CA PRO D 59 -14.95 1.76 -22.88
C PRO D 59 -14.88 2.31 -24.30
N GLU D 60 -13.98 3.28 -24.46
CA GLU D 60 -13.60 3.78 -25.77
C GLU D 60 -13.15 2.61 -26.65
N TYR D 61 -13.53 2.66 -27.93
CA TYR D 61 -13.19 1.65 -28.92
C TYR D 61 -13.83 0.29 -28.71
N SER D 62 -14.81 0.18 -27.82
CA SER D 62 -15.46 -1.11 -27.58
C SER D 62 -16.27 -1.55 -28.82
N THR D 63 -16.74 -0.60 -29.63
CA THR D 63 -17.50 -0.91 -30.84
C THR D 63 -16.65 -1.28 -32.04
N GLN D 64 -15.56 -0.56 -32.23
CA GLN D 64 -14.79 -0.65 -33.46
C GLN D 64 -13.33 -1.09 -33.35
N GLY D 65 -12.80 -1.22 -32.13
CA GLY D 65 -11.39 -1.56 -31.95
C GLY D 65 -10.44 -0.44 -32.33
N LEU D 66 -9.14 -0.80 -32.43
CA LEU D 66 -8.05 0.10 -32.77
C LEU D 66 -7.24 -0.48 -33.90
N ASN D 67 -7.90 -0.80 -34.99
CA ASN D 67 -7.19 -1.25 -36.17
C ASN D 67 -6.66 0.02 -36.86
N THR D 68 -5.42 0.37 -36.54
CA THR D 68 -4.86 1.66 -36.97
C THR D 68 -4.63 1.74 -38.48
N LYS D 69 -4.69 0.62 -39.18
CA LYS D 69 -4.59 0.61 -40.64
C LYS D 69 -5.94 0.79 -41.35
N LYS D 70 -7.05 0.69 -40.63
CA LYS D 70 -8.37 0.79 -41.24
C LYS D 70 -9.35 1.71 -40.53
N TRP D 71 -8.96 2.27 -39.38
CA TRP D 71 -9.94 2.93 -38.52
C TRP D 71 -10.58 4.21 -39.04
N THR D 72 -9.98 4.84 -40.05
CA THR D 72 -10.61 6.00 -40.70
C THR D 72 -11.19 5.67 -42.08
N THR D 73 -11.21 4.39 -42.49
CA THR D 73 -11.90 4.02 -43.73
C THR D 73 -13.42 4.08 -43.52
N GLU D 74 -14.17 4.29 -44.61
CA GLU D 74 -15.62 4.41 -44.52
C GLU D 74 -16.23 3.18 -43.89
N GLU D 75 -15.73 2.01 -44.26
CA GLU D 75 -16.18 0.73 -43.70
C GLU D 75 -16.17 0.71 -42.15
N PHE D 76 -15.23 1.42 -41.52
CA PHE D 76 -15.01 1.36 -40.08
C PHE D 76 -15.67 2.50 -39.31
N LEU D 77 -16.30 3.44 -40.01
CA LEU D 77 -16.93 4.61 -39.38
C LEU D 77 -18.44 4.49 -39.40
N CYS D 78 -19.09 5.23 -38.51
CA CYS D 78 -20.55 5.27 -38.38
C CYS D 78 -21.06 6.68 -38.26
N THR D 79 -22.34 6.88 -38.54
CA THR D 79 -22.98 8.17 -38.21
C THR D 79 -23.47 8.09 -36.76
N VAL D 80 -23.56 9.25 -36.09
CA VAL D 80 -24.05 9.33 -34.72
C VAL D 80 -25.09 10.46 -34.65
N PRO D 81 -26.37 10.13 -34.45
CA PRO D 81 -26.96 8.78 -34.36
C PRO D 81 -26.89 8.02 -35.67
N GLY D 82 -27.03 6.71 -35.57
CA GLY D 82 -27.10 5.85 -36.77
C GLY D 82 -27.67 4.53 -36.38
N PRO D 83 -27.65 3.56 -37.32
CA PRO D 83 -28.22 2.23 -36.99
C PRO D 83 -27.59 1.55 -35.76
N GLU D 84 -26.31 1.80 -35.55
CA GLU D 84 -25.58 1.18 -34.47
C GLU D 84 -26.02 1.77 -33.12
N THR D 85 -26.06 3.09 -33.01
CA THR D 85 -26.58 3.70 -31.77
C THR D 85 -28.08 3.37 -31.57
N ASP D 86 -28.83 3.18 -32.67
CA ASP D 86 -30.22 2.71 -32.54
C ASP D 86 -30.31 1.34 -31.88
N LEU D 87 -29.39 0.42 -32.21
CA LEU D 87 -29.38 -0.90 -31.58
C LEU D 87 -29.01 -0.80 -30.10
N PHE D 88 -28.01 0.03 -29.78
CA PHE D 88 -27.68 0.28 -28.38
C PHE D 88 -28.87 0.85 -27.64
N ALA D 89 -29.58 1.77 -28.30
CA ALA D 89 -30.71 2.45 -27.68
C ALA D 89 -31.85 1.48 -27.36
N GLU D 90 -32.14 0.59 -28.31
CA GLU D 90 -33.15 -0.41 -28.09
C GLU D 90 -32.79 -1.29 -26.88
N ALA D 91 -31.53 -1.67 -26.77
CA ALA D 91 -31.07 -2.48 -25.65
C ALA D 91 -31.20 -1.70 -24.31
N CYS D 92 -30.86 -0.42 -24.30
CA CYS D 92 -31.03 0.42 -23.08
C CYS D 92 -32.50 0.52 -22.68
N LYS D 93 -33.36 0.63 -23.69
CA LYS D 93 -34.80 0.68 -23.44
C LYS D 93 -35.31 -0.64 -22.85
N GLU D 94 -34.94 -1.75 -23.46
CA GLU D 94 -35.37 -3.07 -22.98
C GLU D 94 -34.89 -3.39 -21.56
N SER D 95 -33.64 -3.07 -21.24
CA SER D 95 -33.09 -3.30 -19.91
C SER D 95 -33.35 -2.15 -18.93
N LYS D 96 -33.89 -1.03 -19.41
CA LYS D 96 -34.21 0.13 -18.58
C LYS D 96 -32.98 0.66 -17.86
N VAL D 97 -31.92 0.91 -18.63
CA VAL D 97 -30.68 1.46 -18.09
C VAL D 97 -30.22 2.61 -18.95
N TYR D 98 -29.44 3.50 -18.31
CA TYR D 98 -28.61 4.45 -19.02
C TYR D 98 -27.38 3.68 -19.49
N GLY D 99 -26.97 3.92 -20.73
CA GLY D 99 -25.74 3.34 -21.27
C GLY D 99 -24.82 4.37 -21.86
N VAL D 100 -23.51 4.12 -21.77
CA VAL D 100 -22.47 4.98 -22.35
C VAL D 100 -21.72 4.12 -23.39
N PHE D 101 -21.63 4.64 -24.62
CA PHE D 101 -21.06 3.92 -25.76
C PHE D 101 -20.07 4.79 -26.51
N SER D 102 -19.17 4.12 -27.22
CA SER D 102 -18.12 4.74 -28.00
C SER D 102 -18.32 4.45 -29.49
N ILE D 103 -18.32 5.49 -30.31
CA ILE D 103 -18.44 5.34 -31.77
C ILE D 103 -17.47 6.28 -32.49
N MET D 104 -16.65 5.71 -33.37
CA MET D 104 -15.84 6.52 -34.27
C MET D 104 -16.77 6.98 -35.38
N GLU D 105 -16.85 8.29 -35.55
CA GLU D 105 -17.92 8.98 -36.24
C GLU D 105 -17.47 9.62 -37.54
N LYS D 106 -18.10 9.24 -38.65
CA LYS D 106 -17.90 9.91 -39.92
C LYS D 106 -18.22 11.40 -39.76
N ASN D 107 -17.33 12.25 -40.26
CA ASN D 107 -17.56 13.68 -40.18
C ASN D 107 -18.67 14.08 -41.18
N PRO D 108 -19.80 14.63 -40.70
CA PRO D 108 -20.85 15.04 -41.65
C PRO D 108 -20.46 16.05 -42.74
N ASP D 109 -19.40 16.85 -42.57
CA ASP D 109 -18.94 17.75 -43.65
C ASP D 109 -17.89 17.17 -44.60
N GLY D 110 -17.53 15.91 -44.42
CA GLY D 110 -16.57 15.26 -45.29
C GLY D 110 -15.11 15.40 -44.85
N GLY D 111 -14.87 16.11 -43.76
CA GLY D 111 -13.52 16.21 -43.20
C GLY D 111 -13.11 14.99 -42.36
N GLU D 112 -12.16 15.18 -41.46
CA GLU D 112 -11.57 14.08 -40.69
C GLU D 112 -12.57 13.62 -39.62
N PRO D 113 -12.60 12.30 -39.35
CA PRO D 113 -13.61 11.75 -38.46
C PRO D 113 -13.36 12.13 -36.99
N TYR D 114 -14.42 12.00 -36.19
CA TYR D 114 -14.39 12.25 -34.77
C TYR D 114 -14.39 10.94 -33.96
N ASN D 115 -13.93 11.07 -32.72
CA ASN D 115 -14.01 10.00 -31.73
C ASN D 115 -15.10 10.43 -30.76
N THR D 116 -16.20 9.69 -30.77
CA THR D 116 -17.43 10.15 -30.14
C THR D 116 -17.93 9.21 -29.03
N ALA D 117 -18.55 9.80 -28.02
CA ALA D 117 -19.23 9.08 -26.94
C ALA D 117 -20.65 9.57 -26.82
N VAL D 118 -21.57 8.68 -26.47
CA VAL D 118 -22.95 9.01 -26.32
C VAL D 118 -23.47 8.42 -25.02
N ILE D 119 -24.46 9.09 -24.46
CA ILE D 119 -25.25 8.53 -23.38
C ILE D 119 -26.68 8.39 -23.86
N ILE D 120 -27.25 7.21 -23.65
CA ILE D 120 -28.62 6.88 -24.02
C ILE D 120 -29.35 6.54 -22.73
N ASP D 121 -30.56 7.04 -22.60
CA ASP D 121 -31.35 6.89 -21.38
C ASP D 121 -32.24 5.62 -21.42
N PRO D 122 -32.92 5.32 -20.29
CA PRO D 122 -33.75 4.10 -20.23
C PRO D 122 -34.97 4.07 -21.15
N GLN D 123 -35.30 5.21 -21.78
CA GLN D 123 -36.34 5.28 -22.79
C GLN D 123 -35.76 5.14 -24.21
N GLY D 124 -34.45 4.94 -24.32
CA GLY D 124 -33.79 4.77 -25.60
C GLY D 124 -33.52 6.07 -26.33
N GLU D 125 -33.52 7.19 -25.60
CA GLU D 125 -33.25 8.49 -26.18
C GLU D 125 -31.78 8.85 -25.99
N MET D 126 -31.14 9.35 -27.04
CA MET D 126 -29.77 9.85 -26.91
C MET D 126 -29.82 11.20 -26.22
N ILE D 127 -29.28 11.31 -25.02
CA ILE D 127 -29.33 12.55 -24.23
C ILE D 127 -28.02 13.30 -24.16
N LEU D 128 -26.95 12.71 -24.70
CA LEU D 128 -25.66 13.35 -24.71
C LEU D 128 -24.83 12.83 -25.84
N LYS D 129 -24.18 13.75 -26.55
CA LYS D 129 -23.23 13.43 -27.61
C LYS D 129 -22.00 14.29 -27.43
N TYR D 130 -20.84 13.65 -27.34
CA TYR D 130 -19.58 14.31 -27.06
C TYR D 130 -18.52 13.83 -28.06
N ARG D 131 -17.77 14.77 -28.63
CA ARG D 131 -16.63 14.47 -29.50
C ARG D 131 -15.33 14.76 -28.76
N LYS D 132 -14.47 13.74 -28.68
CA LYS D 132 -13.20 13.81 -27.97
C LYS D 132 -12.44 15.09 -28.27
N LEU D 133 -12.27 15.91 -27.22
CA LEU D 133 -11.59 17.19 -27.35
C LEU D 133 -10.08 17.06 -27.59
N ASN D 134 -9.47 16.06 -26.97
CA ASN D 134 -8.04 15.88 -26.95
C ASN D 134 -7.61 14.49 -27.52
N PRO D 135 -7.70 14.31 -28.83
CA PRO D 135 -7.13 13.07 -29.41
C PRO D 135 -5.70 12.72 -28.90
N TRP D 136 -5.43 11.42 -28.79
CA TRP D 136 -4.17 10.90 -28.25
C TRP D 136 -3.12 10.93 -29.34
N VAL D 137 -2.59 12.11 -29.55
CA VAL D 137 -1.61 12.37 -30.59
C VAL D 137 -0.22 11.96 -30.12
N PRO D 138 0.63 11.43 -31.02
CA PRO D 138 0.52 11.33 -32.49
C PRO D 138 -0.08 10.04 -33.05
N VAL D 139 -0.56 9.14 -32.19
CA VAL D 139 -1.09 7.86 -32.66
C VAL D 139 -2.52 8.00 -33.25
N GLU D 140 -3.33 8.92 -32.73
CA GLU D 140 -4.73 9.03 -33.14
C GLU D 140 -4.97 10.06 -34.22
N PRO D 141 -5.79 9.71 -35.23
CA PRO D 141 -6.05 10.60 -36.37
C PRO D 141 -7.29 11.50 -36.21
N TRP D 142 -7.96 11.41 -35.07
CA TRP D 142 -9.29 12.03 -34.91
C TRP D 142 -9.23 13.56 -34.89
N LYS D 143 -10.25 14.17 -35.47
CA LYS D 143 -10.39 15.60 -35.44
C LYS D 143 -10.71 16.06 -34.01
N ALA D 144 -10.09 17.14 -33.59
CA ALA D 144 -10.37 17.69 -32.28
C ALA D 144 -11.85 18.02 -32.15
N GLY D 145 -12.46 17.56 -31.08
CA GLY D 145 -13.89 17.78 -30.89
C GLY D 145 -14.36 19.24 -30.88
N ASP D 146 -15.56 19.44 -31.41
CA ASP D 146 -16.12 20.78 -31.64
C ASP D 146 -17.47 21.00 -30.92
N LEU D 147 -17.85 20.12 -30.00
CA LEU D 147 -19.15 20.26 -29.29
C LEU D 147 -19.00 20.70 -27.85
N GLY D 148 -17.80 21.13 -27.47
CA GLY D 148 -17.51 21.42 -26.05
C GLY D 148 -17.61 20.15 -25.22
N LEU D 149 -17.90 20.34 -23.94
CA LEU D 149 -18.09 19.24 -23.01
CA LEU D 149 -18.10 19.26 -23.03
C LEU D 149 -19.53 19.36 -22.48
N PRO D 150 -20.48 18.59 -23.06
CA PRO D 150 -21.85 18.70 -22.60
C PRO D 150 -22.12 17.98 -21.28
N VAL D 151 -23.27 18.31 -20.69
CA VAL D 151 -23.76 17.63 -19.50
CA VAL D 151 -23.74 17.64 -19.49
C VAL D 151 -25.19 17.19 -19.75
N CYS D 152 -25.65 16.14 -19.06
CA CYS D 152 -27.06 15.76 -19.11
C CYS D 152 -27.54 15.30 -17.74
N ASP D 153 -28.86 15.19 -17.59
CA ASP D 153 -29.45 14.58 -16.38
C ASP D 153 -29.34 13.05 -16.45
N GLY D 154 -28.92 12.45 -15.35
CA GLY D 154 -28.78 11.01 -15.27
C GLY D 154 -29.62 10.42 -14.13
N PRO D 155 -29.35 9.18 -13.74
CA PRO D 155 -30.14 8.53 -12.70
C PRO D 155 -29.72 9.07 -11.31
N GLY D 156 -30.62 8.92 -10.35
CA GLY D 156 -30.33 9.21 -8.94
C GLY D 156 -29.90 10.62 -8.64
N GLY D 157 -30.48 11.58 -9.37
CA GLY D 157 -30.12 12.99 -9.21
C GLY D 157 -28.75 13.37 -9.77
N SER D 158 -28.18 12.52 -10.61
CA SER D 158 -26.88 12.84 -11.20
C SER D 158 -27.02 13.87 -12.34
N LYS D 159 -25.94 14.65 -12.50
CA LYS D 159 -25.71 15.42 -13.69
C LYS D 159 -24.42 14.84 -14.27
N LEU D 160 -24.54 14.19 -15.42
CA LEU D 160 -23.44 13.42 -16.02
C LEU D 160 -22.68 14.21 -17.08
N ALA D 161 -21.38 14.03 -17.13
CA ALA D 161 -20.58 14.41 -18.28
C ALA D 161 -19.75 13.20 -18.64
N VAL D 162 -19.38 13.11 -19.91
N VAL D 162 -19.42 13.09 -19.93
CA VAL D 162 -18.45 12.10 -20.39
CA VAL D 162 -18.48 12.06 -20.37
C VAL D 162 -17.22 12.75 -20.95
C VAL D 162 -17.23 12.72 -20.97
N CYS D 163 -16.07 12.10 -20.72
CA CYS D 163 -14.84 12.45 -21.44
C CYS D 163 -14.22 11.16 -21.87
N ILE D 164 -13.25 11.27 -22.76
CA ILE D 164 -12.66 10.11 -23.40
C ILE D 164 -11.16 10.04 -23.20
N SCY D 165 -10.72 8.96 -22.52
CA SCY D 165 -9.29 8.54 -22.45
CB SCY D 165 -9.01 7.81 -23.79
SG SCY D 165 -7.46 6.88 -23.80
CD SCY D 165 -6.94 7.28 -25.31
OCD SCY D 165 -6.76 8.44 -25.59
CE SCY D 165 -6.77 6.23 -26.31
C SCY D 165 -8.33 9.67 -22.09
O SCY D 165 -8.35 10.16 -20.94
N HIS D 166 -7.51 10.08 -23.06
CA HIS D 166 -6.57 11.21 -22.95
C HIS D 166 -7.19 12.48 -22.35
N ASP D 167 -8.46 12.76 -22.64
CA ASP D 167 -9.14 13.93 -22.10
C ASP D 167 -8.94 14.04 -20.57
N GLY D 168 -9.00 12.89 -19.89
CA GLY D 168 -8.95 12.91 -18.44
C GLY D 168 -7.60 13.23 -17.84
N MET D 169 -6.56 13.37 -18.69
CA MET D 169 -5.24 13.83 -18.24
C MET D 169 -5.13 15.34 -18.15
N PHE D 170 -6.14 16.04 -18.69
CA PHE D 170 -6.20 17.48 -18.66
C PHE D 170 -7.13 17.87 -17.54
N PRO D 171 -6.60 18.52 -16.48
CA PRO D 171 -7.50 18.95 -15.39
C PRO D 171 -8.56 19.93 -15.86
N GLU D 172 -8.30 20.60 -16.97
CA GLU D 172 -9.27 21.50 -17.60
C GLU D 172 -10.58 20.80 -18.02
N VAL D 173 -10.48 19.53 -18.41
CA VAL D 173 -11.65 18.75 -18.82
C VAL D 173 -12.56 18.48 -17.61
N ALA D 174 -11.99 17.97 -16.52
CA ALA D 174 -12.79 17.72 -15.31
C ALA D 174 -13.37 19.02 -14.75
N ARG D 175 -12.58 20.09 -14.77
CA ARG D 175 -13.02 21.40 -14.28
C ARG D 175 -14.20 21.89 -15.09
N GLU D 176 -14.10 21.79 -16.40
CA GLU D 176 -15.19 22.18 -17.28
C GLU D 176 -16.47 21.41 -17.01
N ALA D 177 -16.35 20.08 -16.86
CA ALA D 177 -17.52 19.24 -16.57
C ALA D 177 -18.23 19.75 -15.33
N ALA D 178 -17.46 19.97 -14.27
CA ALA D 178 -18.01 20.49 -13.01
C ALA D 178 -18.62 21.86 -13.16
N TYR D 179 -17.92 22.74 -13.88
CA TYR D 179 -18.41 24.09 -14.13
C TYR D 179 -19.75 24.11 -14.90
N LYS D 180 -19.94 23.15 -15.80
CA LYS D 180 -21.19 22.99 -16.53
C LYS D 180 -22.29 22.34 -15.65
N GLY D 181 -21.96 21.91 -14.44
CA GLY D 181 -22.94 21.34 -13.51
C GLY D 181 -22.80 19.86 -13.17
N ALA D 182 -21.87 19.15 -13.84
CA ALA D 182 -21.74 17.71 -13.61
C ALA D 182 -21.32 17.43 -12.19
N ASN D 183 -21.99 16.46 -11.57
CA ASN D 183 -21.53 15.92 -10.28
C ASN D 183 -20.96 14.50 -10.41
N VAL D 184 -20.99 13.95 -11.63
CA VAL D 184 -20.41 12.67 -11.96
C VAL D 184 -19.74 12.81 -13.32
N LEU D 185 -18.43 12.56 -13.36
CA LEU D 185 -17.69 12.54 -14.61
C LEU D 185 -17.38 11.10 -14.97
N ILE D 186 -17.77 10.71 -16.18
CA ILE D 186 -17.57 9.39 -16.71
C ILE D 186 -16.42 9.46 -17.69
N ARG D 187 -15.43 8.59 -17.54
CA ARG D 187 -14.26 8.58 -18.43
C ARG D 187 -14.19 7.19 -19.08
N ILE D 188 -14.40 7.14 -20.38
CA ILE D 188 -14.31 5.88 -21.14
C ILE D 188 -13.01 5.89 -21.90
N SER D 189 -12.32 4.75 -21.95
N SER D 189 -12.28 4.77 -21.90
CA SER D 189 -10.92 4.80 -22.32
CA SER D 189 -10.87 4.82 -22.31
C SER D 189 -10.38 3.56 -23.02
C SER D 189 -10.37 3.56 -23.01
N GLY D 190 -9.40 3.78 -23.89
CA GLY D 190 -8.72 2.71 -24.62
C GLY D 190 -7.22 2.89 -24.60
N TYR D 191 -6.68 3.13 -23.41
CA TYR D 191 -5.26 3.28 -23.20
C TYR D 191 -4.50 1.96 -23.11
N SER D 192 -3.27 2.03 -23.57
CA SER D 192 -2.27 1.01 -23.28
C SER D 192 -1.70 1.16 -21.86
N THR D 193 -0.90 0.19 -21.46
CA THR D 193 -0.28 0.17 -20.13
C THR D 193 0.68 1.30 -19.79
N GLN D 194 1.11 2.07 -20.79
CA GLN D 194 2.01 3.20 -20.57
C GLN D 194 1.57 4.13 -19.42
N VAL D 195 0.27 4.33 -19.25
CA VAL D 195 -0.24 5.29 -18.27
C VAL D 195 -1.07 4.67 -17.15
N SER D 196 -0.87 3.40 -16.82
CA SER D 196 -1.64 2.74 -15.78
CA SER D 196 -1.67 2.70 -15.82
CA SER D 196 -1.67 2.73 -15.78
C SER D 196 -1.70 3.48 -14.46
N GLU D 197 -0.56 3.94 -13.99
CA GLU D 197 -0.52 4.67 -12.69
C GLU D 197 -1.16 6.03 -12.79
N GLN D 198 -0.91 6.71 -13.90
CA GLN D 198 -1.42 8.07 -14.07
C GLN D 198 -2.92 8.10 -14.31
N TRP D 199 -3.45 7.01 -14.86
CA TRP D 199 -4.91 6.78 -14.93
C TRP D 199 -5.55 6.85 -13.55
N MET D 200 -5.08 6.04 -12.64
CA MET D 200 -5.64 6.04 -11.26
C MET D 200 -5.46 7.38 -10.55
N LEU D 201 -4.32 8.00 -10.76
CA LEU D 201 -3.98 9.26 -10.13
C LEU D 201 -4.92 10.39 -10.58
N THR D 202 -5.10 10.54 -11.90
CA THR D 202 -5.95 11.57 -12.44
C THR D 202 -7.45 11.32 -12.17
N ASN D 203 -7.89 10.05 -12.09
CA ASN D 203 -9.28 9.78 -11.71
C ASN D 203 -9.56 10.30 -10.29
N ARG D 204 -8.61 10.18 -9.40
CA ARG D 204 -8.73 10.75 -8.06
C ARG D 204 -8.65 12.26 -8.02
N SER D 205 -7.69 12.86 -8.74
CA SER D 205 -7.51 14.31 -8.67
C SER D 205 -8.66 15.02 -9.38
N ASN D 206 -9.15 14.43 -10.50
CA ASN D 206 -10.30 15.00 -11.20
C ASN D 206 -11.55 15.08 -10.28
N ALA D 207 -11.67 14.10 -9.40
CA ALA D 207 -12.76 14.04 -8.46
C ALA D 207 -12.58 15.10 -7.37
N TRP D 208 -11.48 15.02 -6.66
CA TRP D 208 -11.20 15.92 -5.52
C TRP D 208 -11.27 17.40 -5.90
N GLN D 209 -10.59 17.76 -6.98
CA GLN D 209 -10.48 19.17 -7.35
C GLN D 209 -11.80 19.85 -7.62
N ASN D 210 -12.81 19.06 -7.96
CA ASN D 210 -14.12 19.52 -8.39
C ASN D 210 -15.31 19.08 -7.53
N LEU D 211 -15.04 18.43 -6.41
CA LEU D 211 -16.07 17.86 -5.54
C LEU D 211 -17.08 17.11 -6.41
N MET D 212 -16.54 16.13 -7.13
CA MET D 212 -17.27 15.42 -8.17
C MET D 212 -16.91 13.93 -8.11
N TYR D 213 -17.90 13.04 -8.27
CA TYR D 213 -17.59 11.64 -8.45
C TYR D 213 -16.92 11.40 -9.80
N THR D 214 -16.00 10.44 -9.87
CA THR D 214 -15.49 9.96 -11.15
C THR D 214 -15.76 8.45 -11.30
N LEU D 215 -16.24 8.10 -12.48
CA LEU D 215 -16.49 6.71 -12.88
C LEU D 215 -15.69 6.50 -14.15
N SER D 216 -14.73 5.60 -14.14
CA SER D 216 -13.76 5.52 -15.22
C SER D 216 -13.45 4.07 -15.57
N VAL D 217 -13.42 3.73 -16.85
CA VAL D 217 -13.11 2.35 -17.24
C VAL D 217 -12.41 2.30 -18.60
N ASN D 218 -11.44 1.40 -18.69
CA ASN D 218 -10.62 1.20 -19.87
C ASN D 218 -10.90 -0.21 -20.43
N LEU D 219 -10.66 -0.37 -21.72
CA LEU D 219 -10.57 -1.69 -22.31
C LEU D 219 -9.50 -2.52 -21.58
N ALA D 220 -9.65 -3.85 -21.64
CA ALA D 220 -8.66 -4.74 -21.10
C ALA D 220 -8.25 -5.85 -22.07
N GLY D 221 -6.99 -6.28 -21.99
CA GLY D 221 -6.49 -7.38 -22.81
C GLY D 221 -5.55 -6.91 -23.91
N TYR D 222 -5.15 -7.85 -24.75
CA TYR D 222 -4.10 -7.63 -25.76
C TYR D 222 -4.73 -7.64 -27.12
N ASP D 223 -4.40 -6.67 -27.97
CA ASP D 223 -4.90 -6.67 -29.36
C ASP D 223 -3.87 -7.04 -30.42
N GLY D 224 -2.72 -7.58 -29.99
CA GLY D 224 -1.59 -7.81 -30.90
C GLY D 224 -0.57 -6.69 -30.98
N VAL D 225 -0.85 -5.54 -30.37
CA VAL D 225 0.09 -4.41 -30.33
C VAL D 225 0.25 -3.94 -28.87
N PHE D 226 -0.84 -3.49 -28.25
CA PHE D 226 -0.81 -2.99 -26.88
C PHE D 226 -1.61 -3.91 -25.97
N TYR D 227 -1.25 -3.86 -24.69
CA TYR D 227 -2.09 -4.38 -23.63
C TYR D 227 -2.82 -3.20 -23.03
N TYR D 228 -4.14 -3.36 -22.90
CA TYR D 228 -5.06 -2.36 -22.38
C TYR D 228 -5.40 -2.75 -20.94
N PHE D 229 -5.27 -1.80 -20.01
CA PHE D 229 -5.14 -2.15 -18.59
C PHE D 229 -6.44 -2.33 -17.79
N GLY D 230 -7.60 -2.02 -18.34
CA GLY D 230 -8.84 -2.15 -17.60
C GLY D 230 -8.97 -1.12 -16.46
N GLU D 231 -8.67 -1.55 -15.24
CA GLU D 231 -8.65 -0.70 -14.06
C GLU D 231 -9.86 0.20 -13.88
N GLY D 232 -11.06 -0.36 -14.02
CA GLY D 232 -12.28 0.36 -13.70
C GLY D 232 -12.18 0.94 -12.29
N GLN D 233 -12.66 2.17 -12.13
CA GLN D 233 -12.38 2.93 -10.91
C GLN D 233 -13.51 3.88 -10.60
N VAL D 234 -13.95 3.85 -9.37
CA VAL D 234 -14.94 4.75 -8.84
C VAL D 234 -14.30 5.53 -7.72
N CYS D 235 -14.31 6.87 -7.86
CA CYS D 235 -13.77 7.76 -6.81
C CYS D 235 -14.89 8.62 -6.21
N ASN D 236 -14.83 8.71 -4.90
CA ASN D 236 -15.67 9.59 -4.10
C ASN D 236 -15.36 11.04 -4.48
N PHE D 237 -16.27 11.96 -4.18
CA PHE D 237 -16.11 13.38 -4.47
C PHE D 237 -14.96 14.05 -3.70
N ASP D 238 -14.41 13.38 -2.68
CA ASP D 238 -13.19 13.86 -2.01
C ASP D 238 -11.91 13.22 -2.54
N GLY D 239 -12.01 12.47 -3.63
CA GLY D 239 -10.86 11.82 -4.26
C GLY D 239 -10.56 10.42 -3.80
N THR D 240 -11.26 9.91 -2.79
CA THR D 240 -10.98 8.59 -2.25
C THR D 240 -11.47 7.50 -3.21
N THR D 241 -10.61 6.54 -3.55
CA THR D 241 -11.05 5.42 -4.39
C THR D 241 -11.95 4.52 -3.58
N LEU D 242 -13.15 4.25 -4.11
CA LEU D 242 -14.14 3.39 -3.47
C LEU D 242 -14.09 1.97 -4.00
N VAL D 243 -13.79 1.79 -5.28
CA VAL D 243 -13.67 0.46 -5.87
CA VAL D 243 -13.70 0.49 -5.91
C VAL D 243 -12.66 0.58 -7.01
N GLN D 244 -11.87 -0.47 -7.18
CA GLN D 244 -10.79 -0.53 -8.16
C GLN D 244 -10.70 -1.91 -8.81
N GLY D 245 -10.86 -1.96 -10.12
CA GLY D 245 -10.64 -3.18 -10.88
C GLY D 245 -9.15 -3.41 -11.14
N HIS D 246 -8.83 -4.65 -11.49
CA HIS D 246 -7.48 -5.06 -11.90
C HIS D 246 -7.39 -5.01 -13.45
N ARG D 247 -6.55 -5.83 -14.09
CA ARG D 247 -6.32 -5.69 -15.54
C ARG D 247 -6.92 -6.79 -16.41
N ASN D 248 -7.92 -7.47 -15.89
CA ASN D 248 -8.49 -8.61 -16.59
C ASN D 248 -9.60 -8.22 -17.53
N PRO D 249 -9.61 -8.79 -18.74
CA PRO D 249 -10.78 -8.71 -19.59
C PRO D 249 -12.04 -9.22 -18.88
N TRP D 250 -13.13 -8.49 -19.07
CA TRP D 250 -14.45 -8.77 -18.52
C TRP D 250 -14.66 -8.47 -17.03
N GLU D 251 -13.67 -7.92 -16.31
CA GLU D 251 -13.98 -7.49 -14.92
C GLU D 251 -15.05 -6.44 -14.95
N ILE D 252 -16.00 -6.59 -14.04
CA ILE D 252 -17.08 -5.65 -13.89
C ILE D 252 -16.81 -4.93 -12.55
N VAL D 253 -16.83 -3.62 -12.59
CA VAL D 253 -16.63 -2.82 -11.39
C VAL D 253 -17.94 -2.10 -11.10
N THR D 254 -18.55 -2.39 -9.96
CA THR D 254 -19.80 -1.75 -9.57
C THR D 254 -19.65 -0.89 -8.32
N ALA D 255 -20.55 0.08 -8.17
CA ALA D 255 -20.60 0.91 -6.97
C ALA D 255 -21.94 1.63 -6.88
N GLU D 256 -22.29 2.00 -5.66
CA GLU D 256 -23.34 2.95 -5.37
C GLU D 256 -22.70 4.35 -5.37
N VAL D 257 -23.36 5.29 -6.02
CA VAL D 257 -22.92 6.68 -6.09
C VAL D 257 -24.08 7.54 -5.55
N TYR D 258 -23.78 8.56 -4.74
CA TYR D 258 -24.78 9.43 -4.15
C TYR D 258 -24.55 10.88 -4.59
N PRO D 259 -25.05 11.25 -5.79
CA PRO D 259 -24.78 12.59 -6.32
C PRO D 259 -25.10 13.76 -5.39
N GLU D 260 -26.18 13.63 -4.63
N GLU D 260 -26.17 13.63 -4.64
CA GLU D 260 -26.58 14.70 -3.71
CA GLU D 260 -26.58 14.65 -3.71
C GLU D 260 -25.53 15.03 -2.65
C GLU D 260 -25.53 15.02 -2.66
N LEU D 261 -24.69 14.06 -2.28
CA LEU D 261 -23.58 14.34 -1.34
C LEU D 261 -22.52 15.29 -1.95
N ALA D 262 -22.26 15.14 -3.24
CA ALA D 262 -21.36 16.04 -3.94
C ALA D 262 -22.00 17.42 -4.09
N ASP D 263 -23.27 17.48 -4.49
CA ASP D 263 -23.99 18.77 -4.54
C ASP D 263 -23.94 19.45 -3.16
N GLN D 264 -24.18 18.68 -2.11
CA GLN D 264 -24.21 19.26 -0.74
C GLN D 264 -22.88 19.81 -0.29
N ALA D 265 -21.80 19.14 -0.67
CA ALA D 265 -20.47 19.62 -0.37
C ALA D 265 -20.21 20.91 -1.13
N ARG D 266 -20.60 20.94 -2.40
CA ARG D 266 -20.48 22.17 -3.18
C ARG D 266 -21.25 23.35 -2.58
N LEU D 267 -22.45 23.07 -2.02
CA LEU D 267 -23.19 24.13 -1.38
C LEU D 267 -22.68 24.49 0.00
N GLY D 268 -22.14 23.51 0.70
CA GLY D 268 -21.87 23.60 2.14
C GLY D 268 -20.42 23.86 2.55
N TRP D 269 -19.47 23.30 1.82
CA TRP D 269 -18.06 23.38 2.25
C TRP D 269 -17.56 24.82 2.31
N GLY D 270 -16.75 25.09 3.33
CA GLY D 270 -16.02 26.35 3.48
C GLY D 270 -14.62 26.09 2.95
N LEU D 271 -13.73 25.68 3.84
CA LEU D 271 -12.35 25.30 3.49
C LEU D 271 -12.41 24.22 2.42
N GLU D 272 -11.69 24.46 1.32
CA GLU D 272 -11.59 23.50 0.19
C GLU D 272 -12.80 23.43 -0.74
N ASN D 273 -13.61 24.49 -0.75
CA ASN D 273 -14.62 24.63 -1.76
C ASN D 273 -14.01 25.22 -3.02
N ASN D 274 -13.20 24.41 -3.68
CA ASN D 274 -12.25 24.90 -4.66
C ASN D 274 -12.90 25.27 -5.97
N ILE D 275 -13.92 24.51 -6.36
CA ILE D 275 -14.70 24.79 -7.58
C ILE D 275 -15.33 26.19 -7.53
N TYR D 276 -15.71 26.64 -6.33
CA TYR D 276 -16.14 28.03 -6.15
C TYR D 276 -14.96 28.97 -6.01
N ASN D 277 -13.98 28.59 -5.17
CA ASN D 277 -12.84 29.50 -4.87
C ASN D 277 -12.02 29.92 -6.11
N LEU D 278 -11.98 29.07 -7.15
CA LEU D 278 -11.15 29.33 -8.33
C LEU D 278 -11.32 30.73 -8.88
N GLY D 279 -12.58 31.16 -9.02
CA GLY D 279 -12.89 32.42 -9.65
C GLY D 279 -13.31 33.56 -8.75
N SER D 280 -13.23 33.35 -7.43
CA SER D 280 -13.63 34.36 -6.42
C SER D 280 -12.63 34.25 -5.26
N ARG D 281 -11.50 34.92 -5.39
CA ARG D 281 -10.34 34.68 -4.53
C ARG D 281 -10.30 35.61 -3.36
N GLY D 282 -9.88 35.10 -2.21
CA GLY D 282 -9.65 35.93 -1.04
C GLY D 282 -10.89 36.70 -0.59
N TYR D 283 -12.03 36.02 -0.53
CA TYR D 283 -13.28 36.70 -0.18
C TYR D 283 -13.37 37.26 1.24
N VAL D 284 -12.50 36.86 2.15
CA VAL D 284 -12.52 37.48 3.50
C VAL D 284 -11.96 38.89 3.40
N ALA D 285 -10.84 39.05 2.70
CA ALA D 285 -10.22 40.38 2.52
C ALA D 285 -11.02 41.27 1.55
N THR D 286 -11.59 40.65 0.51
CA THR D 286 -12.33 41.37 -0.53
C THR D 286 -13.75 40.75 -0.64
N PRO D 287 -14.76 41.39 -0.04
CA PRO D 287 -16.13 40.91 -0.12
C PRO D 287 -16.57 40.53 -1.54
N GLY D 288 -17.11 39.34 -1.71
CA GLY D 288 -17.46 38.81 -3.03
C GLY D 288 -16.30 38.11 -3.74
N GLY D 289 -15.06 38.34 -3.29
CA GLY D 289 -13.91 37.73 -3.91
C GLY D 289 -13.33 38.57 -5.04
N VAL D 290 -12.02 38.42 -5.25
CA VAL D 290 -11.33 39.04 -6.40
C VAL D 290 -11.63 38.19 -7.63
N LYS D 291 -12.13 38.84 -8.68
CA LYS D 291 -12.60 38.13 -9.89
C LYS D 291 -11.62 38.11 -11.03
N GLU D 292 -10.64 39.03 -11.04
N GLU D 292 -10.64 39.01 -11.01
CA GLU D 292 -9.71 39.13 -12.16
CA GLU D 292 -9.68 39.09 -12.12
C GLU D 292 -8.83 37.85 -12.26
C GLU D 292 -8.85 37.82 -12.25
N ASN D 293 -8.64 37.41 -13.49
CA ASN D 293 -7.86 36.22 -13.79
C ASN D 293 -6.39 36.47 -13.54
N PRO D 294 -5.73 35.63 -12.71
CA PRO D 294 -4.29 35.80 -12.48
C PRO D 294 -3.40 34.89 -13.33
N TYR D 295 -4.01 34.04 -14.16
CA TYR D 295 -3.27 33.01 -14.91
C TYR D 295 -3.11 33.41 -16.40
N THR D 296 -1.86 33.66 -16.80
CA THR D 296 -1.54 33.94 -18.21
C THR D 296 -1.99 32.79 -19.16
N PHE D 297 -1.89 31.53 -18.73
CA PHE D 297 -2.26 30.42 -19.63
C PHE D 297 -3.78 30.44 -19.95
N VAL D 298 -4.58 30.89 -18.99
CA VAL D 298 -6.02 30.96 -19.13
C VAL D 298 -6.37 32.03 -20.16
N LYS D 299 -5.73 33.18 -20.05
CA LYS D 299 -5.93 34.23 -21.05
C LYS D 299 -5.53 33.75 -22.44
N ASP D 300 -4.35 33.16 -22.55
CA ASP D 300 -3.82 32.77 -23.85
C ASP D 300 -4.71 31.69 -24.47
N LEU D 301 -5.05 30.69 -23.67
CA LEU D 301 -5.90 29.60 -24.14
C LEU D 301 -7.27 30.16 -24.56
N ALA D 302 -7.84 31.04 -23.74
CA ALA D 302 -9.13 31.64 -24.11
C ALA D 302 -9.07 32.32 -25.47
N GLU D 303 -7.94 32.98 -25.74
CA GLU D 303 -7.75 33.71 -26.98
C GLU D 303 -7.25 32.86 -28.13
N GLY D 304 -7.13 31.54 -27.94
CA GLY D 304 -6.65 30.66 -29.00
C GLY D 304 -5.19 30.85 -29.34
N LYS D 305 -4.41 31.27 -28.34
CA LYS D 305 -2.99 31.52 -28.52
C LYS D 305 -2.16 30.93 -27.37
N TYR D 306 -2.60 29.81 -26.81
CA TYR D 306 -1.77 29.10 -25.85
C TYR D 306 -0.51 28.61 -26.57
N LYS D 307 0.64 28.99 -26.04
CA LYS D 307 1.92 28.65 -26.66
C LYS D 307 3.00 28.55 -25.58
N VAL D 308 3.44 27.33 -25.30
CA VAL D 308 4.47 27.11 -24.28
C VAL D 308 5.79 27.75 -24.76
N PRO D 309 6.58 28.26 -23.81
CA PRO D 309 7.77 29.00 -24.22
C PRO D 309 8.87 28.18 -24.92
N TRP D 310 8.81 26.86 -24.84
CA TRP D 310 9.75 25.96 -25.53
C TRP D 310 9.14 25.32 -26.79
N GLU D 311 8.00 25.86 -27.27
CA GLU D 311 7.26 25.19 -28.36
C GLU D 311 8.10 24.94 -29.62
N ASP D 312 8.97 25.89 -29.95
CA ASP D 312 9.80 25.75 -31.19
C ASP D 312 10.72 24.54 -31.16
N GLU D 313 11.07 24.06 -29.97
CA GLU D 313 12.00 22.95 -29.80
C GLU D 313 11.31 21.58 -29.58
N ILE D 314 9.96 21.56 -29.55
CA ILE D 314 9.21 20.31 -29.40
C ILE D 314 9.43 19.47 -30.68
N LYS D 315 9.78 18.20 -30.50
CA LYS D 315 10.17 17.33 -31.61
C LYS D 315 8.98 16.68 -32.31
N VAL D 316 7.91 16.38 -31.57
CA VAL D 316 6.77 15.63 -32.12
C VAL D 316 5.58 16.58 -32.23
N LYS D 317 5.33 17.01 -33.47
CA LYS D 317 4.26 17.95 -33.80
C LYS D 317 3.33 17.47 -34.92
N ASP D 318 3.51 16.24 -35.40
CA ASP D 318 2.64 15.66 -36.43
C ASP D 318 2.67 14.16 -36.22
N GLY D 319 1.97 13.43 -37.10
CA GLY D 319 1.87 11.98 -36.97
C GLY D 319 2.91 11.17 -37.70
N SER D 320 3.99 11.80 -38.18
CA SER D 320 4.97 11.09 -39.04
C SER D 320 5.67 9.91 -38.31
N ILE D 321 5.88 10.04 -37.00
CA ILE D 321 6.53 8.98 -36.23
C ILE D 321 5.73 7.67 -36.27
N TYR D 322 4.41 7.78 -36.44
CA TYR D 322 3.55 6.62 -36.62
C TYR D 322 3.14 6.36 -38.08
N GLY D 323 3.82 7.00 -39.03
CA GLY D 323 3.57 6.81 -40.46
C GLY D 323 2.41 7.57 -41.07
N TYR D 324 1.79 8.51 -40.34
CA TYR D 324 0.77 9.38 -40.93
C TYR D 324 1.45 10.41 -41.85
N PRO D 325 0.94 10.59 -43.08
CA PRO D 325 1.49 11.67 -43.92
C PRO D 325 1.31 13.03 -43.26
N VAL D 326 2.26 13.92 -43.47
CA VAL D 326 2.21 15.26 -42.91
C VAL D 326 1.53 16.14 -43.95
N LYS D 327 0.40 16.73 -43.56
CA LYS D 327 -0.47 17.49 -44.45
C LYS D 327 -0.60 18.92 -43.92
N GLY E 2 -19.48 8.47 3.96
CA GLY E 2 -18.73 9.62 4.61
C GLY E 2 -17.74 10.34 3.69
N SER E 3 -16.95 11.25 4.28
CA SER E 3 -15.90 11.95 3.54
C SER E 3 -14.86 12.51 4.51
N SER E 4 -13.70 12.85 3.96
CA SER E 4 -12.65 13.51 4.75
C SER E 4 -13.10 14.90 5.23
N GLY E 5 -14.12 15.47 4.56
CA GLY E 5 -14.86 16.61 5.07
C GLY E 5 -14.14 17.96 5.06
N SER E 6 -14.86 18.93 5.63
CA SER E 6 -14.40 20.31 5.73
C SER E 6 -14.43 20.68 7.24
N MET E 7 -14.91 21.89 7.56
CA MET E 7 -15.03 22.33 8.98
C MET E 7 -16.47 22.79 9.29
N VAL E 8 -17.44 22.31 8.46
CA VAL E 8 -18.86 22.71 8.54
C VAL E 8 -19.72 21.51 8.95
N LYS E 9 -20.92 21.82 9.46
CA LYS E 9 -21.96 20.81 9.70
C LYS E 9 -22.48 20.42 8.31
N PRO E 10 -22.29 19.16 7.89
CA PRO E 10 -22.78 18.78 6.54
C PRO E 10 -24.32 18.75 6.48
N ILE E 11 -24.87 18.92 5.29
CA ILE E 11 -26.33 18.91 5.09
C ILE E 11 -26.94 17.56 5.50
N SER E 12 -26.23 16.44 5.30
N SER E 12 -26.24 16.48 5.23
CA SER E 12 -26.72 15.05 5.69
CA SER E 12 -26.63 15.18 5.69
C SER E 12 -26.11 14.14 6.81
C SER E 12 -25.49 14.89 6.65
N GLY E 13 -25.79 14.67 7.94
N GLY E 13 -25.83 14.53 7.87
CA GLY E 13 -24.83 14.02 8.78
CA GLY E 13 -24.86 13.99 8.78
C GLY E 13 -24.16 14.98 9.71
C GLY E 13 -24.16 14.97 9.70
N PHE E 14 -22.97 14.61 10.16
CA PHE E 14 -22.28 15.38 11.16
C PHE E 14 -20.76 15.27 11.00
N LEU E 15 -20.10 16.26 11.58
CA LEU E 15 -18.66 16.32 11.61
C LEU E 15 -18.14 15.84 12.97
N THR E 16 -17.15 14.97 12.94
N THR E 16 -17.15 14.96 12.94
CA THR E 16 -16.51 14.44 14.14
CA THR E 16 -16.48 14.43 14.15
C THR E 16 -15.01 14.77 14.18
C THR E 16 -15.02 14.79 14.17
N ALA E 17 -14.49 14.95 15.38
CA ALA E 17 -13.04 15.08 15.62
C ALA E 17 -12.61 14.02 16.65
N LEU E 18 -11.65 13.21 16.25
CA LEU E 18 -11.08 12.16 17.09
C LEU E 18 -9.73 12.65 17.53
N ILE E 19 -9.51 12.69 18.84
CA ILE E 19 -8.30 13.29 19.39
C ILE E 19 -7.30 12.21 19.80
N GLN E 20 -6.12 12.18 19.17
CA GLN E 20 -5.05 11.27 19.57
C GLN E 20 -4.34 11.91 20.77
N TYR E 21 -5.05 11.88 21.88
CA TYR E 21 -4.67 12.57 23.10
C TYR E 21 -3.36 11.99 23.64
N PRO E 22 -2.40 12.82 24.05
CA PRO E 22 -1.17 12.26 24.60
C PRO E 22 -1.41 11.43 25.85
N VAL E 23 -0.78 10.27 25.92
CA VAL E 23 -0.96 9.42 27.09
C VAL E 23 -0.52 10.17 28.35
N PRO E 24 -1.39 10.28 29.36
CA PRO E 24 -0.98 10.99 30.58
C PRO E 24 -0.07 10.13 31.46
N VAL E 25 0.89 10.77 32.12
CA VAL E 25 1.64 10.16 33.18
C VAL E 25 1.09 10.78 34.46
N VAL E 26 0.39 9.98 35.26
CA VAL E 26 -0.41 10.50 36.37
C VAL E 26 0.07 9.92 37.70
N GLU E 27 0.47 10.80 38.62
CA GLU E 27 1.00 10.38 39.92
C GLU E 27 0.10 10.69 41.10
N SER E 28 -0.93 11.51 40.89
CA SER E 28 -1.79 11.93 41.99
C SER E 28 -3.09 12.48 41.46
N ARG E 29 -4.02 12.73 42.35
CA ARG E 29 -5.27 13.36 41.96
C ARG E 29 -5.08 14.75 41.32
N ALA E 30 -4.10 15.52 41.79
CA ALA E 30 -3.76 16.78 41.13
C ALA E 30 -3.49 16.59 39.63
N ASP E 31 -2.78 15.52 39.26
CA ASP E 31 -2.50 15.23 37.84
C ASP E 31 -3.78 14.91 37.05
N ILE E 32 -4.73 14.25 37.71
CA ILE E 32 -6.02 13.98 37.11
C ILE E 32 -6.72 15.31 36.83
N ASP E 33 -6.69 16.23 37.80
CA ASP E 33 -7.26 17.55 37.58
C ASP E 33 -6.62 18.28 36.41
N LYS E 34 -5.31 18.15 36.27
N LYS E 34 -5.30 18.16 36.26
CA LYS E 34 -4.58 18.69 35.15
CA LYS E 34 -4.58 18.70 35.10
C LYS E 34 -5.09 18.10 33.80
C LYS E 34 -5.07 18.10 33.79
N GLN E 35 -5.31 16.79 33.75
CA GLN E 35 -5.82 16.16 32.52
C GLN E 35 -7.22 16.66 32.23
N ILE E 36 -8.05 16.81 33.27
CA ILE E 36 -9.40 17.32 33.08
C ILE E 36 -9.36 18.69 32.42
N GLN E 37 -8.51 19.56 32.94
CA GLN E 37 -8.36 20.89 32.39
C GLN E 37 -7.89 20.86 30.95
N GLN E 38 -6.95 19.98 30.65
CA GLN E 38 -6.42 19.90 29.30
C GLN E 38 -7.46 19.35 28.30
N ILE E 39 -8.24 18.36 28.72
CA ILE E 39 -9.36 17.83 27.91
C ILE E 39 -10.38 18.95 27.60
N ILE E 40 -10.73 19.70 28.64
CA ILE E 40 -11.68 20.79 28.50
C ILE E 40 -11.16 21.87 27.55
N LYS E 41 -9.90 22.24 27.74
CA LYS E 41 -9.25 23.17 26.82
C LYS E 41 -9.32 22.68 25.37
N THR E 42 -9.13 21.39 25.17
CA THR E 42 -9.18 20.78 23.85
C THR E 42 -10.56 20.80 23.23
N ILE E 43 -11.62 20.62 24.04
CA ILE E 43 -12.97 20.75 23.54
C ILE E 43 -13.17 22.14 22.92
N HIS E 44 -12.85 23.19 23.68
CA HIS E 44 -13.06 24.56 23.21
C HIS E 44 -12.17 24.91 21.99
N SER E 45 -10.90 24.52 22.04
CA SER E 45 -9.98 24.83 20.96
CA SER E 45 -9.99 24.84 20.93
C SER E 45 -10.39 24.11 19.66
N THR E 46 -10.81 22.87 19.78
CA THR E 46 -11.16 22.07 18.61
C THR E 46 -12.44 22.64 17.97
N LYS E 47 -13.41 23.04 18.80
CA LYS E 47 -14.60 23.69 18.30
C LYS E 47 -14.29 25.02 17.58
N SER E 48 -13.30 25.77 18.10
CA SER E 48 -12.91 27.02 17.47
CA SER E 48 -12.89 27.03 17.50
C SER E 48 -12.30 26.77 16.10
N GLY E 49 -11.52 25.70 15.99
CA GLY E 49 -10.92 25.37 14.71
C GLY E 49 -11.89 24.77 13.71
N TYR E 50 -12.90 24.06 14.20
CA TYR E 50 -13.87 23.36 13.35
C TYR E 50 -15.29 23.77 13.78
N PRO E 51 -15.78 24.92 13.27
CA PRO E 51 -17.05 25.45 13.80
C PRO E 51 -18.28 24.54 13.62
N GLY E 52 -18.27 23.66 12.62
CA GLY E 52 -19.37 22.70 12.43
C GLY E 52 -19.31 21.44 13.29
N LEU E 53 -18.28 21.28 14.11
CA LEU E 53 -18.07 20.10 14.93
C LEU E 53 -19.29 19.79 15.81
N GLU E 54 -19.72 18.54 15.77
CA GLU E 54 -20.77 18.05 16.67
C GLU E 54 -20.37 16.90 17.58
N LEU E 55 -19.30 16.15 17.27
CA LEU E 55 -18.89 15.01 18.11
C LEU E 55 -17.40 15.02 18.29
N ILE E 56 -16.94 15.21 19.54
CA ILE E 56 -15.53 15.13 19.85
C ILE E 56 -15.27 13.90 20.72
N VAL E 57 -14.24 13.13 20.38
CA VAL E 57 -13.98 11.82 21.01
C VAL E 57 -12.60 11.79 21.63
N PHE E 58 -12.55 11.51 22.94
CA PHE E 58 -11.29 11.32 23.64
C PHE E 58 -11.02 9.86 23.93
N PRO E 59 -9.73 9.47 23.97
CA PRO E 59 -9.43 8.06 24.19
C PRO E 59 -9.63 7.56 25.62
N GLU E 60 -9.66 6.24 25.74
CA GLU E 60 -9.61 5.55 27.02
C GLU E 60 -8.37 6.04 27.79
N TYR E 61 -8.55 6.24 29.09
CA TYR E 61 -7.49 6.66 30.03
C TYR E 61 -7.01 8.08 29.85
N SER E 62 -7.72 8.88 29.03
CA SER E 62 -7.30 10.28 28.82
C SER E 62 -7.44 11.10 30.13
N THR E 63 -8.36 10.74 31.00
CA THR E 63 -8.55 11.43 32.28
C THR E 63 -7.53 11.04 33.34
N GLN E 64 -7.24 9.75 33.43
CA GLN E 64 -6.52 9.20 34.59
C GLN E 64 -5.19 8.51 34.31
N GLY E 65 -4.84 8.31 33.05
CA GLY E 65 -3.63 7.57 32.71
C GLY E 65 -3.69 6.09 33.04
N LEU E 66 -2.52 5.46 32.95
CA LEU E 66 -2.34 4.05 33.21
C LEU E 66 -1.24 3.83 34.24
N ASN E 67 -1.40 4.47 35.41
CA ASN E 67 -0.46 4.22 36.49
C ASN E 67 -0.89 2.92 37.16
N THR E 68 -0.28 1.82 36.71
CA THR E 68 -0.73 0.49 37.13
C THR E 68 -0.47 0.20 38.61
N LYS E 69 0.33 1.03 39.26
CA LYS E 69 0.56 0.90 40.70
C LYS E 69 -0.45 1.64 41.56
N LYS E 70 -1.23 2.53 40.97
CA LYS E 70 -2.17 3.37 41.72
C LYS E 70 -3.59 3.40 41.17
N TRP E 71 -3.83 2.76 40.02
CA TRP E 71 -5.07 3.02 39.28
C TRP E 71 -6.36 2.52 39.89
N THR E 72 -6.27 1.62 40.87
CA THR E 72 -7.45 1.21 41.63
C THR E 72 -7.49 1.78 43.03
N THR E 73 -6.59 2.69 43.38
CA THR E 73 -6.69 3.38 44.69
C THR E 73 -7.83 4.39 44.64
N GLU E 74 -8.37 4.70 45.82
CA GLU E 74 -9.53 5.63 45.90
C GLU E 74 -9.16 6.97 45.28
N GLU E 75 -7.95 7.43 45.53
CA GLU E 75 -7.46 8.70 44.97
C GLU E 75 -7.58 8.79 43.42
N PHE E 76 -7.43 7.65 42.73
CA PHE E 76 -7.42 7.60 41.28
C PHE E 76 -8.76 7.28 40.64
N LEU E 77 -9.80 7.03 41.44
CA LEU E 77 -11.11 6.67 40.92
C LEU E 77 -12.12 7.81 41.12
N CYS E 78 -13.17 7.78 40.31
CA CYS E 78 -14.24 8.77 40.35
C CYS E 78 -15.60 8.12 40.38
N THR E 79 -16.61 8.87 40.80
CA THR E 79 -18.01 8.43 40.60
C THR E 79 -18.46 8.89 39.21
N VAL E 80 -19.38 8.14 38.61
CA VAL E 80 -19.95 8.49 37.30
C VAL E 80 -21.46 8.43 37.41
N PRO E 81 -22.16 9.58 37.34
CA PRO E 81 -21.63 10.94 37.24
C PRO E 81 -20.93 11.39 38.51
N GLY E 82 -20.14 12.44 38.39
CA GLY E 82 -19.44 13.05 39.53
C GLY E 82 -18.97 14.42 39.15
N PRO E 83 -18.22 15.09 40.04
CA PRO E 83 -17.69 16.42 39.74
C PRO E 83 -16.86 16.51 38.44
N GLU E 84 -16.14 15.44 38.11
CA GLU E 84 -15.32 15.41 36.90
C GLU E 84 -16.17 15.36 35.64
N THR E 85 -17.14 14.45 35.60
CA THR E 85 -18.06 14.43 34.44
C THR E 85 -18.88 15.73 34.37
N ASP E 86 -19.16 16.35 35.52
CA ASP E 86 -19.89 17.62 35.52
C ASP E 86 -19.07 18.73 34.83
N LEU E 87 -17.77 18.74 35.05
CA LEU E 87 -16.89 19.69 34.34
C LEU E 87 -16.84 19.40 32.83
N PHE E 88 -16.74 18.14 32.44
CA PHE E 88 -16.84 17.78 31.01
C PHE E 88 -18.18 18.23 30.42
N ALA E 89 -19.26 18.00 31.18
CA ALA E 89 -20.59 18.36 30.73
C ALA E 89 -20.76 19.85 30.50
N GLU E 90 -20.25 20.66 31.42
CA GLU E 90 -20.30 22.10 31.27
C GLU E 90 -19.56 22.53 30.00
N ALA E 91 -18.42 21.91 29.71
CA ALA E 91 -17.65 22.22 28.51
C ALA E 91 -18.38 21.81 27.22
N CYS E 92 -19.05 20.66 27.24
CA CYS E 92 -19.89 20.24 26.09
C CYS E 92 -21.05 21.20 25.86
N LYS E 93 -21.64 21.68 26.96
CA LYS E 93 -22.71 22.65 26.89
C LYS E 93 -22.22 24.00 26.29
N GLU E 94 -21.12 24.51 26.81
CA GLU E 94 -20.56 25.75 26.32
C GLU E 94 -20.16 25.70 24.83
N SER E 95 -19.53 24.62 24.41
CA SER E 95 -19.10 24.48 23.00
C SER E 95 -20.19 23.88 22.11
N LYS E 96 -21.30 23.44 22.69
CA LYS E 96 -22.42 22.85 21.94
C LYS E 96 -21.99 21.65 21.12
N VAL E 97 -21.32 20.72 21.78
CA VAL E 97 -20.90 19.48 21.14
C VAL E 97 -21.29 18.30 21.98
N TYR E 98 -21.40 17.16 21.32
CA TYR E 98 -21.40 15.87 21.98
C TYR E 98 -19.95 15.50 22.28
N GLY E 99 -19.68 14.98 23.47
CA GLY E 99 -18.36 14.53 23.84
C GLY E 99 -18.35 13.14 24.41
N VAL E 100 -17.27 12.41 24.14
CA VAL E 100 -17.08 11.06 24.62
C VAL E 100 -15.83 11.04 25.53
N PHE E 101 -15.99 10.57 26.76
CA PHE E 101 -14.98 10.66 27.81
C PHE E 101 -14.81 9.33 28.49
N SER E 102 -13.62 9.14 29.07
CA SER E 102 -13.21 7.91 29.74
C SER E 102 -12.99 8.19 31.23
N ILE E 103 -13.67 7.43 32.10
CA ILE E 103 -13.47 7.55 33.54
C ILE E 103 -13.34 6.15 34.16
N MET E 104 -12.29 5.94 34.93
CA MET E 104 -12.19 4.78 35.80
C MET E 104 -13.05 5.06 37.04
N GLU E 105 -14.02 4.17 37.26
CA GLU E 105 -15.17 4.41 38.09
C GLU E 105 -15.17 3.56 39.38
N LYS E 106 -15.23 4.24 40.53
CA LYS E 106 -15.46 3.55 41.83
CA LYS E 106 -15.40 3.55 41.81
C LYS E 106 -16.68 2.68 41.74
N ASN E 107 -16.57 1.46 42.21
CA ASN E 107 -17.70 0.54 42.25
C ASN E 107 -18.61 0.96 43.41
N PRO E 108 -19.88 1.25 43.13
CA PRO E 108 -20.74 1.74 44.22
C PRO E 108 -20.90 0.75 45.42
N ASP E 109 -20.66 -0.54 45.23
CA ASP E 109 -20.72 -1.51 46.35
C ASP E 109 -19.38 -1.77 47.08
N GLY E 110 -18.32 -1.10 46.66
CA GLY E 110 -17.03 -1.26 47.29
C GLY E 110 -16.18 -2.35 46.65
N GLY E 111 -16.71 -3.05 45.64
CA GLY E 111 -15.95 -4.08 44.94
C GLY E 111 -14.99 -3.49 43.94
N GLU E 112 -14.61 -4.31 42.96
CA GLU E 112 -13.62 -3.89 42.01
C GLU E 112 -14.16 -2.79 41.08
N PRO E 113 -13.33 -1.81 40.73
CA PRO E 113 -13.76 -0.68 39.94
C PRO E 113 -14.00 -1.03 38.47
N TYR E 114 -14.77 -0.17 37.80
CA TYR E 114 -15.11 -0.31 36.39
C TYR E 114 -14.31 0.65 35.53
N ASN E 115 -14.19 0.29 34.24
CA ASN E 115 -13.60 1.14 33.23
C ASN E 115 -14.77 1.65 32.41
N THR E 116 -15.05 2.94 32.51
CA THR E 116 -16.31 3.50 32.04
C THR E 116 -16.12 4.57 30.96
N ALA E 117 -17.09 4.62 30.04
CA ALA E 117 -17.17 5.64 29.01
C ALA E 117 -18.52 6.30 29.09
N VAL E 118 -18.58 7.61 28.81
CA VAL E 118 -19.82 8.33 28.80
C VAL E 118 -19.91 9.18 27.55
N ILE E 119 -21.14 9.43 27.12
CA ILE E 119 -21.43 10.43 26.09
C ILE E 119 -22.26 11.50 26.76
N ILE E 120 -21.84 12.74 26.55
CA ILE E 120 -22.56 13.88 27.03
C ILE E 120 -22.99 14.71 25.81
N ASP E 121 -24.21 15.24 25.85
CA ASP E 121 -24.81 15.93 24.71
C ASP E 121 -24.57 17.44 24.79
N PRO E 122 -24.94 18.18 23.74
CA PRO E 122 -24.69 19.63 23.71
C PRO E 122 -25.45 20.48 24.75
N GLN E 123 -26.39 19.88 25.46
CA GLN E 123 -27.05 20.52 26.58
C GLN E 123 -26.38 20.16 27.91
N GLY E 124 -25.30 19.38 27.87
CA GLY E 124 -24.60 18.95 29.06
C GLY E 124 -25.25 17.79 29.81
N GLU E 125 -26.10 17.03 29.14
CA GLU E 125 -26.77 15.88 29.74
CA GLU E 125 -26.76 15.87 29.76
C GLU E 125 -26.01 14.61 29.40
N MET E 126 -25.80 13.75 30.39
CA MET E 126 -25.18 12.47 30.14
C MET E 126 -26.23 11.56 29.53
N ILE E 127 -26.04 11.17 28.27
CA ILE E 127 -27.03 10.36 27.58
C ILE E 127 -26.62 8.90 27.37
N LEU E 128 -25.39 8.55 27.75
CA LEU E 128 -24.91 7.18 27.63
C LEU E 128 -23.82 6.93 28.64
N LYS E 129 -23.94 5.80 29.34
CA LYS E 129 -22.95 5.31 30.29
C LYS E 129 -22.70 3.85 30.01
N TYR E 130 -21.45 3.50 29.77
CA TYR E 130 -21.05 2.17 29.39
C TYR E 130 -19.86 1.71 30.25
N ARG E 131 -19.93 0.48 30.77
CA ARG E 131 -18.82 -0.13 31.52
C ARG E 131 -18.17 -1.23 30.66
N LYS E 132 -16.88 -1.09 30.45
CA LYS E 132 -16.09 -1.97 29.60
C LYS E 132 -16.41 -3.45 29.87
N LEU E 133 -16.99 -4.10 28.85
CA LEU E 133 -17.40 -5.49 28.96
C LEU E 133 -16.21 -6.46 29.03
N ASN E 134 -15.15 -6.14 28.29
CA ASN E 134 -13.98 -7.02 28.12
C ASN E 134 -12.67 -6.37 28.55
N PRO E 135 -12.42 -6.30 29.87
CA PRO E 135 -11.12 -5.78 30.32
C PRO E 135 -9.94 -6.49 29.61
N TRP E 136 -8.86 -5.76 29.43
CA TRP E 136 -7.64 -6.24 28.78
C TRP E 136 -6.81 -7.05 29.75
N VAL E 137 -7.26 -8.27 29.96
CA VAL E 137 -6.66 -9.20 30.91
C VAL E 137 -5.43 -9.88 30.26
N PRO E 138 -4.37 -10.13 31.03
CA PRO E 138 -4.22 -10.03 32.49
C PRO E 138 -3.69 -8.70 33.06
N VAL E 139 -3.48 -7.68 32.23
CA VAL E 139 -2.90 -6.44 32.71
C VAL E 139 -3.92 -5.57 33.45
N GLU E 140 -5.19 -5.64 33.06
CA GLU E 140 -6.23 -4.75 33.61
C GLU E 140 -7.02 -5.37 34.76
N PRO E 141 -7.23 -4.59 35.84
CA PRO E 141 -7.90 -5.10 37.04
C PRO E 141 -9.40 -4.82 37.03
N TRP E 142 -9.94 -4.22 35.97
CA TRP E 142 -11.33 -3.73 35.97
C TRP E 142 -12.36 -4.86 36.00
N LYS E 143 -13.46 -4.60 36.72
N LYS E 143 -13.45 -4.60 36.71
CA LYS E 143 -14.56 -5.52 36.77
CA LYS E 143 -14.57 -5.51 36.77
C LYS E 143 -15.23 -5.57 35.41
C LYS E 143 -15.23 -5.57 35.42
N ALA E 144 -15.62 -6.77 34.99
CA ALA E 144 -16.35 -6.91 33.71
C ALA E 144 -17.64 -6.11 33.77
N GLY E 145 -17.87 -5.34 32.73
CA GLY E 145 -19.04 -4.45 32.72
C GLY E 145 -20.40 -5.15 32.83
N ASP E 146 -21.33 -4.49 33.50
CA ASP E 146 -22.62 -5.05 33.84
C ASP E 146 -23.79 -4.24 33.29
N LEU E 147 -23.56 -3.30 32.38
CA LEU E 147 -24.64 -2.48 31.80
C LEU E 147 -24.97 -2.82 30.36
N GLY E 148 -24.48 -3.96 29.88
CA GLY E 148 -24.64 -4.30 28.48
C GLY E 148 -23.92 -3.31 27.60
N LEU E 149 -24.40 -3.18 26.37
CA LEU E 149 -23.88 -2.23 25.41
C LEU E 149 -25.01 -1.28 25.00
N PRO E 150 -25.08 -0.08 25.64
CA PRO E 150 -26.22 0.81 25.35
C PRO E 150 -26.03 1.57 24.06
N VAL E 151 -27.12 2.17 23.61
CA VAL E 151 -27.13 3.05 22.44
CA VAL E 151 -27.12 3.04 22.43
C VAL E 151 -27.83 4.34 22.82
N CYS E 152 -27.52 5.43 22.14
CA CYS E 152 -28.24 6.70 22.35
C CYS E 152 -28.40 7.42 21.02
N ASP E 153 -29.26 8.41 21.00
CA ASP E 153 -29.36 9.33 19.85
C ASP E 153 -28.20 10.33 19.84
N GLY E 154 -27.61 10.52 18.66
CA GLY E 154 -26.52 11.46 18.50
C GLY E 154 -26.83 12.51 17.45
N PRO E 155 -25.79 13.24 17.01
CA PRO E 155 -26.03 14.27 16.02
C PRO E 155 -26.26 13.68 14.61
N GLY E 156 -26.87 14.46 13.74
CA GLY E 156 -27.00 14.13 12.33
C GLY E 156 -27.72 12.84 12.05
N GLY E 157 -28.74 12.52 12.86
CA GLY E 157 -29.50 11.26 12.72
C GLY E 157 -28.73 10.00 13.16
N SER E 158 -27.64 10.17 13.89
CA SER E 158 -26.91 9.03 14.36
C SER E 158 -27.58 8.32 15.53
N LYS E 159 -27.31 7.02 15.63
CA LYS E 159 -27.57 6.22 16.82
C LYS E 159 -26.21 5.70 17.23
N LEU E 160 -25.70 6.22 18.35
CA LEU E 160 -24.32 6.00 18.79
C LEU E 160 -24.24 4.86 19.80
N ALA E 161 -23.21 4.03 19.67
CA ALA E 161 -22.76 3.14 20.76
C ALA E 161 -21.29 3.38 20.99
N VAL E 162 -20.84 3.18 22.23
CA VAL E 162 -19.41 3.24 22.56
CA VAL E 162 -19.41 3.26 22.54
C VAL E 162 -18.93 1.90 23.00
N CYS E 163 -17.71 1.56 22.60
CA CYS E 163 -17.01 0.45 23.21
C CYS E 163 -15.61 0.92 23.53
N ILE E 164 -14.93 0.14 24.34
CA ILE E 164 -13.63 0.51 24.85
C ILE E 164 -12.52 -0.50 24.46
N SCY E 165 -11.53 -0.02 23.70
CA SCY E 165 -10.24 -0.69 23.46
CB SCY E 165 -9.37 -0.44 24.74
SG SCY E 165 -7.61 -0.84 24.51
CD SCY E 165 -7.36 -1.59 25.99
OCD SCY E 165 -8.02 -2.54 26.31
CE SCY E 165 -6.42 -0.98 26.93
C SCY E 165 -10.39 -2.14 23.04
O SCY E 165 -10.85 -2.44 21.93
N HIS E 166 -10.01 -3.07 23.95
CA HIS E 166 -10.13 -4.51 23.78
C HIS E 166 -11.51 -4.99 23.31
N ASP E 167 -12.58 -4.32 23.76
CA ASP E 167 -13.94 -4.66 23.32
C ASP E 167 -14.03 -4.79 21.78
N GLY E 168 -13.35 -3.90 21.06
CA GLY E 168 -13.46 -3.86 19.61
C GLY E 168 -12.78 -5.02 18.89
N MET E 169 -12.08 -5.89 19.61
CA MET E 169 -11.51 -7.11 19.05
C MET E 169 -12.50 -8.27 19.00
N PHE E 170 -13.63 -8.09 19.67
CA PHE E 170 -14.69 -9.06 19.72
C PHE E 170 -15.74 -8.63 18.72
N PRO E 171 -15.95 -9.42 17.66
CA PRO E 171 -16.98 -9.03 16.69
C PRO E 171 -18.37 -9.01 17.32
N GLU E 172 -18.56 -9.73 18.39
CA GLU E 172 -19.80 -9.72 19.15
C GLU E 172 -20.18 -8.34 19.68
N VAL E 173 -19.18 -7.51 20.00
CA VAL E 173 -19.44 -6.17 20.51
C VAL E 173 -20.02 -5.30 19.39
N ALA E 174 -19.36 -5.28 18.24
CA ALA E 174 -19.88 -4.49 17.11
C ALA E 174 -21.24 -4.99 16.64
N ARG E 175 -21.42 -6.31 16.60
CA ARG E 175 -22.70 -6.90 16.24
C ARG E 175 -23.82 -6.47 17.20
N GLU E 176 -23.55 -6.55 18.50
CA GLU E 176 -24.50 -6.09 19.53
C GLU E 176 -24.88 -4.61 19.36
N ALA E 177 -23.90 -3.77 19.11
CA ALA E 177 -24.17 -2.33 18.92
C ALA E 177 -25.14 -2.11 17.77
N ALA E 178 -24.87 -2.77 16.65
CA ALA E 178 -25.72 -2.70 15.47
C ALA E 178 -27.12 -3.28 15.74
N TYR E 179 -27.17 -4.41 16.42
CA TYR E 179 -28.42 -5.04 16.76
C TYR E 179 -29.31 -4.15 17.66
N LYS E 180 -28.69 -3.37 18.54
CA LYS E 180 -29.41 -2.44 19.40
C LYS E 180 -29.80 -1.16 18.63
N GLY E 181 -29.36 -1.01 17.37
CA GLY E 181 -29.78 0.10 16.51
C GLY E 181 -28.67 1.07 16.14
N ALA E 182 -27.46 0.91 16.67
CA ALA E 182 -26.37 1.84 16.38
C ALA E 182 -26.03 1.82 14.90
N ASN E 183 -25.90 3.01 14.31
CA ASN E 183 -25.34 3.12 12.97
C ASN E 183 -23.93 3.75 12.99
N VAL E 184 -23.43 4.08 14.19
CA VAL E 184 -22.08 4.60 14.40
C VAL E 184 -21.56 3.98 15.70
N LEU E 185 -20.47 3.20 15.59
CA LEU E 185 -19.79 2.63 16.75
C LEU E 185 -18.55 3.47 17.01
N ILE E 186 -18.42 3.95 18.23
CA ILE E 186 -17.28 4.71 18.67
C ILE E 186 -16.40 3.81 19.52
N ARG E 187 -15.11 3.74 19.24
CA ARG E 187 -14.18 2.93 20.01
C ARG E 187 -13.09 3.81 20.57
N ILE E 188 -13.05 3.95 21.89
CA ILE E 188 -12.06 4.78 22.58
C ILE E 188 -11.05 3.83 23.25
N SER E 189 -9.78 4.15 23.14
CA SER E 189 -8.78 3.13 23.35
C SER E 189 -7.45 3.61 23.92
N GLY E 190 -6.80 2.74 24.71
CA GLY E 190 -5.51 2.98 25.32
C GLY E 190 -4.55 1.80 25.13
N TYR E 191 -4.50 1.29 23.91
CA TYR E 191 -3.64 0.21 23.54
C TYR E 191 -2.18 0.63 23.31
N SER E 192 -1.28 -0.29 23.66
CA SER E 192 0.10 -0.22 23.23
C SER E 192 0.25 -0.68 21.78
N THR E 193 1.47 -0.53 21.26
CA THR E 193 1.79 -0.89 19.87
C THR E 193 1.60 -2.36 19.45
N GLN E 194 1.45 -3.25 20.44
CA GLN E 194 1.30 -4.68 20.16
C GLN E 194 0.22 -5.00 19.13
N VAL E 195 -0.86 -4.22 19.11
CA VAL E 195 -2.00 -4.50 18.24
C VAL E 195 -2.26 -3.44 17.18
N SER E 196 -1.25 -2.64 16.79
CA SER E 196 -1.48 -1.58 15.80
CA SER E 196 -1.48 -1.59 15.80
C SER E 196 -2.18 -2.06 14.53
N GLU E 197 -1.74 -3.17 13.96
CA GLU E 197 -2.35 -3.64 12.70
C GLU E 197 -3.74 -4.17 12.91
N GLN E 198 -3.93 -4.89 14.00
CA GLN E 198 -5.18 -5.52 14.29
C GLN E 198 -6.26 -4.49 14.71
N TRP E 199 -5.83 -3.35 15.25
CA TRP E 199 -6.70 -2.18 15.47
C TRP E 199 -7.34 -1.71 14.15
N MET E 200 -6.53 -1.45 13.13
CA MET E 200 -7.06 -0.98 11.84
C MET E 200 -7.94 -2.02 11.18
N LEU E 201 -7.52 -3.28 11.28
CA LEU E 201 -8.24 -4.40 10.68
C LEU E 201 -9.67 -4.55 11.28
N THR E 202 -9.76 -4.55 12.61
CA THR E 202 -11.02 -4.72 13.28
C THR E 202 -11.94 -3.51 13.16
N ASN E 203 -11.37 -2.30 13.08
CA ASN E 203 -12.22 -1.11 12.84
C ASN E 203 -12.92 -1.22 11.49
N ARG E 204 -12.24 -1.77 10.50
CA ARG E 204 -12.85 -2.03 9.19
C ARG E 204 -13.88 -3.16 9.22
N SER E 205 -13.55 -4.29 9.86
CA SER E 205 -14.44 -5.46 9.85
C SER E 205 -15.68 -5.18 10.69
N ASN E 206 -15.52 -4.44 11.79
CA ASN E 206 -16.64 -4.09 12.64
C ASN E 206 -17.67 -3.24 11.87
N ALA E 207 -17.16 -2.39 10.99
CA ALA E 207 -18.00 -1.55 10.15
C ALA E 207 -18.71 -2.39 9.10
N TRP E 208 -17.93 -3.11 8.28
CA TRP E 208 -18.46 -3.87 7.14
C TRP E 208 -19.52 -4.89 7.58
N GLN E 209 -19.20 -5.66 8.63
CA GLN E 209 -20.05 -6.79 9.02
C GLN E 209 -21.44 -6.36 9.46
N ASN E 210 -21.55 -5.10 9.86
CA ASN E 210 -22.76 -4.53 10.44
C ASN E 210 -23.37 -3.35 9.69
N LEU E 211 -22.84 -3.03 8.50
CA LEU E 211 -23.26 -1.85 7.75
C LEU E 211 -23.36 -0.64 8.69
N MET E 212 -22.23 -0.33 9.31
CA MET E 212 -22.14 0.61 10.40
C MET E 212 -20.87 1.43 10.24
N TYR E 213 -20.94 2.72 10.49
CA TYR E 213 -19.72 3.52 10.56
C TYR E 213 -18.95 3.17 11.83
N THR E 214 -17.62 3.20 11.74
CA THR E 214 -16.77 3.13 12.94
C THR E 214 -15.92 4.38 13.06
N LEU E 215 -15.90 4.91 14.27
CA LEU E 215 -15.05 6.03 14.64
C LEU E 215 -14.22 5.57 15.83
N SER E 216 -12.89 5.57 15.68
CA SER E 216 -12.02 4.89 16.64
C SER E 216 -10.77 5.71 16.88
N VAL E 217 -10.35 5.84 18.14
CA VAL E 217 -9.15 6.61 18.43
C VAL E 217 -8.47 6.10 19.70
N ASN E 218 -7.15 6.09 19.66
CA ASN E 218 -6.32 5.61 20.73
C ASN E 218 -5.45 6.77 21.25
N LEU E 219 -5.01 6.65 22.49
CA LEU E 219 -3.98 7.53 23.01
C LEU E 219 -2.73 7.41 22.16
N ALA E 220 -1.91 8.46 22.18
CA ALA E 220 -0.64 8.42 21.49
C ALA E 220 0.51 8.88 22.38
N GLY E 221 1.70 8.35 22.12
CA GLY E 221 2.91 8.74 22.84
C GLY E 221 3.38 7.68 23.83
N TYR E 222 4.41 8.04 24.59
CA TYR E 222 5.08 7.14 25.48
C TYR E 222 4.77 7.53 26.90
N ASP E 223 4.45 6.55 27.76
CA ASP E 223 4.25 6.85 29.20
C ASP E 223 5.34 6.34 30.12
N GLY E 224 6.49 5.96 29.57
CA GLY E 224 7.54 5.31 30.33
C GLY E 224 7.51 3.79 30.35
N VAL E 225 6.47 3.18 29.84
CA VAL E 225 6.33 1.74 29.72
C VAL E 225 5.95 1.35 28.29
N PHE E 226 4.80 1.80 27.82
CA PHE E 226 4.34 1.45 26.49
C PHE E 226 4.32 2.71 25.62
N TYR E 227 4.39 2.47 24.31
CA TYR E 227 4.05 3.47 23.31
C TYR E 227 2.63 3.17 22.83
N TYR E 228 1.79 4.20 22.84
CA TYR E 228 0.40 4.14 22.47
C TYR E 228 0.25 4.72 21.04
N PHE E 229 -0.39 3.99 20.14
CA PHE E 229 -0.22 4.22 18.71
C PHE E 229 -1.07 5.31 18.06
N GLY E 230 -2.07 5.86 18.75
CA GLY E 230 -2.95 6.85 18.13
C GLY E 230 -3.88 6.26 17.07
N GLU E 231 -3.48 6.42 15.80
CA GLU E 231 -4.18 5.82 14.65
C GLU E 231 -5.69 6.04 14.65
N GLY E 232 -6.13 7.27 14.88
CA GLY E 232 -7.52 7.61 14.77
C GLY E 232 -8.02 7.18 13.38
N GLN E 233 -9.23 6.62 13.31
CA GLN E 233 -9.68 5.97 12.10
C GLN E 233 -11.20 6.09 11.94
N VAL E 234 -11.61 6.49 10.75
CA VAL E 234 -13.00 6.57 10.40
C VAL E 234 -13.20 5.59 9.25
N CYS E 235 -14.13 4.65 9.43
CA CYS E 235 -14.49 3.69 8.36
C CYS E 235 -15.91 3.86 7.92
N ASN E 236 -16.07 3.84 6.59
CA ASN E 236 -17.39 3.83 5.94
C ASN E 236 -18.14 2.57 6.37
N PHE E 237 -19.46 2.58 6.20
CA PHE E 237 -20.32 1.43 6.52
C PHE E 237 -20.04 0.19 5.64
N ASP E 238 -19.29 0.32 4.55
CA ASP E 238 -18.83 -0.85 3.76
C ASP E 238 -17.41 -1.32 4.13
N GLY E 239 -16.84 -0.75 5.22
CA GLY E 239 -15.53 -1.12 5.69
C GLY E 239 -14.36 -0.34 5.14
N THR E 240 -14.60 0.57 4.17
CA THR E 240 -13.54 1.36 3.57
C THR E 240 -13.05 2.42 4.55
N THR E 241 -11.74 2.48 4.77
CA THR E 241 -11.17 3.55 5.58
C THR E 241 -11.26 4.88 4.83
N LEU E 242 -11.85 5.89 5.48
CA LEU E 242 -12.00 7.20 4.90
C LEU E 242 -10.91 8.17 5.36
N VAL E 243 -10.46 8.04 6.61
CA VAL E 243 -9.44 8.88 7.18
CA VAL E 243 -9.39 8.88 7.14
C VAL E 243 -8.65 8.04 8.16
N GLN E 244 -7.33 8.24 8.22
CA GLN E 244 -6.44 7.48 9.08
C GLN E 244 -5.35 8.39 9.63
N GLY E 245 -5.29 8.48 10.96
CA GLY E 245 -4.19 9.16 11.63
C GLY E 245 -2.94 8.29 11.71
N HIS E 246 -1.81 8.94 11.95
CA HIS E 246 -0.54 8.24 12.21
C HIS E 246 -0.35 8.06 13.75
N ARG E 247 0.89 8.07 14.25
CA ARG E 247 1.11 7.73 15.68
C ARG E 247 1.54 8.90 16.56
N ASN E 248 1.28 10.12 16.09
CA ASN E 248 1.72 11.30 16.82
C ASN E 248 0.74 11.74 17.89
N PRO E 249 1.26 12.12 19.06
CA PRO E 249 0.42 12.84 20.05
C PRO E 249 -0.18 14.09 19.45
N TRP E 250 -1.45 14.31 19.77
CA TRP E 250 -2.24 15.47 19.37
C TRP E 250 -2.72 15.49 17.92
N GLU E 251 -2.52 14.41 17.15
CA GLU E 251 -3.14 14.41 15.83
C GLU E 251 -4.64 14.43 16.00
N ILE E 252 -5.31 15.20 15.16
CA ILE E 252 -6.77 15.29 15.18
C ILE E 252 -7.25 14.69 13.87
N VAL E 253 -8.14 13.72 13.96
CA VAL E 253 -8.67 13.05 12.79
C VAL E 253 -10.12 13.49 12.68
N THR E 254 -10.49 14.14 11.58
CA THR E 254 -11.86 14.58 11.39
C THR E 254 -12.47 13.91 10.16
N ALA E 255 -13.79 13.83 10.16
CA ALA E 255 -14.54 13.33 8.99
C ALA E 255 -16.00 13.70 9.08
N GLU E 256 -16.64 13.81 7.91
N GLU E 256 -16.63 13.78 7.90
CA GLU E 256 -18.09 13.87 7.78
CA GLU E 256 -18.07 13.85 7.79
C GLU E 256 -18.61 12.44 7.74
C GLU E 256 -18.61 12.43 7.75
N VAL E 257 -19.67 12.18 8.51
CA VAL E 257 -20.31 10.88 8.60
C VAL E 257 -21.78 11.10 8.22
N TYR E 258 -22.37 10.17 7.44
CA TYR E 258 -23.75 10.30 6.98
C TYR E 258 -24.59 9.09 7.44
N PRO E 259 -25.07 9.11 8.71
CA PRO E 259 -25.75 7.92 9.28
C PRO E 259 -26.88 7.37 8.44
N GLU E 260 -27.63 8.26 7.76
N GLU E 260 -27.63 8.26 7.76
CA GLU E 260 -28.75 7.81 6.95
CA GLU E 260 -28.75 7.84 6.92
C GLU E 260 -28.35 6.89 5.80
C GLU E 260 -28.34 6.89 5.80
N LEU E 261 -27.11 7.04 5.28
CA LEU E 261 -26.61 6.11 4.26
C LEU E 261 -26.47 4.67 4.78
N ALA E 262 -26.05 4.53 6.03
CA ALA E 262 -25.94 3.22 6.65
C ALA E 262 -27.33 2.67 6.90
N ASP E 263 -28.26 3.50 7.43
CA ASP E 263 -29.65 3.05 7.61
C ASP E 263 -30.24 2.57 6.26
N GLN E 264 -29.97 3.32 5.20
CA GLN E 264 -30.51 3.02 3.89
C GLN E 264 -29.98 1.74 3.30
N ALA E 265 -28.70 1.46 3.52
CA ALA E 265 -28.11 0.21 3.10
C ALA E 265 -28.74 -0.97 3.88
N ARG E 266 -28.93 -0.76 5.17
CA ARG E 266 -29.65 -1.75 6.00
C ARG E 266 -31.07 -2.02 5.52
N LEU E 267 -31.80 -0.99 5.08
CA LEU E 267 -33.13 -1.21 4.55
C LEU E 267 -33.12 -1.77 3.13
N GLY E 268 -32.10 -1.42 2.35
CA GLY E 268 -32.15 -1.59 0.90
C GLY E 268 -31.35 -2.76 0.36
N TRP E 269 -30.21 -3.06 0.98
CA TRP E 269 -29.31 -4.06 0.41
C TRP E 269 -29.96 -5.45 0.33
N GLY E 270 -29.65 -6.17 -0.76
CA GLY E 270 -30.04 -7.57 -0.92
C GLY E 270 -28.84 -8.41 -0.55
N LEU E 271 -27.99 -8.67 -1.55
CA LEU E 271 -26.73 -9.38 -1.35
C LEU E 271 -25.89 -8.61 -0.33
N GLU E 272 -25.44 -9.31 0.72
CA GLU E 272 -24.60 -8.77 1.78
C GLU E 272 -25.32 -7.91 2.83
N ASN E 273 -26.63 -8.08 2.95
CA ASN E 273 -27.35 -7.50 4.06
C ASN E 273 -27.20 -8.42 5.28
N ASN E 274 -26.00 -8.42 5.82
CA ASN E 274 -25.58 -9.50 6.73
C ASN E 274 -26.17 -9.37 8.11
N ILE E 275 -26.33 -8.13 8.57
N ILE E 275 -26.31 -8.14 8.58
CA ILE E 275 -26.94 -7.82 9.87
CA ILE E 275 -26.94 -7.84 9.86
C ILE E 275 -28.37 -8.39 9.94
C ILE E 275 -28.37 -8.39 9.94
N TYR E 276 -29.07 -8.39 8.81
CA TYR E 276 -30.37 -9.08 8.70
C TYR E 276 -30.21 -10.59 8.47
N ASN E 277 -29.34 -10.95 7.53
CA ASN E 277 -29.20 -12.38 7.15
C ASN E 277 -28.81 -13.32 8.33
N LEU E 278 -28.11 -12.78 9.34
CA LEU E 278 -27.54 -13.59 10.42
C LEU E 278 -28.60 -14.48 11.05
N GLY E 279 -29.76 -13.91 11.33
CA GLY E 279 -30.83 -14.62 12.03
C GLY E 279 -31.99 -15.10 11.21
N SER E 280 -31.90 -14.94 9.87
CA SER E 280 -32.96 -15.37 8.94
C SER E 280 -32.31 -15.93 7.70
N ARG E 281 -31.93 -17.19 7.77
CA ARG E 281 -31.05 -17.79 6.76
C ARG E 281 -31.81 -18.44 5.62
N GLY E 282 -31.26 -18.34 4.43
CA GLY E 282 -31.80 -19.05 3.27
C GLY E 282 -33.27 -18.72 2.98
N TYR E 283 -33.63 -17.42 3.02
CA TYR E 283 -35.04 -17.03 2.83
C TYR E 283 -35.63 -17.31 1.43
N VAL E 284 -34.81 -17.60 0.43
CA VAL E 284 -35.38 -17.95 -0.90
C VAL E 284 -35.95 -19.37 -0.82
N ALA E 285 -35.20 -20.29 -0.22
CA ALA E 285 -35.69 -21.68 -0.04
C ALA E 285 -36.77 -21.81 1.03
N THR E 286 -36.65 -21.02 2.10
CA THR E 286 -37.56 -21.08 3.24
C THR E 286 -38.13 -19.67 3.48
N PRO E 287 -39.37 -19.41 3.07
CA PRO E 287 -39.99 -18.10 3.27
C PRO E 287 -39.88 -17.59 4.69
N GLY E 288 -39.43 -16.35 4.87
CA GLY E 288 -39.17 -15.80 6.17
C GLY E 288 -37.77 -16.11 6.72
N GLY E 289 -37.09 -17.09 6.13
CA GLY E 289 -35.78 -17.51 6.60
C GLY E 289 -35.84 -18.55 7.70
N VAL E 290 -34.79 -19.36 7.77
CA VAL E 290 -34.58 -20.31 8.85
C VAL E 290 -34.08 -19.53 10.08
N LYS E 291 -34.78 -19.66 11.19
CA LYS E 291 -34.50 -18.90 12.40
C LYS E 291 -33.64 -19.66 13.44
N GLU E 292 -33.59 -20.99 13.36
CA GLU E 292 -32.89 -21.78 14.38
CA GLU E 292 -32.90 -21.79 14.37
C GLU E 292 -31.40 -21.48 14.39
N ASN E 293 -30.84 -21.41 15.59
CA ASN E 293 -29.45 -21.11 15.75
C ASN E 293 -28.60 -22.31 15.34
N PRO E 294 -27.65 -22.12 14.42
CA PRO E 294 -26.75 -23.22 14.07
C PRO E 294 -25.38 -23.23 14.82
N TYR E 295 -25.15 -22.26 15.71
CA TYR E 295 -23.84 -22.05 16.34
C TYR E 295 -23.85 -22.51 17.79
N THR E 296 -23.08 -23.55 18.07
CA THR E 296 -22.92 -24.04 19.45
C THR E 296 -22.38 -22.96 20.39
N PHE E 297 -21.49 -22.10 19.91
CA PHE E 297 -20.89 -21.07 20.82
C PHE E 297 -21.95 -20.07 21.30
N VAL E 298 -22.92 -19.79 20.42
CA VAL E 298 -24.01 -18.85 20.70
C VAL E 298 -24.92 -19.45 21.81
N LYS E 299 -25.27 -20.71 21.66
CA LYS E 299 -26.02 -21.42 22.69
C LYS E 299 -25.27 -21.41 24.04
N ASP E 300 -24.00 -21.81 24.00
CA ASP E 300 -23.23 -21.95 25.22
C ASP E 300 -23.05 -20.58 25.91
N LEU E 301 -22.73 -19.56 25.13
CA LEU E 301 -22.57 -18.23 25.66
C LEU E 301 -23.90 -17.72 26.24
N ALA E 302 -25.01 -17.92 25.51
CA ALA E 302 -26.33 -17.53 26.00
C ALA E 302 -26.63 -18.19 27.36
N GLU E 303 -26.19 -19.44 27.51
CA GLU E 303 -26.38 -20.19 28.73
C GLU E 303 -25.34 -19.94 29.82
N GLY E 304 -24.42 -19.03 29.59
CA GLY E 304 -23.37 -18.72 30.58
C GLY E 304 -22.37 -19.84 30.78
N LYS E 305 -22.17 -20.62 29.73
CA LYS E 305 -21.35 -21.82 29.77
C LYS E 305 -20.46 -21.92 28.52
N TYR E 306 -20.07 -20.79 27.97
CA TYR E 306 -19.05 -20.80 26.91
C TYR E 306 -17.74 -21.35 27.49
N LYS E 307 -17.23 -22.39 26.85
CA LYS E 307 -16.02 -23.07 27.33
C LYS E 307 -15.30 -23.68 26.15
N VAL E 308 -14.16 -23.10 25.79
CA VAL E 308 -13.37 -23.64 24.66
C VAL E 308 -12.85 -25.04 24.99
N PRO E 309 -12.72 -25.92 23.97
CA PRO E 309 -12.36 -27.30 24.28
C PRO E 309 -10.96 -27.53 24.85
N TRP E 310 -10.07 -26.54 24.72
CA TRP E 310 -8.70 -26.60 25.27
C TRP E 310 -8.56 -25.78 26.58
N GLU E 311 -9.67 -25.38 27.20
CA GLU E 311 -9.61 -24.43 28.31
C GLU E 311 -8.72 -24.90 29.47
N ASP E 312 -8.73 -26.20 29.77
CA ASP E 312 -7.93 -26.72 30.88
C ASP E 312 -6.42 -26.51 30.69
N GLU E 313 -5.97 -26.35 29.45
CA GLU E 313 -4.54 -26.20 29.13
C GLU E 313 -4.11 -24.76 28.92
N ILE E 314 -5.03 -23.80 29.02
CA ILE E 314 -4.69 -22.38 28.91
C ILE E 314 -3.80 -21.97 30.12
N LYS E 315 -2.67 -21.31 29.84
CA LYS E 315 -1.66 -21.00 30.84
C LYS E 315 -1.95 -19.73 31.65
N VAL E 316 -2.58 -18.74 31.02
CA VAL E 316 -2.80 -17.44 31.64
C VAL E 316 -4.30 -17.28 31.95
N LYS E 317 -4.63 -17.50 33.21
CA LYS E 317 -6.02 -17.42 33.70
C LYS E 317 -6.21 -16.49 34.90
N ASP E 318 -5.17 -15.77 35.28
CA ASP E 318 -5.27 -14.81 36.39
C ASP E 318 -4.24 -13.74 36.12
N GLY E 319 -4.11 -12.78 37.04
CA GLY E 319 -3.22 -11.65 36.84
C GLY E 319 -1.84 -11.81 37.44
N SER E 320 -1.47 -13.03 37.83
CA SER E 320 -0.17 -13.24 38.51
C SER E 320 1.06 -12.85 37.68
N ILE E 321 0.99 -13.03 36.35
CA ILE E 321 2.11 -12.69 35.47
C ILE E 321 2.45 -11.19 35.53
N TYR E 322 1.46 -10.36 35.86
CA TYR E 322 1.67 -8.94 36.08
C TYR E 322 1.71 -8.54 37.58
N GLY E 323 1.83 -9.51 38.46
CA GLY E 323 1.95 -9.25 39.90
C GLY E 323 0.65 -9.00 40.66
N TYR E 324 -0.52 -9.25 40.05
CA TYR E 324 -1.78 -9.23 40.79
C TYR E 324 -1.88 -10.48 41.66
N PRO E 325 -2.18 -10.32 42.97
CA PRO E 325 -2.42 -11.52 43.79
C PRO E 325 -3.56 -12.39 43.25
N VAL E 326 -3.41 -13.72 43.39
CA VAL E 326 -4.47 -14.70 43.15
C VAL E 326 -4.94 -15.20 44.52
N GLY F 2 3.06 -19.09 9.58
CA GLY F 2 3.21 -19.68 8.19
C GLY F 2 4.33 -19.05 7.36
N SER F 3 4.37 -19.41 6.08
CA SER F 3 5.31 -18.81 5.12
C SER F 3 4.84 -19.01 3.69
N SER F 4 5.42 -18.23 2.77
CA SER F 4 5.13 -18.39 1.35
C SER F 4 5.63 -19.77 0.82
N GLY F 5 6.56 -20.39 1.57
CA GLY F 5 6.91 -21.77 1.42
C GLY F 5 7.70 -22.15 0.16
N SER F 6 7.88 -23.45 0.04
CA SER F 6 8.60 -24.06 -1.06
C SER F 6 7.63 -25.08 -1.76
N MET F 7 8.13 -26.26 -2.12
CA MET F 7 7.30 -27.33 -2.72
C MET F 7 7.40 -28.64 -1.91
N VAL F 8 7.81 -28.52 -0.63
CA VAL F 8 8.07 -29.67 0.27
C VAL F 8 7.07 -29.70 1.41
N LYS F 9 6.94 -30.88 2.04
CA LYS F 9 6.22 -30.99 3.29
C LYS F 9 7.10 -30.37 4.37
N PRO F 10 6.66 -29.24 4.98
CA PRO F 10 7.50 -28.66 6.03
C PRO F 10 7.61 -29.55 7.29
N ILE F 11 8.69 -29.37 8.03
CA ILE F 11 8.92 -30.15 9.26
C ILE F 11 7.81 -29.93 10.31
N SER F 12 7.33 -28.69 10.41
N SER F 12 7.17 -28.76 10.38
CA SER F 12 6.23 -28.36 11.28
CA SER F 12 6.12 -28.55 11.43
C SER F 12 5.19 -28.01 10.16
C SER F 12 4.72 -28.03 11.00
N GLY F 13 4.09 -28.71 10.06
CA GLY F 13 2.94 -28.17 9.39
C GLY F 13 2.76 -28.82 8.03
N PHE F 14 2.12 -28.10 7.11
CA PHE F 14 1.77 -28.66 5.84
C PHE F 14 1.77 -27.59 4.77
N LEU F 15 1.86 -28.08 3.54
CA LEU F 15 1.77 -27.25 2.35
C LEU F 15 0.38 -27.34 1.74
N THR F 16 -0.18 -26.19 1.40
CA THR F 16 -1.50 -26.08 0.75
C THR F 16 -1.41 -25.41 -0.59
N ALA F 17 -2.30 -25.80 -1.50
CA ALA F 17 -2.49 -25.12 -2.78
C ALA F 17 -3.97 -24.75 -2.91
N LEU F 18 -4.21 -23.46 -3.14
CA LEU F 18 -5.55 -22.92 -3.34
C LEU F 18 -5.66 -22.63 -4.83
N ILE F 19 -6.67 -23.22 -5.46
CA ILE F 19 -6.84 -23.11 -6.92
C ILE F 19 -7.88 -22.04 -7.27
N GLN F 20 -7.47 -20.97 -7.98
CA GLN F 20 -8.40 -19.98 -8.51
C GLN F 20 -9.00 -20.55 -9.82
N TYR F 21 -9.86 -21.54 -9.63
CA TYR F 21 -10.40 -22.35 -10.69
C TYR F 21 -11.27 -21.47 -11.61
N PRO F 22 -11.15 -21.63 -12.94
CA PRO F 22 -11.98 -20.80 -13.80
C PRO F 22 -13.47 -21.08 -13.58
N VAL F 23 -14.26 -20.02 -13.52
CA VAL F 23 -15.68 -20.19 -13.33
C VAL F 23 -16.25 -21.03 -14.50
N PRO F 24 -16.94 -22.12 -14.21
CA PRO F 24 -17.48 -22.95 -15.32
C PRO F 24 -18.72 -22.32 -15.90
N VAL F 25 -18.90 -22.46 -17.21
CA VAL F 25 -20.16 -22.14 -17.84
C VAL F 25 -20.79 -23.50 -18.17
N VAL F 26 -21.88 -23.84 -17.49
CA VAL F 26 -22.39 -25.22 -17.46
C VAL F 26 -23.81 -25.21 -18.00
N GLU F 27 -24.02 -25.93 -19.10
CA GLU F 27 -25.33 -26.02 -19.75
C GLU F 27 -26.02 -27.37 -19.62
N SER F 28 -25.31 -28.40 -19.16
CA SER F 28 -25.87 -29.76 -19.11
C SER F 28 -25.04 -30.62 -18.19
N ARG F 29 -25.55 -31.81 -17.90
CA ARG F 29 -24.81 -32.77 -17.10
C ARG F 29 -23.45 -33.11 -17.72
N ALA F 30 -23.40 -33.20 -19.05
CA ALA F 30 -22.12 -33.45 -19.74
C ALA F 30 -21.05 -32.40 -19.37
N ASP F 31 -21.46 -31.14 -19.23
CA ASP F 31 -20.56 -30.09 -18.76
C ASP F 31 -20.07 -30.30 -17.32
N ILE F 32 -20.95 -30.79 -16.44
CA ILE F 32 -20.57 -31.12 -15.06
C ILE F 32 -19.53 -32.24 -15.08
N ASP F 33 -19.76 -33.26 -15.90
CA ASP F 33 -18.74 -34.33 -16.06
C ASP F 33 -17.38 -33.79 -16.55
N LYS F 34 -17.40 -32.83 -17.48
N LYS F 34 -17.40 -32.84 -17.47
CA LYS F 34 -16.16 -32.13 -17.92
CA LYS F 34 -16.16 -32.23 -17.94
C LYS F 34 -15.45 -31.43 -16.78
C LYS F 34 -15.46 -31.40 -16.83
N GLN F 35 -16.22 -30.74 -15.95
CA GLN F 35 -15.60 -30.05 -14.79
C GLN F 35 -14.98 -31.05 -13.81
N ILE F 36 -15.68 -32.16 -13.59
CA ILE F 36 -15.17 -33.20 -12.70
C ILE F 36 -13.81 -33.71 -13.21
N GLN F 37 -13.75 -33.99 -14.51
CA GLN F 37 -12.50 -34.44 -15.15
C GLN F 37 -11.39 -33.40 -15.02
N GLN F 38 -11.73 -32.15 -15.21
CA GLN F 38 -10.77 -31.07 -15.11
C GLN F 38 -10.23 -30.89 -13.68
N ILE F 39 -11.13 -30.94 -12.70
CA ILE F 39 -10.74 -30.87 -11.28
C ILE F 39 -9.77 -31.99 -10.92
N ILE F 40 -10.09 -33.20 -11.38
CA ILE F 40 -9.27 -34.37 -11.12
C ILE F 40 -7.88 -34.24 -11.78
N LYS F 41 -7.88 -33.79 -13.02
CA LYS F 41 -6.63 -33.49 -13.72
C LYS F 41 -5.77 -32.49 -12.94
N THR F 42 -6.42 -31.47 -12.38
CA THR F 42 -5.74 -30.45 -11.59
C THR F 42 -5.17 -31.00 -10.30
N ILE F 43 -5.88 -31.93 -9.66
CA ILE F 43 -5.31 -32.58 -8.46
C ILE F 43 -3.95 -33.20 -8.79
N HIS F 44 -3.93 -34.02 -9.84
CA HIS F 44 -2.69 -34.75 -10.21
C HIS F 44 -1.59 -33.78 -10.64
N SER F 45 -1.94 -32.82 -11.49
CA SER F 45 -0.95 -31.89 -12.02
CA SER F 45 -0.95 -31.88 -12.00
C SER F 45 -0.37 -31.03 -10.90
N THR F 46 -1.20 -30.59 -9.97
CA THR F 46 -0.73 -29.73 -8.88
C THR F 46 0.20 -30.52 -7.96
N LYS F 47 -0.15 -31.76 -7.68
CA LYS F 47 0.73 -32.65 -6.90
C LYS F 47 2.09 -32.89 -7.59
N SER F 48 2.09 -33.01 -8.93
CA SER F 48 3.33 -33.20 -9.68
CA SER F 48 3.31 -33.19 -9.71
C SER F 48 4.21 -31.97 -9.56
N GLY F 49 3.60 -30.79 -9.56
CA GLY F 49 4.34 -29.56 -9.45
C GLY F 49 4.83 -29.24 -8.03
N TYR F 50 4.09 -29.72 -7.02
CA TYR F 50 4.39 -29.47 -5.63
C TYR F 50 4.39 -30.79 -4.88
N PRO F 51 5.50 -31.54 -4.92
CA PRO F 51 5.49 -32.89 -4.36
C PRO F 51 5.16 -33.02 -2.86
N GLY F 52 5.41 -31.99 -2.07
CA GLY F 52 5.04 -32.02 -0.66
C GLY F 52 3.60 -31.64 -0.34
N LEU F 53 2.81 -31.30 -1.37
CA LEU F 53 1.42 -30.88 -1.20
C LEU F 53 0.61 -31.87 -0.37
N GLU F 54 -0.11 -31.36 0.63
CA GLU F 54 -1.05 -32.17 1.40
C GLU F 54 -2.52 -31.69 1.40
N LEU F 55 -2.79 -30.44 1.04
CA LEU F 55 -4.16 -29.93 1.02
C LEU F 55 -4.41 -29.09 -0.23
N ILE F 56 -5.30 -29.55 -1.09
CA ILE F 56 -5.65 -28.81 -2.28
C ILE F 56 -7.10 -28.35 -2.11
N VAL F 57 -7.40 -27.11 -2.48
CA VAL F 57 -8.70 -26.48 -2.23
C VAL F 57 -9.29 -25.93 -3.51
N PHE F 58 -10.47 -26.40 -3.85
CA PHE F 58 -11.21 -25.90 -5.00
C PHE F 58 -12.33 -24.98 -4.55
N PRO F 59 -12.68 -24.00 -5.39
CA PRO F 59 -13.76 -23.10 -4.97
C PRO F 59 -15.18 -23.64 -5.05
N GLU F 60 -16.09 -22.92 -4.37
CA GLU F 60 -17.51 -23.12 -4.51
C GLU F 60 -17.90 -23.05 -5.99
N TYR F 61 -18.80 -23.93 -6.40
CA TYR F 61 -19.31 -24.03 -7.75
C TYR F 61 -18.31 -24.51 -8.80
N SER F 62 -17.16 -25.02 -8.40
CA SER F 62 -16.18 -25.50 -9.36
C SER F 62 -16.70 -26.74 -10.11
N THR F 63 -17.59 -27.53 -9.49
CA THR F 63 -18.15 -28.72 -10.12
C THR F 63 -19.30 -28.41 -11.08
N GLN F 64 -20.19 -27.51 -10.67
CA GLN F 64 -21.45 -27.32 -11.36
C GLN F 64 -21.72 -25.94 -11.97
N GLY F 65 -20.88 -24.95 -11.69
CA GLY F 65 -21.10 -23.60 -12.17
C GLY F 65 -22.27 -22.92 -11.47
N LEU F 66 -22.66 -21.79 -12.06
CA LEU F 66 -23.74 -20.93 -11.55
C LEU F 66 -24.73 -20.64 -12.67
N ASN F 67 -25.24 -21.70 -13.28
CA ASN F 67 -26.30 -21.54 -14.25
C ASN F 67 -27.60 -21.35 -13.46
N THR F 68 -27.97 -20.09 -13.24
CA THR F 68 -29.07 -19.77 -12.32
C THR F 68 -30.43 -20.20 -12.88
N LYS F 69 -30.49 -20.53 -14.16
CA LYS F 69 -31.72 -21.05 -14.76
C LYS F 69 -31.88 -22.56 -14.64
N LYS F 70 -30.83 -23.28 -14.27
CA LYS F 70 -30.85 -24.75 -14.23
C LYS F 70 -30.31 -25.36 -12.93
N TRP F 71 -29.76 -24.52 -12.04
CA TRP F 71 -28.97 -25.06 -10.93
C TRP F 71 -29.71 -25.86 -9.84
N THR F 72 -31.04 -25.76 -9.78
CA THR F 72 -31.83 -26.62 -8.90
C THR F 72 -32.60 -27.70 -9.65
N THR F 73 -32.37 -27.87 -10.96
CA THR F 73 -32.95 -29.01 -11.68
C THR F 73 -32.24 -30.30 -11.28
N GLU F 74 -32.95 -31.43 -11.40
CA GLU F 74 -32.36 -32.72 -11.01
C GLU F 74 -31.08 -33.01 -11.78
N GLU F 75 -31.06 -32.66 -13.08
CA GLU F 75 -29.89 -32.85 -13.94
C GLU F 75 -28.62 -32.19 -13.36
N PHE F 76 -28.77 -31.10 -12.62
CA PHE F 76 -27.64 -30.30 -12.11
C PHE F 76 -27.26 -30.59 -10.66
N LEU F 77 -27.99 -31.48 -9.99
CA LEU F 77 -27.74 -31.81 -8.58
C LEU F 77 -27.15 -33.22 -8.43
N CYS F 78 -26.48 -33.44 -7.31
CA CYS F 78 -25.82 -34.70 -7.01
C CYS F 78 -26.12 -35.14 -5.58
N THR F 79 -25.94 -36.41 -5.29
CA THR F 79 -25.98 -36.88 -3.90
C THR F 79 -24.58 -36.71 -3.31
N VAL F 80 -24.51 -36.54 -2.00
CA VAL F 80 -23.23 -36.42 -1.29
C VAL F 80 -23.29 -37.35 -0.08
N PRO F 81 -22.49 -38.43 -0.08
CA PRO F 81 -21.61 -38.89 -1.15
C PRO F 81 -22.38 -39.40 -2.37
N GLY F 82 -21.68 -39.46 -3.50
CA GLY F 82 -22.24 -40.01 -4.73
C GLY F 82 -21.13 -40.36 -5.67
N PRO F 83 -21.47 -40.76 -6.90
CA PRO F 83 -20.43 -41.09 -7.89
C PRO F 83 -19.38 -39.99 -8.13
N GLU F 84 -19.82 -38.74 -8.06
CA GLU F 84 -18.95 -37.60 -8.30
C GLU F 84 -17.93 -37.46 -7.16
N THR F 85 -18.39 -37.47 -5.91
CA THR F 85 -17.44 -37.42 -4.79
C THR F 85 -16.56 -38.69 -4.76
N ASP F 86 -17.07 -39.83 -5.25
CA ASP F 86 -16.24 -41.03 -5.37
C ASP F 86 -15.08 -40.83 -6.35
N LEU F 87 -15.30 -40.13 -7.45
CA LEU F 87 -14.24 -39.81 -8.40
C LEU F 87 -13.21 -38.84 -7.79
N PHE F 88 -13.67 -37.83 -7.07
CA PHE F 88 -12.77 -36.94 -6.35
C PHE F 88 -11.95 -37.73 -5.32
N ALA F 89 -12.62 -38.64 -4.62
CA ALA F 89 -11.97 -39.44 -3.58
C ALA F 89 -10.86 -40.33 -4.13
N GLU F 90 -11.12 -40.96 -5.28
CA GLU F 90 -10.13 -41.78 -5.91
C GLU F 90 -8.90 -40.95 -6.29
N ALA F 91 -9.13 -39.74 -6.80
CA ALA F 91 -8.03 -38.85 -7.18
C ALA F 91 -7.23 -38.40 -5.93
N CYS F 92 -7.91 -38.09 -4.84
CA CYS F 92 -7.20 -37.76 -3.57
C CYS F 92 -6.36 -38.95 -3.07
N LYS F 93 -6.89 -40.16 -3.21
CA LYS F 93 -6.17 -41.37 -2.83
C LYS F 93 -4.93 -41.58 -3.70
N GLU F 94 -5.09 -41.45 -5.00
CA GLU F 94 -3.97 -41.64 -5.94
C GLU F 94 -2.85 -40.60 -5.75
N SER F 95 -3.21 -39.33 -5.55
CA SER F 95 -2.23 -38.28 -5.32
C SER F 95 -1.83 -38.10 -3.83
N LYS F 96 -2.49 -38.82 -2.93
CA LYS F 96 -2.18 -38.78 -1.49
C LYS F 96 -2.30 -37.38 -0.92
N VAL F 97 -3.43 -36.74 -1.18
CA VAL F 97 -3.71 -35.40 -0.70
C VAL F 97 -5.08 -35.35 -0.08
N TYR F 98 -5.23 -34.38 0.84
CA TYR F 98 -6.55 -33.95 1.29
C TYR F 98 -7.09 -33.00 0.23
N GLY F 99 -8.36 -33.13 -0.12
CA GLY F 99 -9.00 -32.25 -1.09
C GLY F 99 -10.29 -31.69 -0.56
N VAL F 100 -10.60 -30.46 -0.98
CA VAL F 100 -11.82 -29.76 -0.61
C VAL F 100 -12.61 -29.47 -1.89
N PHE F 101 -13.86 -29.92 -1.92
CA PHE F 101 -14.71 -29.88 -3.14
C PHE F 101 -16.08 -29.31 -2.82
N SER F 102 -16.72 -28.79 -3.87
CA SER F 102 -18.03 -28.15 -3.78
C SER F 102 -19.04 -28.95 -4.60
N ILE F 103 -20.17 -29.32 -4.00
CA ILE F 103 -21.25 -30.03 -4.69
C ILE F 103 -22.61 -29.45 -4.28
N MET F 104 -23.41 -29.08 -5.26
CA MET F 104 -24.79 -28.70 -5.02
C MET F 104 -25.53 -30.02 -4.89
N GLU F 105 -26.18 -30.18 -3.74
CA GLU F 105 -26.64 -31.47 -3.24
C GLU F 105 -28.16 -31.59 -3.27
N LYS F 106 -28.67 -32.63 -3.95
CA LYS F 106 -30.07 -32.99 -3.87
C LYS F 106 -30.47 -33.23 -2.40
N ASN F 107 -31.58 -32.64 -1.98
CA ASN F 107 -32.04 -32.84 -0.62
C ASN F 107 -32.60 -34.26 -0.47
N PRO F 108 -32.01 -35.09 0.41
CA PRO F 108 -32.57 -36.47 0.58
C PRO F 108 -34.03 -36.58 1.00
N ASP F 109 -34.64 -35.56 1.62
CA ASP F 109 -36.08 -35.60 1.92
C ASP F 109 -37.01 -35.02 0.86
N GLY F 110 -36.47 -34.60 -0.28
CA GLY F 110 -37.28 -34.07 -1.36
C GLY F 110 -37.54 -32.58 -1.30
N GLY F 111 -37.03 -31.91 -0.27
CA GLY F 111 -37.12 -30.46 -0.16
C GLY F 111 -36.07 -29.73 -1.01
N GLU F 112 -35.78 -28.48 -0.64
CA GLU F 112 -34.90 -27.62 -1.44
C GLU F 112 -33.46 -28.09 -1.30
N PRO F 113 -32.68 -27.98 -2.40
CA PRO F 113 -31.30 -28.50 -2.35
C PRO F 113 -30.37 -27.68 -1.47
N TYR F 114 -29.25 -28.31 -1.09
CA TYR F 114 -28.20 -27.68 -0.31
C TYR F 114 -26.99 -27.34 -1.15
N ASN F 115 -26.20 -26.41 -0.64
CA ASN F 115 -24.90 -26.04 -1.19
C ASN F 115 -23.88 -26.64 -0.24
N THR F 116 -23.13 -27.63 -0.73
CA THR F 116 -22.36 -28.50 0.15
C THR F 116 -20.86 -28.51 -0.19
N ALA F 117 -20.04 -28.63 0.85
CA ALA F 117 -18.60 -28.79 0.73
C ALA F 117 -18.20 -30.05 1.46
N VAL F 118 -17.18 -30.72 0.94
CA VAL F 118 -16.64 -31.89 1.57
C VAL F 118 -15.14 -31.81 1.63
N ILE F 119 -14.57 -32.50 2.62
CA ILE F 119 -13.13 -32.75 2.68
C ILE F 119 -12.93 -34.24 2.61
N ILE F 120 -12.02 -34.64 1.72
CA ILE F 120 -11.67 -36.04 1.52
C ILE F 120 -10.20 -36.17 1.86
N ASP F 121 -9.85 -37.23 2.57
CA ASP F 121 -8.49 -37.44 3.02
C ASP F 121 -7.62 -38.23 2.01
N PRO F 122 -6.32 -38.40 2.31
CA PRO F 122 -5.42 -39.11 1.37
C PRO F 122 -5.69 -40.61 1.19
N GLN F 123 -6.56 -41.19 2.01
CA GLN F 123 -7.02 -42.55 1.84
C GLN F 123 -8.36 -42.61 1.06
N GLY F 124 -8.86 -41.46 0.62
CA GLY F 124 -10.08 -41.40 -0.16
C GLY F 124 -11.34 -41.46 0.69
N GLU F 125 -11.23 -41.16 1.98
CA GLU F 125 -12.38 -41.18 2.89
C GLU F 125 -12.92 -39.77 3.04
N MET F 126 -14.25 -39.63 2.96
CA MET F 126 -14.89 -38.36 3.23
C MET F 126 -14.89 -38.12 4.74
N ILE F 127 -14.15 -37.13 5.22
CA ILE F 127 -14.02 -36.88 6.64
C ILE F 127 -14.79 -35.65 7.13
N LEU F 128 -15.34 -34.87 6.20
CA LEU F 128 -16.13 -33.71 6.56
C LEU F 128 -17.15 -33.43 5.49
N LYS F 129 -18.39 -33.18 5.93
CA LYS F 129 -19.49 -32.75 5.07
C LYS F 129 -20.19 -31.58 5.72
N TYR F 130 -20.27 -30.47 4.96
CA TYR F 130 -20.81 -29.23 5.46
C TYR F 130 -21.85 -28.68 4.46
N ARG F 131 -23.01 -28.25 4.98
CA ARG F 131 -24.01 -27.56 4.16
C ARG F 131 -24.04 -26.07 4.48
N LYS F 132 -23.87 -25.24 3.45
CA LYS F 132 -23.77 -23.78 3.58
C LYS F 132 -24.87 -23.21 4.51
N LEU F 133 -24.43 -22.66 5.63
CA LEU F 133 -25.36 -22.11 6.62
C LEU F 133 -26.06 -20.85 6.14
N ASN F 134 -25.36 -20.03 5.35
CA ASN F 134 -25.80 -18.70 4.98
C ASN F 134 -25.82 -18.53 3.45
N PRO F 135 -26.76 -19.15 2.78
CA PRO F 135 -26.93 -18.85 1.33
C PRO F 135 -26.89 -17.34 1.00
N TRP F 136 -26.35 -17.04 -0.18
CA TRP F 136 -26.18 -15.67 -0.65
C TRP F 136 -27.48 -15.16 -1.24
N VAL F 137 -28.37 -14.77 -0.34
CA VAL F 137 -29.72 -14.32 -0.68
C VAL F 137 -29.70 -12.85 -1.09
N PRO F 138 -30.52 -12.44 -2.06
CA PRO F 138 -31.62 -13.15 -2.73
C PRO F 138 -31.30 -13.92 -4.02
N VAL F 139 -30.01 -14.00 -4.40
CA VAL F 139 -29.65 -14.65 -5.65
C VAL F 139 -29.63 -16.19 -5.55
N GLU F 140 -29.29 -16.71 -4.36
CA GLU F 140 -29.17 -18.16 -4.17
C GLU F 140 -30.42 -18.84 -3.64
N PRO F 141 -30.80 -19.99 -4.22
CA PRO F 141 -31.98 -20.73 -3.82
C PRO F 141 -31.75 -21.81 -2.75
N TRP F 142 -30.53 -21.97 -2.27
CA TRP F 142 -30.16 -23.11 -1.42
C TRP F 142 -30.83 -23.06 -0.04
N LYS F 143 -31.18 -24.24 0.45
CA LYS F 143 -31.71 -24.38 1.80
CA LYS F 143 -31.73 -24.34 1.79
C LYS F 143 -30.61 -24.05 2.81
N ALA F 144 -30.96 -23.33 3.87
CA ALA F 144 -30.04 -23.04 4.94
C ALA F 144 -29.51 -24.36 5.54
N GLY F 145 -28.20 -24.46 5.66
CA GLY F 145 -27.61 -25.70 6.14
C GLY F 145 -28.06 -26.13 7.53
N ASP F 146 -28.10 -27.45 7.71
CA ASP F 146 -28.64 -28.08 8.94
C ASP F 146 -27.63 -28.99 9.65
N LEU F 147 -26.35 -28.95 9.29
CA LEU F 147 -25.33 -29.82 9.90
C LEU F 147 -24.41 -29.09 10.86
N GLY F 148 -24.74 -27.85 11.20
CA GLY F 148 -23.84 -26.98 11.96
C GLY F 148 -22.57 -26.73 11.16
N LEU F 149 -21.49 -26.48 11.88
CA LEU F 149 -20.20 -26.27 11.30
C LEU F 149 -19.23 -27.32 11.85
N PRO F 150 -18.99 -28.41 11.08
CA PRO F 150 -18.17 -29.49 11.60
C PRO F 150 -16.68 -29.16 11.51
N VAL F 151 -15.89 -29.96 12.22
CA VAL F 151 -14.44 -29.90 12.17
CA VAL F 151 -14.43 -29.87 12.18
C VAL F 151 -13.90 -31.29 11.94
N CYS F 152 -12.70 -31.41 11.37
CA CYS F 152 -12.06 -32.71 11.20
C CYS F 152 -10.55 -32.58 11.41
N ASP F 153 -9.88 -33.69 11.60
CA ASP F 153 -8.42 -33.73 11.61
C ASP F 153 -7.86 -33.64 10.19
N GLY F 154 -6.85 -32.80 10.02
CA GLY F 154 -6.22 -32.61 8.73
C GLY F 154 -4.73 -32.90 8.78
N PRO F 155 -3.98 -32.47 7.76
CA PRO F 155 -2.54 -32.76 7.72
C PRO F 155 -1.79 -31.81 8.68
N GLY F 156 -0.60 -32.23 9.07
CA GLY F 156 0.34 -31.38 9.84
C GLY F 156 -0.21 -30.88 11.17
N GLY F 157 -0.99 -31.71 11.84
CA GLY F 157 -1.62 -31.34 13.11
C GLY F 157 -2.77 -30.35 13.01
N SER F 158 -3.31 -30.14 11.81
CA SER F 158 -4.42 -29.22 11.65
C SER F 158 -5.73 -29.83 12.15
N LYS F 159 -6.61 -28.93 12.61
CA LYS F 159 -8.02 -29.21 12.80
C LYS F 159 -8.71 -28.27 11.83
N LEU F 160 -9.33 -28.84 10.80
CA LEU F 160 -9.91 -28.12 9.68
C LEU F 160 -11.40 -27.87 9.86
N ALA F 161 -11.87 -26.70 9.48
CA ALA F 161 -13.29 -26.44 9.22
C ALA F 161 -13.40 -25.83 7.85
N VAL F 162 -14.52 -26.06 7.20
CA VAL F 162 -14.80 -25.40 5.93
CA VAL F 162 -14.81 -25.40 5.93
C VAL F 162 -16.05 -24.51 6.08
N CYS F 163 -16.02 -23.36 5.41
CA CYS F 163 -17.21 -22.57 5.23
C CYS F 163 -17.25 -22.15 3.77
N ILE F 164 -18.39 -21.62 3.37
CA ILE F 164 -18.65 -21.35 1.96
C ILE F 164 -19.04 -19.90 1.70
N SCY F 165 -18.20 -19.20 0.93
CA SCY F 165 -18.49 -17.86 0.34
CB SCY F 165 -19.36 -18.17 -0.89
SG SCY F 165 -19.55 -16.75 -1.98
CD SCY F 165 -21.16 -16.91 -2.29
OCD SCY F 165 -21.96 -16.87 -1.39
CE SCY F 165 -21.59 -17.16 -3.69
C SCY F 165 -19.03 -16.85 1.35
O SCY F 165 -18.29 -16.41 2.26
N HIS F 166 -20.33 -16.53 1.23
CA HIS F 166 -21.08 -15.64 2.11
C HIS F 166 -20.92 -15.97 3.61
N ASP F 167 -20.77 -17.26 3.95
CA ASP F 167 -20.56 -17.66 5.34
C ASP F 167 -19.45 -16.85 6.00
N GLY F 168 -18.37 -16.59 5.24
CA GLY F 168 -17.21 -15.93 5.81
C GLY F 168 -17.37 -14.46 6.11
N MET F 169 -18.53 -13.87 5.76
CA MET F 169 -18.85 -12.51 6.14
C MET F 169 -19.46 -12.39 7.52
N PHE F 170 -19.79 -13.53 8.11
CA PHE F 170 -20.39 -13.59 9.42
C PHE F 170 -19.30 -14.00 10.39
N PRO F 171 -18.90 -13.09 11.28
CA PRO F 171 -17.86 -13.46 12.23
C PRO F 171 -18.26 -14.63 13.14
N GLU F 172 -19.56 -14.88 13.24
CA GLU F 172 -20.08 -15.99 13.99
C GLU F 172 -19.65 -17.35 13.40
N VAL F 173 -19.45 -17.40 12.09
CA VAL F 173 -18.98 -18.63 11.41
C VAL F 173 -17.53 -18.94 11.80
N ALA F 174 -16.63 -17.97 11.66
CA ALA F 174 -15.25 -18.19 12.06
C ALA F 174 -15.14 -18.51 13.56
N ARG F 175 -15.91 -17.79 14.38
CA ARG F 175 -15.88 -18.02 15.83
C ARG F 175 -16.31 -19.42 16.18
N GLU F 176 -17.38 -19.88 15.54
CA GLU F 176 -17.86 -21.25 15.71
C GLU F 176 -16.83 -22.31 15.33
N ALA F 177 -16.17 -22.10 14.18
CA ALA F 177 -15.12 -23.03 13.73
C ALA F 177 -14.04 -23.17 14.80
N ALA F 178 -13.57 -22.04 15.29
CA ALA F 178 -12.56 -22.02 16.34
C ALA F 178 -13.05 -22.66 17.62
N TYR F 179 -14.27 -22.32 18.02
CA TYR F 179 -14.87 -22.89 19.22
C TYR F 179 -14.99 -24.42 19.17
N LYS F 180 -15.23 -24.96 17.98
CA LYS F 180 -15.29 -26.40 17.78
C LYS F 180 -13.88 -27.03 17.70
N GLY F 181 -12.83 -26.22 17.72
CA GLY F 181 -11.45 -26.69 17.76
C GLY F 181 -10.59 -26.42 16.53
N ALA F 182 -11.19 -25.86 15.47
CA ALA F 182 -10.43 -25.63 14.23
C ALA F 182 -9.31 -24.63 14.45
N ASN F 183 -8.13 -24.96 13.94
CA ASN F 183 -7.03 -24.02 13.91
C ASN F 183 -6.73 -23.54 12.47
N VAL F 184 -7.49 -24.07 11.50
CA VAL F 184 -7.42 -23.67 10.11
C VAL F 184 -8.86 -23.61 9.59
N LEU F 185 -9.31 -22.43 9.15
CA LEU F 185 -10.59 -22.27 8.50
C LEU F 185 -10.39 -22.13 6.99
N ILE F 186 -11.05 -23.00 6.24
CA ILE F 186 -10.99 -23.02 4.80
C ILE F 186 -12.26 -22.36 4.28
N ARG F 187 -12.14 -21.38 3.40
CA ARG F 187 -13.31 -20.72 2.83
C ARG F 187 -13.28 -20.89 1.31
N ILE F 188 -14.25 -21.62 0.78
CA ILE F 188 -14.35 -21.84 -0.67
C ILE F 188 -15.50 -21.00 -1.21
N SER F 189 -15.31 -20.37 -2.36
CA SER F 189 -16.16 -19.26 -2.70
C SER F 189 -16.39 -19.02 -4.18
N GLY F 190 -17.56 -18.48 -4.49
CA GLY F 190 -17.98 -18.16 -5.86
C GLY F 190 -18.61 -16.80 -5.93
N TYR F 191 -17.94 -15.82 -5.32
CA TYR F 191 -18.35 -14.43 -5.33
C TYR F 191 -18.02 -13.69 -6.61
N SER F 192 -18.88 -12.78 -6.95
CA SER F 192 -18.59 -11.74 -7.96
C SER F 192 -17.69 -10.63 -7.35
N THR F 193 -17.26 -9.71 -8.21
CA THR F 193 -16.40 -8.59 -7.81
C THR F 193 -16.99 -7.60 -6.78
N GLN F 194 -18.30 -7.67 -6.53
CA GLN F 194 -18.96 -6.77 -5.59
C GLN F 194 -18.27 -6.69 -4.21
N VAL F 195 -17.70 -7.80 -3.77
CA VAL F 195 -17.10 -7.87 -2.42
C VAL F 195 -15.60 -8.13 -2.42
N SER F 196 -14.88 -7.78 -3.48
N SER F 196 -14.89 -7.70 -3.46
CA SER F 196 -13.44 -8.08 -3.58
CA SER F 196 -13.51 -8.08 -3.61
C SER F 196 -12.64 -7.56 -2.35
C SER F 196 -12.65 -7.63 -2.44
N GLU F 197 -12.89 -6.33 -1.91
N GLU F 197 -12.89 -6.42 -1.96
CA GLU F 197 -12.16 -5.78 -0.74
CA GLU F 197 -12.11 -5.90 -0.87
C GLU F 197 -12.58 -6.43 0.55
C GLU F 197 -12.54 -6.51 0.46
N GLN F 198 -13.87 -6.69 0.68
CA GLN F 198 -14.41 -7.23 1.92
C GLN F 198 -14.04 -8.70 2.12
N TRP F 199 -13.81 -9.40 1.00
CA TRP F 199 -13.22 -10.76 1.01
C TRP F 199 -11.88 -10.76 1.74
N MET F 200 -10.95 -9.93 1.29
CA MET F 200 -9.62 -9.86 1.95
C MET F 200 -9.70 -9.43 3.39
N LEU F 201 -10.57 -8.46 3.66
CA LEU F 201 -10.73 -7.91 5.01
C LEU F 201 -11.22 -8.98 5.99
N THR F 202 -12.25 -9.71 5.61
CA THR F 202 -12.84 -10.70 6.50
C THR F 202 -11.95 -11.95 6.63
N ASN F 203 -11.19 -12.30 5.61
CA ASN F 203 -10.23 -13.38 5.74
C ASN F 203 -9.20 -13.05 6.82
N ARG F 204 -8.79 -11.82 6.88
CA ARG F 204 -7.85 -11.37 7.94
C ARG F 204 -8.52 -11.32 9.32
N SER F 205 -9.74 -10.78 9.41
CA SER F 205 -10.37 -10.59 10.72
C SER F 205 -10.81 -11.92 11.28
N ASN F 206 -11.29 -12.82 10.41
CA ASN F 206 -11.65 -14.17 10.81
C ASN F 206 -10.48 -14.92 11.45
N ALA F 207 -9.28 -14.69 10.92
CA ALA F 207 -8.07 -15.27 11.45
C ALA F 207 -7.72 -14.64 12.82
N TRP F 208 -7.53 -13.34 12.83
CA TRP F 208 -7.08 -12.62 14.04
C TRP F 208 -8.00 -12.87 15.25
N GLN F 209 -9.30 -12.73 15.05
CA GLN F 209 -10.27 -12.77 16.14
C GLN F 209 -10.25 -14.11 16.87
N ASN F 210 -9.82 -15.16 16.17
CA ASN F 210 -9.85 -16.53 16.65
C ASN F 210 -8.52 -17.25 16.80
N LEU F 211 -7.41 -16.53 16.59
CA LEU F 211 -6.07 -17.11 16.60
C LEU F 211 -6.04 -18.36 15.74
N MET F 212 -6.43 -18.17 14.50
CA MET F 212 -6.72 -19.26 13.55
C MET F 212 -6.17 -18.89 12.18
N TYR F 213 -5.55 -19.84 11.48
CA TYR F 213 -5.20 -19.60 10.09
C TYR F 213 -6.43 -19.56 9.23
N THR F 214 -6.43 -18.73 8.20
CA THR F 214 -7.44 -18.81 7.17
C THR F 214 -6.83 -19.11 5.80
N LEU F 215 -7.46 -20.03 5.08
CA LEU F 215 -7.12 -20.38 3.72
C LEU F 215 -8.36 -20.22 2.89
N SER F 216 -8.33 -19.33 1.89
CA SER F 216 -9.56 -18.89 1.23
C SER F 216 -9.34 -18.74 -0.26
N VAL F 217 -10.27 -19.23 -1.07
CA VAL F 217 -10.13 -19.10 -2.53
C VAL F 217 -11.48 -19.03 -3.24
N ASN F 218 -11.54 -18.19 -4.27
CA ASN F 218 -12.72 -17.92 -5.03
C ASN F 218 -12.46 -18.35 -6.47
N LEU F 219 -13.52 -18.68 -7.17
CA LEU F 219 -13.48 -18.83 -8.61
C LEU F 219 -12.91 -17.56 -9.24
N ALA F 220 -12.37 -17.70 -10.45
CA ALA F 220 -11.90 -16.54 -11.20
C ALA F 220 -12.38 -16.56 -12.64
N GLY F 221 -12.59 -15.38 -13.21
CA GLY F 221 -12.99 -15.26 -14.62
C GLY F 221 -14.44 -14.86 -14.77
N TYR F 222 -14.89 -14.82 -16.03
CA TYR F 222 -16.20 -14.31 -16.40
C TYR F 222 -17.06 -15.46 -16.87
N ASP F 223 -18.30 -15.52 -16.40
CA ASP F 223 -19.24 -16.55 -16.83
C ASP F 223 -20.36 -16.04 -17.75
N GLY F 224 -20.21 -14.84 -18.29
CA GLY F 224 -21.29 -14.18 -19.06
C GLY F 224 -22.22 -13.29 -18.23
N VAL F 225 -22.11 -13.31 -16.91
CA VAL F 225 -22.91 -12.47 -16.02
C VAL F 225 -22.01 -11.73 -15.03
N PHE F 226 -21.29 -12.46 -14.19
CA PHE F 226 -20.39 -11.85 -13.23
C PHE F 226 -18.93 -12.18 -13.57
N TYR F 227 -18.03 -11.32 -13.06
CA TYR F 227 -16.64 -11.63 -12.97
C TYR F 227 -16.36 -12.06 -11.53
N TYR F 228 -15.69 -13.22 -11.42
CA TYR F 228 -15.33 -13.84 -10.14
C TYR F 228 -13.87 -13.54 -9.87
N PHE F 229 -13.55 -13.06 -8.66
CA PHE F 229 -12.29 -12.35 -8.45
C PHE F 229 -11.08 -13.18 -8.10
N GLY F 230 -11.21 -14.48 -7.83
CA GLY F 230 -10.06 -15.29 -7.43
C GLY F 230 -9.52 -14.97 -6.04
N GLU F 231 -8.45 -14.17 -6.00
CA GLU F 231 -7.88 -13.66 -4.76
C GLU F 231 -7.67 -14.70 -3.68
N GLY F 232 -7.07 -15.83 -4.05
CA GLY F 232 -6.68 -16.82 -3.07
C GLY F 232 -5.81 -16.15 -1.99
N GLN F 233 -5.99 -16.56 -0.75
CA GLN F 233 -5.44 -15.81 0.37
C GLN F 233 -5.17 -16.72 1.55
N VAL F 234 -3.96 -16.60 2.09
CA VAL F 234 -3.57 -17.30 3.29
C VAL F 234 -3.23 -16.25 4.33
N CYS F 235 -3.92 -16.31 5.48
CA CYS F 235 -3.63 -15.42 6.60
C CYS F 235 -3.10 -16.18 7.79
N ASN F 236 -2.08 -15.58 8.39
CA ASN F 236 -1.49 -16.05 9.64
C ASN F 236 -2.55 -15.96 10.75
N PHE F 237 -2.35 -16.67 11.85
CA PHE F 237 -3.25 -16.65 13.00
C PHE F 237 -3.34 -15.29 13.71
N ASP F 238 -2.43 -14.36 13.42
CA ASP F 238 -2.54 -12.98 13.94
C ASP F 238 -3.21 -12.01 12.93
N GLY F 239 -3.74 -12.56 11.85
CA GLY F 239 -4.39 -11.76 10.81
C GLY F 239 -3.54 -11.27 9.68
N THR F 240 -2.22 -11.50 9.72
CA THR F 240 -1.32 -10.99 8.68
C THR F 240 -1.46 -11.83 7.40
N THR F 241 -1.66 -11.19 6.25
CA THR F 241 -1.69 -11.91 5.00
C THR F 241 -0.29 -12.38 4.65
N LEU F 242 -0.16 -13.67 4.39
CA LEU F 242 1.11 -14.29 4.03
C LEU F 242 1.28 -14.43 2.53
N VAL F 243 0.20 -14.69 1.80
CA VAL F 243 0.28 -14.83 0.33
CA VAL F 243 0.24 -14.86 0.35
C VAL F 243 -1.12 -14.42 -0.18
N GLN F 244 -1.12 -13.76 -1.32
CA GLN F 244 -2.33 -13.17 -1.92
C GLN F 244 -2.30 -13.32 -3.44
N GLY F 245 -3.27 -14.01 -3.98
CA GLY F 245 -3.44 -14.12 -5.43
C GLY F 245 -4.13 -12.88 -5.99
N HIS F 246 -4.00 -12.71 -7.30
CA HIS F 246 -4.69 -11.65 -8.05
C HIS F 246 -6.00 -12.21 -8.64
N ARG F 247 -6.51 -11.69 -9.76
CA ARG F 247 -7.84 -12.07 -10.25
C ARG F 247 -7.84 -12.97 -11.49
N ASN F 248 -6.74 -13.64 -11.73
CA ASN F 248 -6.63 -14.46 -12.94
C ASN F 248 -7.14 -15.87 -12.77
N PRO F 249 -7.85 -16.39 -13.78
CA PRO F 249 -8.16 -17.81 -13.82
C PRO F 249 -6.87 -18.65 -13.80
N TRP F 250 -6.91 -19.70 -12.99
CA TRP F 250 -5.84 -20.69 -12.82
C TRP F 250 -4.68 -20.28 -11.94
N GLU F 251 -4.70 -19.10 -11.33
CA GLU F 251 -3.64 -18.78 -10.37
C GLU F 251 -3.69 -19.78 -9.24
N ILE F 252 -2.52 -20.28 -8.84
CA ILE F 252 -2.38 -21.20 -7.74
C ILE F 252 -1.71 -20.45 -6.60
N VAL F 253 -2.31 -20.47 -5.44
CA VAL F 253 -1.77 -19.80 -4.28
C VAL F 253 -1.34 -20.86 -3.28
N THR F 254 -0.05 -20.92 -2.97
CA THR F 254 0.49 -21.91 -2.05
C THR F 254 1.10 -21.27 -0.82
N ALA F 255 1.16 -22.04 0.25
CA ALA F 255 1.79 -21.58 1.49
C ALA F 255 2.05 -22.76 2.41
N GLU F 256 3.05 -22.60 3.27
CA GLU F 256 3.27 -23.46 4.42
C GLU F 256 2.42 -22.90 5.57
N VAL F 257 1.73 -23.79 6.29
CA VAL F 257 0.91 -23.43 7.44
C VAL F 257 1.43 -24.26 8.64
N TYR F 258 1.52 -23.67 9.83
CA TYR F 258 2.04 -24.33 11.02
C TYR F 258 0.99 -24.34 12.12
N PRO F 259 0.03 -25.28 12.05
CA PRO F 259 -1.09 -25.26 13.02
C PRO F 259 -0.72 -25.20 14.48
N GLU F 260 0.38 -25.84 14.80
N GLU F 260 0.35 -25.90 14.84
CA GLU F 260 0.90 -25.88 16.15
CA GLU F 260 0.87 -25.88 16.21
C GLU F 260 1.10 -24.47 16.74
C GLU F 260 1.12 -24.47 16.78
N LEU F 261 1.52 -23.53 15.92
CA LEU F 261 1.73 -22.15 16.35
C LEU F 261 0.43 -21.45 16.79
N ALA F 262 -0.65 -21.74 16.11
CA ALA F 262 -1.95 -21.23 16.49
C ALA F 262 -2.43 -21.90 17.79
N ASP F 263 -2.29 -23.20 17.90
CA ASP F 263 -2.61 -23.88 19.17
C ASP F 263 -1.81 -23.29 20.33
N GLN F 264 -0.51 -23.06 20.10
CA GLN F 264 0.38 -22.54 21.14
C GLN F 264 0.00 -21.14 21.58
N ALA F 265 -0.41 -20.30 20.65
CA ALA F 265 -0.89 -18.97 20.99
C ALA F 265 -2.18 -19.05 21.80
N ARG F 266 -3.08 -19.94 21.39
CA ARG F 266 -4.30 -20.17 22.18
C ARG F 266 -4.00 -20.67 23.61
N LEU F 267 -3.00 -21.54 23.78
CA LEU F 267 -2.66 -21.96 25.12
C LEU F 267 -1.87 -20.89 25.90
N GLY F 268 -1.08 -20.08 25.19
CA GLY F 268 -0.03 -19.25 25.81
C GLY F 268 -0.34 -17.77 25.95
N TRP F 269 -1.07 -17.20 25.00
CA TRP F 269 -1.30 -15.75 25.01
C TRP F 269 -2.06 -15.28 26.25
N GLY F 270 -1.65 -14.11 26.76
CA GLY F 270 -2.35 -13.41 27.84
C GLY F 270 -3.20 -12.35 27.19
N LEU F 271 -2.62 -11.18 26.99
CA LEU F 271 -3.27 -10.07 26.28
C LEU F 271 -3.67 -10.55 24.90
N GLU F 272 -4.95 -10.37 24.55
CA GLU F 272 -5.50 -10.72 23.23
C GLU F 272 -5.79 -12.20 23.01
N ASN F 273 -5.94 -12.96 24.09
CA ASN F 273 -6.42 -14.31 23.98
C ASN F 273 -7.95 -14.28 23.91
N ASN F 274 -8.44 -13.82 22.77
CA ASN F 274 -9.82 -13.36 22.67
C ASN F 274 -10.81 -14.50 22.58
N ILE F 275 -10.42 -15.58 21.93
CA ILE F 275 -11.22 -16.80 21.84
C ILE F 275 -11.56 -17.36 23.23
N TYR F 276 -10.64 -17.23 24.17
CA TYR F 276 -10.91 -17.57 25.56
C TYR F 276 -11.65 -16.44 26.29
N ASN F 277 -11.18 -15.20 26.10
CA ASN F 277 -11.75 -14.06 26.85
C ASN F 277 -13.26 -13.83 26.61
N LEU F 278 -13.76 -14.22 25.44
CA LEU F 278 -15.14 -13.93 25.05
C LEU F 278 -16.12 -14.34 26.13
N GLY F 279 -15.94 -15.55 26.68
CA GLY F 279 -16.89 -16.11 27.61
C GLY F 279 -16.47 -16.15 29.06
N SER F 280 -15.33 -15.52 29.37
CA SER F 280 -14.77 -15.48 30.74
C SER F 280 -14.16 -14.08 30.92
N ARG F 281 -15.00 -13.13 31.27
CA ARG F 281 -14.62 -11.71 31.21
C ARG F 281 -14.07 -11.21 32.53
N GLY F 282 -13.09 -10.31 32.45
CA GLY F 282 -12.57 -9.64 33.62
C GLY F 282 -12.08 -10.58 34.70
N TYR F 283 -11.28 -11.58 34.32
CA TYR F 283 -10.79 -12.59 35.27
C TYR F 283 -9.83 -12.10 36.35
N VAL F 284 -9.25 -10.91 36.21
CA VAL F 284 -8.42 -10.37 37.30
C VAL F 284 -9.33 -9.90 38.45
N ALA F 285 -10.41 -9.18 38.13
CA ALA F 285 -11.38 -8.72 39.15
C ALA F 285 -12.27 -9.86 39.69
N THR F 286 -12.61 -10.81 38.83
CA THR F 286 -13.49 -11.94 39.19
C THR F 286 -12.76 -13.24 38.84
N PRO F 287 -12.17 -13.92 39.83
CA PRO F 287 -11.50 -15.20 39.58
C PRO F 287 -12.32 -16.17 38.73
N GLY F 288 -11.73 -16.73 37.68
CA GLY F 288 -12.46 -17.58 36.75
C GLY F 288 -13.19 -16.83 35.65
N GLY F 289 -13.37 -15.51 35.80
CA GLY F 289 -14.07 -14.72 34.83
C GLY F 289 -15.59 -14.69 35.00
N VAL F 290 -16.20 -13.58 34.58
CA VAL F 290 -17.64 -13.43 34.57
C VAL F 290 -18.17 -14.23 33.37
N LYS F 291 -19.09 -15.13 33.63
CA LYS F 291 -19.62 -16.03 32.61
C LYS F 291 -20.92 -15.59 31.96
N GLU F 292 -21.68 -14.70 32.61
N GLU F 292 -21.71 -14.77 32.64
CA GLU F 292 -22.98 -14.31 32.09
CA GLU F 292 -23.02 -14.41 32.09
C GLU F 292 -22.86 -13.61 30.76
C GLU F 292 -22.87 -13.63 30.78
N ASN F 293 -23.79 -13.91 29.87
CA ASN F 293 -23.82 -13.31 28.54
C ASN F 293 -24.28 -11.87 28.61
N PRO F 294 -23.50 -10.92 28.07
CA PRO F 294 -23.95 -9.51 28.08
C PRO F 294 -24.59 -9.05 26.77
N TYR F 295 -24.69 -9.96 25.77
CA TYR F 295 -25.13 -9.58 24.41
C TYR F 295 -26.57 -10.04 24.13
N THR F 296 -27.48 -9.10 24.00
CA THR F 296 -28.88 -9.41 23.66
C THR F 296 -28.99 -10.18 22.35
N PHE F 297 -28.13 -9.90 21.36
CA PHE F 297 -28.25 -10.59 20.06
C PHE F 297 -27.95 -12.11 20.20
N VAL F 298 -27.06 -12.42 21.13
CA VAL F 298 -26.64 -13.80 21.38
C VAL F 298 -27.80 -14.56 22.00
N LYS F 299 -28.46 -13.95 22.99
CA LYS F 299 -29.66 -14.55 23.59
C LYS F 299 -30.76 -14.78 22.53
N ASP F 300 -31.06 -13.74 21.76
CA ASP F 300 -32.13 -13.80 20.79
C ASP F 300 -31.81 -14.84 19.72
N LEU F 301 -30.59 -14.84 19.19
CA LEU F 301 -30.19 -15.80 18.16
C LEU F 301 -30.23 -17.22 18.71
N ALA F 302 -29.73 -17.42 19.94
CA ALA F 302 -29.82 -18.75 20.58
C ALA F 302 -31.27 -19.27 20.66
N GLU F 303 -32.19 -18.36 20.93
CA GLU F 303 -33.60 -18.71 21.08
C GLU F 303 -34.36 -18.71 19.76
N GLY F 304 -33.68 -18.51 18.62
CA GLY F 304 -34.32 -18.49 17.31
C GLY F 304 -35.22 -17.30 17.07
N LYS F 305 -34.89 -16.19 17.72
CA LYS F 305 -35.72 -14.98 17.66
C LYS F 305 -34.84 -13.74 17.45
N TYR F 306 -33.72 -13.88 16.75
CA TYR F 306 -32.96 -12.72 16.32
C TYR F 306 -33.82 -11.86 15.38
N LYS F 307 -34.03 -10.60 15.76
CA LYS F 307 -34.86 -9.70 14.99
C LYS F 307 -34.34 -8.29 15.13
N VAL F 308 -33.77 -7.76 14.06
CA VAL F 308 -33.25 -6.39 14.10
C VAL F 308 -34.41 -5.41 14.30
N PRO F 309 -34.16 -4.29 15.00
CA PRO F 309 -35.27 -3.37 15.29
C PRO F 309 -35.89 -2.65 14.09
N TRP F 310 -35.25 -2.68 12.93
CA TRP F 310 -35.77 -2.10 11.69
C TRP F 310 -36.28 -3.18 10.71
N GLU F 311 -36.47 -4.40 11.18
CA GLU F 311 -36.80 -5.50 10.27
C GLU F 311 -38.04 -5.28 9.41
N ASP F 312 -39.06 -4.64 9.97
CA ASP F 312 -40.31 -4.41 9.23
C ASP F 312 -40.14 -3.54 8.00
N GLU F 313 -39.09 -2.71 7.97
CA GLU F 313 -38.83 -1.78 6.88
C GLU F 313 -37.80 -2.30 5.86
N ILE F 314 -37.23 -3.48 6.08
CA ILE F 314 -36.32 -4.10 5.13
C ILE F 314 -37.07 -4.44 3.82
N LYS F 315 -36.51 -4.01 2.69
CA LYS F 315 -37.19 -4.11 1.40
C LYS F 315 -37.02 -5.47 0.72
N VAL F 316 -35.88 -6.12 0.92
CA VAL F 316 -35.57 -7.38 0.22
C VAL F 316 -35.61 -8.54 1.22
N LYS F 317 -36.72 -9.30 1.15
CA LYS F 317 -36.99 -10.40 2.06
C LYS F 317 -37.38 -11.68 1.35
N ASP F 318 -37.29 -11.70 0.02
CA ASP F 318 -37.54 -12.91 -0.76
C ASP F 318 -36.74 -12.79 -2.04
N GLY F 319 -36.87 -13.75 -2.96
CA GLY F 319 -36.09 -13.80 -4.16
C GLY F 319 -36.72 -13.13 -5.36
N SER F 320 -37.79 -12.37 -5.17
CA SER F 320 -38.56 -11.84 -6.30
C SER F 320 -37.73 -10.89 -7.18
N ILE F 321 -36.80 -10.14 -6.59
CA ILE F 321 -35.97 -9.21 -7.36
C ILE F 321 -35.13 -9.93 -8.41
N TYR F 322 -34.82 -11.21 -8.17
CA TYR F 322 -34.14 -12.05 -9.14
C TYR F 322 -35.07 -13.02 -9.92
N GLY F 323 -36.38 -12.81 -9.81
CA GLY F 323 -37.36 -13.64 -10.50
C GLY F 323 -37.73 -14.99 -9.86
N TYR F 324 -37.31 -15.24 -8.61
CA TYR F 324 -37.80 -16.41 -7.89
C TYR F 324 -39.24 -16.18 -7.43
N PRO F 325 -40.14 -17.16 -7.67
CA PRO F 325 -41.49 -17.02 -7.10
C PRO F 325 -41.48 -16.92 -5.58
N VAL F 326 -42.41 -16.14 -5.03
CA VAL F 326 -42.68 -16.05 -3.58
C VAL F 326 -43.98 -16.84 -3.28
C1 PEG G . 37.84 -14.24 7.31
O1 PEG G . 38.79 -14.47 6.28
C2 PEG G . 38.14 -12.94 8.03
O2 PEG G . 37.26 -12.78 9.16
C3 PEG G . 37.86 -13.08 10.43
C4 PEG G . 38.72 -11.96 10.97
O4 PEG G . 38.56 -10.78 10.17
C1 PEG H . 11.78 -36.30 -14.31
O1 PEG H . 10.78 -37.32 -14.39
C2 PEG H . 11.36 -35.06 -15.11
O2 PEG H . 11.21 -33.92 -14.25
C3 PEG H . 9.87 -33.74 -13.85
C4 PEG H . 9.56 -32.53 -12.97
O4 PEG H . 8.15 -32.26 -13.07
C1 EDO I . 6.02 -2.99 -7.18
O1 EDO I . 7.28 -2.82 -6.46
C2 EDO I . 4.94 -1.97 -6.78
O2 EDO I . 4.78 -0.94 -7.76
C ACT J . 27.00 -30.51 9.73
O ACT J . 26.12 -30.79 10.58
OXT ACT J . 26.71 -30.27 8.53
CH3 ACT J . 28.43 -30.41 10.18
NA NA K . 40.14 -14.05 2.26
NA NA L . 44.48 -9.21 1.92
C1 PEG M . 4.93 -0.60 16.66
O1 PEG M . 5.57 0.66 16.42
C2 PEG M . 4.83 -1.46 15.41
O2 PEG M . 3.45 -1.68 14.98
C3 PEG M . 3.34 -2.76 14.01
C4 PEG M . 2.71 -2.47 12.67
O4 PEG M . 3.19 -3.41 11.70
C1 PEG N . 32.02 15.72 10.56
O1 PEG N . 32.55 16.73 11.43
C2 PEG N . 30.78 16.20 9.78
O2 PEG N . 29.74 16.70 10.63
C3 PEG N . 28.42 16.52 10.10
C4 PEG N . 27.54 17.74 10.33
O4 PEG N . 27.43 18.08 11.72
C1 PGE O . 32.92 -13.25 24.19
O1 PGE O . 33.16 -13.39 22.79
C2 PGE O . 32.49 -11.82 24.50
O2 PGE O . 33.34 -10.87 23.86
C3 PGE O . 34.19 -10.09 24.71
C4 PGE O . 35.51 -9.85 23.99
O4 PGE O . 38.67 -6.21 24.30
C6 PGE O . 38.21 -7.41 24.93
C5 PGE O . 36.96 -7.94 24.22
O3 PGE O . 36.42 -9.11 24.84
O1 PG4 P . 34.79 -17.33 -18.06
C1 PG4 P . 35.00 -18.56 -17.35
C2 PG4 P . 34.33 -18.49 -15.99
O2 PG4 P . 34.83 -17.36 -15.29
C3 PG4 P . 34.03 -16.94 -14.19
C4 PG4 P . 34.85 -16.06 -13.26
O3 PG4 P . 35.41 -16.87 -12.24
C5 PG4 P . 36.12 -16.13 -11.25
C6 PG4 P . 36.88 -17.10 -10.35
O4 PG4 P . 37.81 -17.81 -11.15
C7 PG4 P . 38.41 -18.92 -10.48
C8 PG4 P . 39.63 -19.40 -11.29
O5 PG4 P . 40.50 -18.30 -11.62
P PO4 Q . 4.35 8.86 11.91
O1 PO4 Q . 5.84 8.67 12.05
O2 PO4 Q . 3.62 8.31 13.11
O3 PO4 Q . 3.90 8.00 10.72
O4 PO4 Q . 3.91 10.26 11.62
C ACT R . 35.29 -4.97 32.69
O ACT R . 34.41 -5.85 32.80
OXT ACT R . 35.11 -3.78 33.05
CH3 ACT R . 36.62 -5.37 32.12
NA NA S . -0.62 -8.92 18.28
NA NA T . 4.63 -3.78 18.30
NA NA U . 38.16 -1.82 24.34
NA NA V . 35.31 16.29 24.27
C1 PGE W . -8.98 29.46 15.36
O1 PGE W . -9.10 29.54 16.79
C2 PGE W . -10.14 30.17 14.68
O2 PGE W . -9.75 31.47 14.21
C3 PGE W . -10.54 31.91 13.11
C4 PGE W . -10.27 33.37 12.76
O4 PGE W . -11.96 36.55 14.95
C6 PGE W . -11.47 36.32 13.63
C5 PGE W . -10.14 35.58 13.71
O3 PGE W . -10.38 34.19 13.93
C1 PGE X . -15.96 31.58 -28.41
O1 PGE X . -17.00 32.21 -27.64
C2 PGE X . -15.14 30.62 -27.54
O2 PGE X . -16.03 29.79 -26.78
C3 PGE X . -15.48 29.24 -25.60
C4 PGE X . -16.41 28.14 -25.11
O4 PGE X . -18.37 25.13 -28.02
C6 PGE X . -17.36 25.07 -27.00
C5 PGE X . -17.51 26.18 -25.97
O3 PGE X . -16.35 27.02 -26.00
C1 EDO Y . 0.74 21.21 24.24
O1 EDO Y . 0.33 20.65 25.49
C2 EDO Y . -0.40 22.03 23.64
O2 EDO Y . 0.11 22.84 22.57
C ACT Z . 14.62 46.74 4.12
O ACT Z . 14.61 46.53 2.88
OXT ACT Z . 15.43 46.17 4.88
CH3 ACT Z . 13.61 47.69 4.72
NA NA AA . 19.02 7.32 -0.69
NA NA BA . -3.29 18.72 -10.42
C1 PEG CA . -2.45 -12.48 -29.91
O1 PEG CA . -2.38 -13.74 -29.23
C2 PEG CA . -3.87 -11.92 -29.89
O2 PEG CA . -4.01 -10.72 -30.69
C3 PEG CA . -3.59 -10.82 -32.06
C4 PEG CA . -4.39 -9.87 -32.95
O4 PEG CA . -3.55 -9.14 -33.84
C1 PEG DA . -1.34 39.20 -13.13
O1 PEG DA . -0.15 39.91 -12.80
C2 PEG DA . -1.03 38.10 -14.14
O2 PEG DA . -2.20 37.86 -14.95
C3 PEG DA . -2.27 38.67 -16.13
C4 PEG DA . -3.50 38.30 -16.93
O4 PEG DA . -3.14 37.28 -17.86
C1 PEG EA . -12.70 -2.98 -4.97
O1 PEG EA . -11.57 -2.12 -5.00
C2 PEG EA . -12.63 -3.91 -6.17
O2 PEG EA . -13.85 -3.95 -6.86
C3 PEG EA . -14.02 -5.03 -7.75
C4 PEG EA . -13.83 -4.49 -9.14
O4 PEG EA . -13.42 -5.49 -10.11
C1 PGE FA . 0.08 0.31 -34.64
O1 PGE FA . 0.47 -0.71 -35.57
C2 PGE FA . 0.63 1.67 -35.05
O2 PGE FA . -0.20 2.30 -36.04
C3 PGE FA . 0.25 3.63 -36.36
C4 PGE FA . -0.71 4.35 -37.32
O4 PGE FA . -0.33 3.99 -41.74
C6 PGE FA . -0.37 4.84 -40.59
C5 PGE FA . -1.44 4.36 -39.61
O3 PGE FA . -0.84 3.61 -38.54
C1 PEG GA . 1.27 -4.56 36.03
O1 PEG GA . 1.77 -3.30 35.58
C2 PEG GA . 0.28 -4.43 37.19
O2 PEG GA . 0.92 -3.91 38.36
C3 PEG GA . 0.10 -3.94 39.54
C4 PEG GA . 0.62 -5.00 40.51
O4 PEG GA . 1.66 -4.43 41.33
C1 PEG HA . -21.71 15.60 42.48
C1 PEG HA . -22.33 15.06 40.77
O1 PEG HA . -20.93 14.60 43.14
O1 PEG HA . -21.62 14.85 42.00
C2 PEG HA . -22.27 15.09 41.15
C2 PEG HA . -23.38 13.96 40.52
O2 PEG HA . -22.91 13.83 41.31
O2 PEG HA . -24.49 14.42 39.74
C3 PEG HA . -24.31 13.90 41.00
C3 PEG HA . -24.14 15.10 38.52
C4 PEG HA . -24.52 14.30 39.55
C4 PEG HA . -25.25 15.11 37.49
O4 PEG HA . -23.31 14.90 39.03
O4 PEG HA . -25.89 13.82 37.41
C1 PGE IA . -30.42 -26.04 19.74
O1 PGE IA . -30.50 -27.13 20.68
C2 PGE IA . -29.28 -26.26 18.74
O2 PGE IA . -28.21 -25.36 19.02
C3 PGE IA . -26.89 -25.84 18.75
C4 PGE IA . -26.54 -25.65 17.28
O4 PGE IA . -27.39 -28.73 14.15
C6 PGE IA . -26.36 -28.56 15.13
C5 PGE IA . -26.10 -27.08 15.36
O3 PGE IA . -25.98 -26.85 16.77
C1 EDO JA . -6.93 0.91 6.60
O1 EDO JA . -6.84 -0.40 7.14
C2 EDO JA . -6.71 1.93 7.71
O2 EDO JA . -5.74 2.88 7.31
NA NA KA . -20.48 -11.54 16.27
NA NA LA . -28.28 11.67 8.92
NA NA MA . -24.24 -8.48 32.21
C1 PEG NA . -27.53 -6.37 30.04
O1 PEG NA . -27.77 -6.20 31.43
C2 PEG NA . -27.27 -7.83 29.74
O2 PEG NA . -27.91 -8.21 28.52
C3 PEG NA . -27.92 -9.62 28.28
C4 PEG NA . -29.30 -10.07 27.84
O4 PEG NA . -29.67 -11.24 28.56
C1 PEG OA . -0.24 -16.11 -5.28
O1 PEG OA . -0.69 -16.45 -6.61
C2 PEG OA . 1.23 -15.73 -5.15
O2 PEG OA . 1.51 -14.36 -4.94
C3 PEG OA . 1.08 -13.87 -3.69
C4 PEG OA . 2.10 -13.57 -2.62
O4 PEG OA . 1.49 -12.50 -1.86
C1 PEG PA . -20.81 -17.65 -21.91
O1 PEG PA . -21.87 -17.37 -20.98
C2 PEG PA . -19.46 -17.34 -21.29
O2 PEG PA . -18.91 -16.13 -21.80
C3 PEG PA . -17.55 -15.90 -21.42
C4 PEG PA . -16.85 -15.04 -22.47
O4 PEG PA . -17.79 -14.22 -23.17
C1 PGE QA . -34.86 -17.88 -12.41
O1 PGE QA . -36.05 -17.07 -12.40
C2 PGE QA . -33.93 -17.48 -11.28
O2 PGE QA . -32.77 -16.79 -11.78
C3 PGE QA . -31.98 -16.16 -10.75
C4 PGE QA . -31.32 -14.87 -11.24
O4 PGE QA . -29.23 -14.40 -14.87
C6 PGE QA . -28.53 -14.16 -13.62
C5 PGE QA . -29.49 -13.95 -12.46
O3 PGE QA . -30.30 -15.10 -12.22
P PO4 RA . -4.42 -8.91 -12.05
O1 PO4 RA . -3.96 -8.07 -10.86
O2 PO4 RA . -5.67 -9.59 -11.60
O3 PO4 RA . -3.28 -9.85 -12.38
O4 PO4 RA . -4.64 -7.93 -13.17
C ACT SA . -39.84 -2.24 13.21
O ACT SA . -39.76 -1.13 12.65
OXT ACT SA . -39.29 -3.27 12.76
CH3 ACT SA . -40.63 -2.34 14.50
NA NA TA . -38.42 -5.33 14.56
NA NA UA . 0.89 -36.56 -9.77
NA NA VA . 1.87 -18.93 -4.27
NA NA WA . -13.31 -10.64 27.81
#